data_8PFV
# 
_entry.id   8PFV 
# 
_audit_conform.dict_name       mmcif_pdbx.dic 
_audit_conform.dict_version    5.398 
_audit_conform.dict_location   http://mmcif.pdb.org/dictionaries/ascii/mmcif_pdbx.dic 
# 
loop_
_database_2.database_id 
_database_2.database_code 
_database_2.pdbx_database_accession 
_database_2.pdbx_DOI 
PDB   8PFV         pdb_00008pfv 10.2210/pdb8pfv/pdb 
WWPDB D_1292131270 ?            ?                   
# 
loop_
_pdbx_audit_revision_history.ordinal 
_pdbx_audit_revision_history.data_content_type 
_pdbx_audit_revision_history.major_revision 
_pdbx_audit_revision_history.minor_revision 
_pdbx_audit_revision_history.revision_date 
1 'Structure model' 1 0 2023-07-19 
2 'Structure model' 2 0 2023-10-18 
3 'Structure model' 2 1 2024-11-13 
# 
loop_
_pdbx_audit_revision_details.ordinal 
_pdbx_audit_revision_details.revision_ordinal 
_pdbx_audit_revision_details.data_content_type 
_pdbx_audit_revision_details.provider 
_pdbx_audit_revision_details.type 
_pdbx_audit_revision_details.description 
_pdbx_audit_revision_details.details 
1 1 'Structure model' repository 'Initial release'        ?                 ? 
2 2 'Structure model' author     'Coordinate replacement' 'Ligand identity' ? 
# 
loop_
_pdbx_audit_revision_group.ordinal 
_pdbx_audit_revision_group.revision_ordinal 
_pdbx_audit_revision_group.data_content_type 
_pdbx_audit_revision_group.group 
1 2 'Structure model' 'Atomic model'           
2 2 'Structure model' 'Data collection'        
3 2 'Structure model' 'Derived calculations'   
4 2 'Structure model' 'Refinement description' 
5 2 'Structure model' 'Structure summary'      
6 3 'Structure model' 'Database references'    
7 3 'Structure model' 'Structure summary'      
# 
loop_
_pdbx_audit_revision_category.ordinal 
_pdbx_audit_revision_category.revision_ordinal 
_pdbx_audit_revision_category.data_content_type 
_pdbx_audit_revision_category.category 
1  2 'Structure model' atom_site                    
2  2 'Structure model' chem_comp_atom               
3  2 'Structure model' chem_comp_bond               
4  2 'Structure model' entity                       
5  2 'Structure model' pdbx_nonpoly_scheme          
6  2 'Structure model' pdbx_struct_assembly         
7  2 'Structure model' pdbx_struct_assembly_gen     
8  2 'Structure model' pdbx_struct_conn_angle       
9  2 'Structure model' pdbx_struct_special_symmetry 
10 2 'Structure model' refine                       
11 2 'Structure model' refine_hist                  
12 2 'Structure model' refine_ls_shell              
13 2 'Structure model' reflns                       
14 2 'Structure model' struct_asym                  
15 2 'Structure model' struct_conn                  
16 3 'Structure model' citation                     
17 3 'Structure model' pdbx_entry_details           
18 3 'Structure model' pdbx_modification_feature    
# 
loop_
_pdbx_audit_revision_item.ordinal 
_pdbx_audit_revision_item.revision_ordinal 
_pdbx_audit_revision_item.data_content_type 
_pdbx_audit_revision_item.item 
1  2 'Structure model' '_entity.pdbx_number_of_molecules'                
2  2 'Structure model' '_pdbx_struct_assembly.details'                   
3  2 'Structure model' '_pdbx_struct_assembly_gen.asym_id_list'          
4  2 'Structure model' '_pdbx_struct_conn_angle.ptnr1_auth_seq_id'       
5  2 'Structure model' '_pdbx_struct_conn_angle.ptnr1_label_asym_id'     
6  2 'Structure model' '_pdbx_struct_conn_angle.ptnr2_auth_seq_id'       
7  2 'Structure model' '_pdbx_struct_conn_angle.ptnr2_label_asym_id'     
8  2 'Structure model' '_pdbx_struct_conn_angle.ptnr3_auth_seq_id'       
9  2 'Structure model' '_pdbx_struct_conn_angle.ptnr3_label_asym_id'     
10 2 'Structure model' '_pdbx_struct_special_symmetry.label_asym_id'     
11 2 'Structure model' '_refine.ls_d_res_low'                            
12 2 'Structure model' '_refine.ls_wR_factor_R_free'                     
13 2 'Structure model' '_refine.ls_wR_factor_R_work'                     
14 2 'Structure model' '_refine.pdbx_average_fsc_free'                   
15 2 'Structure model' '_refine.pdbx_average_fsc_work'                   
16 2 'Structure model' '_refine_hist.d_res_low'                          
17 2 'Structure model' '_refine_hist.number_atoms_total'                 
18 2 'Structure model' '_refine_hist.pdbx_number_atoms_ligand'           
19 2 'Structure model' '_refine_ls_shell.R_factor_all'                   
20 2 'Structure model' '_refine_ls_shell.d_res_low'                      
21 2 'Structure model' '_refine_ls_shell.number_reflns_all'              
22 2 'Structure model' '_refine_ls_shell.pdbx_fsc_free'                  
23 2 'Structure model' '_refine_ls_shell.pdbx_fsc_work'                  
24 2 'Structure model' '_refine_ls_shell.pdbx_total_number_of_bins_used' 
25 2 'Structure model' '_refine_ls_shell.wR_factor_R_work'               
26 2 'Structure model' '_reflns.d_resolution_low'                        
27 2 'Structure model' '_struct_conn.ptnr1_auth_seq_id'                  
28 2 'Structure model' '_struct_conn.ptnr1_label_asym_id'                
29 2 'Structure model' '_struct_conn.ptnr2_auth_seq_id'                  
30 2 'Structure model' '_struct_conn.ptnr2_label_asym_id'                
31 3 'Structure model' '_citation.country'                               
32 3 'Structure model' '_citation.journal_id_ISSN'                       
33 3 'Structure model' '_pdbx_entry_details.has_protein_modification'    
# 
_pdbx_database_status.status_code                     REL 
_pdbx_database_status.status_code_sf                  REL 
_pdbx_database_status.status_code_mr                  ? 
_pdbx_database_status.entry_id                        8PFV 
_pdbx_database_status.recvd_initial_deposition_date   2023-06-16 
_pdbx_database_status.SG_entry                        N 
_pdbx_database_status.deposit_site                    PDBE 
_pdbx_database_status.process_site                    PDBE 
_pdbx_database_status.status_code_cs                  ? 
_pdbx_database_status.status_code_nmr_data            ? 
_pdbx_database_status.methods_development_category    ? 
_pdbx_database_status.pdb_format_compatible           N 
# 
_pdbx_contact_author.id                 4 
_pdbx_contact_author.email              aaronter@ucm.es 
_pdbx_contact_author.name_first         Aaron 
_pdbx_contact_author.name_last          Teran 
_pdbx_contact_author.name_mi            ? 
_pdbx_contact_author.role               'principal investigator/group leader' 
_pdbx_contact_author.identifier_ORCID   0000-0001-6126-6230 
# 
loop_
_audit_author.name 
_audit_author.pdbx_ordinal 
_audit_author.identifier_ORCID 
'Teran, A.'   1 ? 
'Ferraro, G.' 2 ? 
'Merlino, A.' 3 ? 
# 
_citation.abstract                  ? 
_citation.abstract_id_CAS           ? 
_citation.book_id_ISBN              ? 
_citation.book_publisher            ? 
_citation.book_publisher_city       ? 
_citation.book_title                ? 
_citation.coordinate_linkage        ? 
_citation.country                   UK 
_citation.database_id_Medline       ? 
_citation.details                   ? 
_citation.id                        primary 
_citation.journal_abbrev            'Inorg Chem Front' 
_citation.journal_id_ASTM           ? 
_citation.journal_id_CSD            ? 
_citation.journal_id_ISSN           2052-1553 
_citation.journal_full              ? 
_citation.journal_issue             ? 
_citation.journal_volume            ? 
_citation.language                  ? 
_citation.page_first                ? 
_citation.page_last                 ? 
_citation.title                     'Charge effect in protein metalation reactions by diruthenium complexes' 
_citation.year                      2023 
_citation.database_id_CSD           ? 
_citation.pdbx_database_id_DOI      10.1039/D3QI01192E 
_citation.pdbx_database_id_PubMed   ? 
_citation.pdbx_database_id_patent   ? 
_citation.unpublished_flag          ? 
# 
loop_
_citation_author.citation_id 
_citation_author.name 
_citation_author.ordinal 
_citation_author.identifier_ORCID 
primary 'Herrero Dominguez, S.' 1 ? 
primary 'Teran, A.'             2 ? 
primary 'Ferraro, G.'           3 ? 
primary 'Sanchez-Pelaez, A.E.'  4 ? 
primary 'Merlino, A.'           5 ? 
# 
loop_
_entity.id 
_entity.type 
_entity.src_method 
_entity.pdbx_description 
_entity.formula_weight 
_entity.pdbx_number_of_molecules 
_entity.pdbx_ec 
_entity.pdbx_mutation 
_entity.pdbx_fragment 
_entity.details 
1 polymer     nat 'Lysozyme C' 14331.160 1  3.2.1.17 ? ? ? 
2 non-polymer syn 'CHLORIDE ION' 35.453    1  ?        ? ? ? 
3 non-polymer syn 'SODIUM ION' 22.990    1  ?        ? ? ? 
4 non-polymer syn 'NITRATE ION' 62.005    5  ?        ? ? ? 
5 non-polymer syn 
'9,11-bis(4-methoxyphenyl)-3,7-dimethyl-2,4,6,8-tetraoxa-9,11-diaza-1$l^{4},5$l^{4}-diruthenatricyclo[3.3.3.0^{1,5}]undecane' 
578.544   1  ?        ? ? ? 
6 water       nat water 18.015    78 ?        ? ? ? 
# 
_entity_name_com.entity_id   1 
_entity_name_com.name        '1,4-beta-N-acetylmuramidase C,Allergen Gal d IV' 
# 
_entity_poly.entity_id                      1 
_entity_poly.type                           'polypeptide(L)' 
_entity_poly.nstd_linkage                   no 
_entity_poly.nstd_monomer                   no 
_entity_poly.pdbx_seq_one_letter_code       
;KVFGRCELAAAMKRHGLDNYRGYSLGNWVCAAKFESNFNTQATNRNTDGSTDYGILQINSRWWCNDGRTPGSRNLCNIPC
SALLSSDITASVNCAKKIVSDGNGMNAWVAWRNRCKGTDVQAWIRGCRL
;
_entity_poly.pdbx_seq_one_letter_code_can   
;KVFGRCELAAAMKRHGLDNYRGYSLGNWVCAAKFESNFNTQATNRNTDGSTDYGILQINSRWWCNDGRTPGSRNLCNIPC
SALLSSDITASVNCAKKIVSDGNGMNAWVAWRNRCKGTDVQAWIRGCRL
;
_entity_poly.pdbx_strand_id                 AAA 
_entity_poly.pdbx_target_identifier         ? 
# 
loop_
_pdbx_entity_nonpoly.entity_id 
_pdbx_entity_nonpoly.name 
_pdbx_entity_nonpoly.comp_id 
2 'CHLORIDE ION'                                                                                                                CL 
3 'SODIUM ION'                                                                                                                  NA 
4 'NITRATE ION'                                                                                                                 
NO3 
5 '9,11-bis(4-methoxyphenyl)-3,7-dimethyl-2,4,6,8-tetraoxa-9,11-diaza-1$l^{4},5$l^{4}-diruthenatricyclo[3.3.3.0^{1,5}]undecane' 
YMQ 
6 water                                                                                                                         
HOH 
# 
loop_
_entity_poly_seq.entity_id 
_entity_poly_seq.num 
_entity_poly_seq.mon_id 
_entity_poly_seq.hetero 
1 1   LYS n 
1 2   VAL n 
1 3   PHE n 
1 4   GLY n 
1 5   ARG n 
1 6   CYS n 
1 7   GLU n 
1 8   LEU n 
1 9   ALA n 
1 10  ALA n 
1 11  ALA n 
1 12  MET n 
1 13  LYS n 
1 14  ARG n 
1 15  HIS n 
1 16  GLY n 
1 17  LEU n 
1 18  ASP n 
1 19  ASN n 
1 20  TYR n 
1 21  ARG n 
1 22  GLY n 
1 23  TYR n 
1 24  SER n 
1 25  LEU n 
1 26  GLY n 
1 27  ASN n 
1 28  TRP n 
1 29  VAL n 
1 30  CYS n 
1 31  ALA n 
1 32  ALA n 
1 33  LYS n 
1 34  PHE n 
1 35  GLU n 
1 36  SER n 
1 37  ASN n 
1 38  PHE n 
1 39  ASN n 
1 40  THR n 
1 41  GLN n 
1 42  ALA n 
1 43  THR n 
1 44  ASN n 
1 45  ARG n 
1 46  ASN n 
1 47  THR n 
1 48  ASP n 
1 49  GLY n 
1 50  SER n 
1 51  THR n 
1 52  ASP n 
1 53  TYR n 
1 54  GLY n 
1 55  ILE n 
1 56  LEU n 
1 57  GLN n 
1 58  ILE n 
1 59  ASN n 
1 60  SER n 
1 61  ARG n 
1 62  TRP n 
1 63  TRP n 
1 64  CYS n 
1 65  ASN n 
1 66  ASP n 
1 67  GLY n 
1 68  ARG n 
1 69  THR n 
1 70  PRO n 
1 71  GLY n 
1 72  SER n 
1 73  ARG n 
1 74  ASN n 
1 75  LEU n 
1 76  CYS n 
1 77  ASN n 
1 78  ILE n 
1 79  PRO n 
1 80  CYS n 
1 81  SER n 
1 82  ALA n 
1 83  LEU n 
1 84  LEU n 
1 85  SER n 
1 86  SER n 
1 87  ASP n 
1 88  ILE n 
1 89  THR n 
1 90  ALA n 
1 91  SER n 
1 92  VAL n 
1 93  ASN n 
1 94  CYS n 
1 95  ALA n 
1 96  LYS n 
1 97  LYS n 
1 98  ILE n 
1 99  VAL n 
1 100 SER n 
1 101 ASP n 
1 102 GLY n 
1 103 ASN n 
1 104 GLY n 
1 105 MET n 
1 106 ASN n 
1 107 ALA n 
1 108 TRP n 
1 109 VAL n 
1 110 ALA n 
1 111 TRP n 
1 112 ARG n 
1 113 ASN n 
1 114 ARG n 
1 115 CYS n 
1 116 LYS n 
1 117 GLY n 
1 118 THR n 
1 119 ASP n 
1 120 VAL n 
1 121 GLN n 
1 122 ALA n 
1 123 TRP n 
1 124 ILE n 
1 125 ARG n 
1 126 GLY n 
1 127 CYS n 
1 128 ARG n 
1 129 LEU n 
# 
_entity_src_nat.entity_id                  1 
_entity_src_nat.pdbx_src_id                1 
_entity_src_nat.pdbx_alt_source_flag       sample 
_entity_src_nat.pdbx_beg_seq_num           1 
_entity_src_nat.pdbx_end_seq_num           129 
_entity_src_nat.common_name                chicken 
_entity_src_nat.pdbx_organism_scientific   'Gallus gallus' 
_entity_src_nat.pdbx_ncbi_taxonomy_id      9031 
_entity_src_nat.genus                      ? 
_entity_src_nat.species                    ? 
_entity_src_nat.strain                     ? 
_entity_src_nat.tissue                     ? 
_entity_src_nat.tissue_fraction            ? 
_entity_src_nat.pdbx_secretion             ? 
_entity_src_nat.pdbx_fragment              ? 
_entity_src_nat.pdbx_variant               ? 
_entity_src_nat.pdbx_cell_line             ? 
_entity_src_nat.pdbx_atcc                  ? 
_entity_src_nat.pdbx_cellular_location     ? 
_entity_src_nat.pdbx_organ                 ? 
_entity_src_nat.pdbx_organelle             ? 
_entity_src_nat.pdbx_cell                  ? 
_entity_src_nat.pdbx_plasmid_name          ? 
_entity_src_nat.pdbx_plasmid_details       ? 
_entity_src_nat.details                    ? 
# 
loop_
_chem_comp.id 
_chem_comp.type 
_chem_comp.mon_nstd_flag 
_chem_comp.name 
_chem_comp.pdbx_synonyms 
_chem_comp.formula 
_chem_comp.formula_weight 
ALA 'L-peptide linking' y ALANINE ? 'C3 H7 N O2'        89.093  
ARG 'L-peptide linking' y ARGININE ? 'C6 H15 N4 O2 1'    175.209 
ASN 'L-peptide linking' y ASPARAGINE ? 'C4 H8 N2 O3'       132.118 
ASP 'L-peptide linking' y 'ASPARTIC ACID' ? 'C4 H7 N O4'        133.103 
CL  non-polymer         . 'CHLORIDE ION' ? 'Cl -1'             35.453  
CYS 'L-peptide linking' y CYSTEINE ? 'C3 H7 N O2 S'      121.158 
GLN 'L-peptide linking' y GLUTAMINE ? 'C5 H10 N2 O3'      146.144 
GLU 'L-peptide linking' y 'GLUTAMIC ACID' ? 'C5 H9 N O4'        147.129 
GLY 'peptide linking'   y GLYCINE ? 'C2 H5 N O2'        75.067  
HIS 'L-peptide linking' y HISTIDINE ? 'C6 H10 N3 O2 1'    156.162 
HOH non-polymer         . WATER ? 'H2 O'              18.015  
ILE 'L-peptide linking' y ISOLEUCINE ? 'C6 H13 N O2'       131.173 
LEU 'L-peptide linking' y LEUCINE ? 'C6 H13 N O2'       131.173 
LYS 'L-peptide linking' y LYSINE ? 'C6 H15 N2 O2 1'    147.195 
MET 'L-peptide linking' y METHIONINE ? 'C5 H11 N O2 S'     149.211 
NA  non-polymer         . 'SODIUM ION' ? 'Na 1'              22.990  
NO3 non-polymer         . 'NITRATE ION' ? 'N O3 -1'           62.005  
PHE 'L-peptide linking' y PHENYLALANINE ? 'C9 H11 N O2'       165.189 
PRO 'L-peptide linking' y PROLINE ? 'C5 H9 N O2'        115.130 
SER 'L-peptide linking' y SERINE ? 'C3 H7 N O3'        105.093 
THR 'L-peptide linking' y THREONINE ? 'C4 H9 N O3'        119.119 
TRP 'L-peptide linking' y TRYPTOPHAN ? 'C11 H12 N2 O2'     204.225 
TYR 'L-peptide linking' y TYROSINE ? 'C9 H11 N O3'       181.189 
VAL 'L-peptide linking' y VALINE ? 'C5 H11 N O2'       117.146 
YMQ non-polymer         . 
'9,11-bis(4-methoxyphenyl)-3,7-dimethyl-2,4,6,8-tetraoxa-9,11-diaza-1$l^{4},5$l^{4}-diruthenatricyclo[3.3.3.0^{1,5}]undecane' ? 
'C19 H24 N2 O6 Ru2' 578.544 
# 
loop_
_pdbx_poly_seq_scheme.asym_id 
_pdbx_poly_seq_scheme.entity_id 
_pdbx_poly_seq_scheme.seq_id 
_pdbx_poly_seq_scheme.mon_id 
_pdbx_poly_seq_scheme.ndb_seq_num 
_pdbx_poly_seq_scheme.pdb_seq_num 
_pdbx_poly_seq_scheme.auth_seq_num 
_pdbx_poly_seq_scheme.pdb_mon_id 
_pdbx_poly_seq_scheme.auth_mon_id 
_pdbx_poly_seq_scheme.pdb_strand_id 
_pdbx_poly_seq_scheme.pdb_ins_code 
_pdbx_poly_seq_scheme.hetero 
A 1 1   LYS 1   1   1   LYS LYS AAA . n 
A 1 2   VAL 2   2   2   VAL VAL AAA . n 
A 1 3   PHE 3   3   3   PHE PHE AAA . n 
A 1 4   GLY 4   4   4   GLY GLY AAA . n 
A 1 5   ARG 5   5   5   ARG ARG AAA . n 
A 1 6   CYS 6   6   6   CYS CYS AAA . n 
A 1 7   GLU 7   7   7   GLU GLU AAA . n 
A 1 8   LEU 8   8   8   LEU LEU AAA . n 
A 1 9   ALA 9   9   9   ALA ALA AAA . n 
A 1 10  ALA 10  10  10  ALA ALA AAA . n 
A 1 11  ALA 11  11  11  ALA ALA AAA . n 
A 1 12  MET 12  12  12  MET MET AAA . n 
A 1 13  LYS 13  13  13  LYS LYS AAA . n 
A 1 14  ARG 14  14  14  ARG ARG AAA . n 
A 1 15  HIS 15  15  15  HIS HIS AAA . n 
A 1 16  GLY 16  16  16  GLY GLY AAA . n 
A 1 17  LEU 17  17  17  LEU LEU AAA . n 
A 1 18  ASP 18  18  18  ASP ASP AAA . n 
A 1 19  ASN 19  19  19  ASN ASN AAA . n 
A 1 20  TYR 20  20  20  TYR TYR AAA . n 
A 1 21  ARG 21  21  21  ARG ARG AAA . n 
A 1 22  GLY 22  22  22  GLY GLY AAA . n 
A 1 23  TYR 23  23  23  TYR TYR AAA . n 
A 1 24  SER 24  24  24  SER SER AAA . n 
A 1 25  LEU 25  25  25  LEU LEU AAA . n 
A 1 26  GLY 26  26  26  GLY GLY AAA . n 
A 1 27  ASN 27  27  27  ASN ASN AAA . n 
A 1 28  TRP 28  28  28  TRP TRP AAA . n 
A 1 29  VAL 29  29  29  VAL VAL AAA . n 
A 1 30  CYS 30  30  30  CYS CYS AAA . n 
A 1 31  ALA 31  31  31  ALA ALA AAA . n 
A 1 32  ALA 32  32  32  ALA ALA AAA . n 
A 1 33  LYS 33  33  33  LYS LYS AAA . n 
A 1 34  PHE 34  34  34  PHE PHE AAA . n 
A 1 35  GLU 35  35  35  GLU GLU AAA . n 
A 1 36  SER 36  36  36  SER SER AAA . n 
A 1 37  ASN 37  37  37  ASN ASN AAA . n 
A 1 38  PHE 38  38  38  PHE PHE AAA . n 
A 1 39  ASN 39  39  39  ASN ASN AAA . n 
A 1 40  THR 40  40  40  THR THR AAA . n 
A 1 41  GLN 41  41  41  GLN GLN AAA . n 
A 1 42  ALA 42  42  42  ALA ALA AAA . n 
A 1 43  THR 43  43  43  THR THR AAA . n 
A 1 44  ASN 44  44  44  ASN ASN AAA . n 
A 1 45  ARG 45  45  45  ARG ARG AAA . n 
A 1 46  ASN 46  46  46  ASN ASN AAA . n 
A 1 47  THR 47  47  47  THR THR AAA . n 
A 1 48  ASP 48  48  48  ASP ASP AAA . n 
A 1 49  GLY 49  49  49  GLY GLY AAA . n 
A 1 50  SER 50  50  50  SER SER AAA . n 
A 1 51  THR 51  51  51  THR THR AAA . n 
A 1 52  ASP 52  52  52  ASP ASP AAA . n 
A 1 53  TYR 53  53  53  TYR TYR AAA . n 
A 1 54  GLY 54  54  54  GLY GLY AAA . n 
A 1 55  ILE 55  55  55  ILE ILE AAA . n 
A 1 56  LEU 56  56  56  LEU LEU AAA . n 
A 1 57  GLN 57  57  57  GLN GLN AAA . n 
A 1 58  ILE 58  58  58  ILE ILE AAA . n 
A 1 59  ASN 59  59  59  ASN ASN AAA . n 
A 1 60  SER 60  60  60  SER SER AAA . n 
A 1 61  ARG 61  61  61  ARG ARG AAA . n 
A 1 62  TRP 62  62  62  TRP TRP AAA . n 
A 1 63  TRP 63  63  63  TRP TRP AAA . n 
A 1 64  CYS 64  64  64  CYS CYS AAA . n 
A 1 65  ASN 65  65  65  ASN ASN AAA . n 
A 1 66  ASP 66  66  66  ASP ASP AAA . n 
A 1 67  GLY 67  67  67  GLY GLY AAA . n 
A 1 68  ARG 68  68  68  ARG ARG AAA . n 
A 1 69  THR 69  69  69  THR THR AAA . n 
A 1 70  PRO 70  70  70  PRO PRO AAA . n 
A 1 71  GLY 71  71  71  GLY GLY AAA . n 
A 1 72  SER 72  72  72  SER SER AAA . n 
A 1 73  ARG 73  73  73  ARG ARG AAA . n 
A 1 74  ASN 74  74  74  ASN ASN AAA . n 
A 1 75  LEU 75  75  75  LEU LEU AAA . n 
A 1 76  CYS 76  76  76  CYS CYS AAA . n 
A 1 77  ASN 77  77  77  ASN ASN AAA . n 
A 1 78  ILE 78  78  78  ILE ILE AAA . n 
A 1 79  PRO 79  79  79  PRO PRO AAA . n 
A 1 80  CYS 80  80  80  CYS CYS AAA . n 
A 1 81  SER 81  81  81  SER SER AAA . n 
A 1 82  ALA 82  82  82  ALA ALA AAA . n 
A 1 83  LEU 83  83  83  LEU LEU AAA . n 
A 1 84  LEU 84  84  84  LEU LEU AAA . n 
A 1 85  SER 85  85  85  SER SER AAA . n 
A 1 86  SER 86  86  86  SER SER AAA . n 
A 1 87  ASP 87  87  87  ASP ASP AAA . n 
A 1 88  ILE 88  88  88  ILE ILE AAA . n 
A 1 89  THR 89  89  89  THR THR AAA . n 
A 1 90  ALA 90  90  90  ALA ALA AAA . n 
A 1 91  SER 91  91  91  SER SER AAA . n 
A 1 92  VAL 92  92  92  VAL VAL AAA . n 
A 1 93  ASN 93  93  93  ASN ASN AAA . n 
A 1 94  CYS 94  94  94  CYS CYS AAA . n 
A 1 95  ALA 95  95  95  ALA ALA AAA . n 
A 1 96  LYS 96  96  96  LYS LYS AAA . n 
A 1 97  LYS 97  97  97  LYS LYS AAA . n 
A 1 98  ILE 98  98  98  ILE ILE AAA . n 
A 1 99  VAL 99  99  99  VAL VAL AAA . n 
A 1 100 SER 100 100 100 SER SER AAA . n 
A 1 101 ASP 101 101 101 ASP ASP AAA . n 
A 1 102 GLY 102 102 102 GLY GLY AAA . n 
A 1 103 ASN 103 103 103 ASN ASN AAA . n 
A 1 104 GLY 104 104 104 GLY GLY AAA . n 
A 1 105 MET 105 105 105 MET MET AAA . n 
A 1 106 ASN 106 106 106 ASN ASN AAA . n 
A 1 107 ALA 107 107 107 ALA ALA AAA . n 
A 1 108 TRP 108 108 108 TRP TRP AAA . n 
A 1 109 VAL 109 109 109 VAL VAL AAA . n 
A 1 110 ALA 110 110 110 ALA ALA AAA . n 
A 1 111 TRP 111 111 111 TRP TRP AAA . n 
A 1 112 ARG 112 112 112 ARG ARG AAA . n 
A 1 113 ASN 113 113 113 ASN ASN AAA . n 
A 1 114 ARG 114 114 114 ARG ARG AAA . n 
A 1 115 CYS 115 115 115 CYS CYS AAA . n 
A 1 116 LYS 116 116 116 LYS LYS AAA . n 
A 1 117 GLY 117 117 117 GLY GLY AAA . n 
A 1 118 THR 118 118 118 THR THR AAA . n 
A 1 119 ASP 119 119 119 ASP ASP AAA . n 
A 1 120 VAL 120 120 120 VAL VAL AAA . n 
A 1 121 GLN 121 121 121 GLN GLN AAA . n 
A 1 122 ALA 122 122 122 ALA ALA AAA . n 
A 1 123 TRP 123 123 123 TRP TRP AAA . n 
A 1 124 ILE 124 124 124 ILE ILE AAA . n 
A 1 125 ARG 125 125 125 ARG ARG AAA . n 
A 1 126 GLY 126 126 126 GLY GLY AAA . n 
A 1 127 CYS 127 127 127 CYS CYS AAA . n 
A 1 128 ARG 128 128 128 ARG ARG AAA . n 
A 1 129 LEU 129 129 129 LEU LEU AAA . n 
# 
_pdbx_entity_instance_feature.ordinal        1 
_pdbx_entity_instance_feature.comp_id        YMQ 
_pdbx_entity_instance_feature.asym_id        ? 
_pdbx_entity_instance_feature.seq_num        ? 
_pdbx_entity_instance_feature.auth_comp_id   YMQ 
_pdbx_entity_instance_feature.auth_asym_id   ? 
_pdbx_entity_instance_feature.auth_seq_num   ? 
_pdbx_entity_instance_feature.feature_type   'SUBJECT OF INVESTIGATION' 
_pdbx_entity_instance_feature.details        ? 
# 
loop_
_pdbx_nonpoly_scheme.asym_id 
_pdbx_nonpoly_scheme.entity_id 
_pdbx_nonpoly_scheme.mon_id 
_pdbx_nonpoly_scheme.ndb_seq_num 
_pdbx_nonpoly_scheme.pdb_seq_num 
_pdbx_nonpoly_scheme.auth_seq_num 
_pdbx_nonpoly_scheme.pdb_mon_id 
_pdbx_nonpoly_scheme.auth_mon_id 
_pdbx_nonpoly_scheme.pdb_strand_id 
_pdbx_nonpoly_scheme.pdb_ins_code 
B 2 CL  1  201 130 CL  CL  AAA . 
C 3 NA  1  202 131 NA  NA  AAA . 
D 4 NO3 1  203 133 NO3 NO3 AAA . 
E 4 NO3 1  204 135 NO3 NO3 AAA . 
F 4 NO3 1  205 136 NO3 NO3 AAA . 
G 4 NO3 1  206 137 NO3 NO3 AAA . 
H 4 NO3 1  207 139 NO3 NO3 AAA . 
I 5 YMQ 1  208 1   YMQ TM6 AAA . 
J 6 HOH 1  301 77  HOH HOH AAA . 
J 6 HOH 2  302 41  HOH HOH AAA . 
J 6 HOH 3  303 75  HOH HOH AAA . 
J 6 HOH 4  304 90  HOH HOH AAA . 
J 6 HOH 5  305 78  HOH HOH AAA . 
J 6 HOH 6  306 60  HOH HOH AAA . 
J 6 HOH 7  307 28  HOH HOH AAA . 
J 6 HOH 8  308 59  HOH HOH AAA . 
J 6 HOH 9  309 47  HOH HOH AAA . 
J 6 HOH 10 310 100 HOH HOH AAA . 
J 6 HOH 11 311 53  HOH HOH AAA . 
J 6 HOH 12 312 19  HOH HOH AAA . 
J 6 HOH 13 313 64  HOH HOH AAA . 
J 6 HOH 14 314 50  HOH HOH AAA . 
J 6 HOH 15 315 42  HOH HOH AAA . 
J 6 HOH 16 316 91  HOH HOH AAA . 
J 6 HOH 17 317 57  HOH HOH AAA . 
J 6 HOH 18 318 67  HOH HOH AAA . 
J 6 HOH 19 319 35  HOH HOH AAA . 
J 6 HOH 20 320 74  HOH HOH AAA . 
J 6 HOH 21 321 66  HOH HOH AAA . 
J 6 HOH 22 322 26  HOH HOH AAA . 
J 6 HOH 23 323 14  HOH HOH AAA . 
J 6 HOH 24 324 21  HOH HOH AAA . 
J 6 HOH 25 325 24  HOH HOH AAA . 
J 6 HOH 26 326 5   HOH HOH AAA . 
J 6 HOH 27 327 38  HOH HOH AAA . 
J 6 HOH 28 328 22  HOH HOH AAA . 
J 6 HOH 29 329 58  HOH HOH AAA . 
J 6 HOH 30 330 34  HOH HOH AAA . 
J 6 HOH 31 331 6   HOH HOH AAA . 
J 6 HOH 32 332 17  HOH HOH AAA . 
J 6 HOH 33 333 18  HOH HOH AAA . 
J 6 HOH 34 334 80  HOH HOH AAA . 
J 6 HOH 35 335 7   HOH HOH AAA . 
J 6 HOH 36 336 61  HOH HOH AAA . 
J 6 HOH 37 337 33  HOH HOH AAA . 
J 6 HOH 38 338 4   HOH HOH AAA . 
J 6 HOH 39 339 81  HOH HOH AAA . 
J 6 HOH 40 340 99  HOH HOH AAA . 
J 6 HOH 41 341 68  HOH HOH AAA . 
J 6 HOH 42 342 37  HOH HOH AAA . 
J 6 HOH 43 343 27  HOH HOH AAA . 
J 6 HOH 44 344 23  HOH HOH AAA . 
J 6 HOH 45 345 45  HOH HOH AAA . 
J 6 HOH 46 346 55  HOH HOH AAA . 
J 6 HOH 47 347 62  HOH HOH AAA . 
J 6 HOH 48 348 9   HOH HOH AAA . 
J 6 HOH 49 349 8   HOH HOH AAA . 
J 6 HOH 50 350 31  HOH HOH AAA . 
J 6 HOH 51 351 89  HOH HOH AAA . 
J 6 HOH 52 352 56  HOH HOH AAA . 
J 6 HOH 53 353 54  HOH HOH AAA . 
J 6 HOH 54 354 39  HOH HOH AAA . 
J 6 HOH 55 355 97  HOH HOH AAA . 
J 6 HOH 56 356 65  HOH HOH AAA . 
J 6 HOH 57 357 48  HOH HOH AAA . 
J 6 HOH 58 358 32  HOH HOH AAA . 
J 6 HOH 59 359 20  HOH HOH AAA . 
J 6 HOH 60 360 79  HOH HOH AAA . 
J 6 HOH 61 361 70  HOH HOH AAA . 
J 6 HOH 62 362 51  HOH HOH AAA . 
J 6 HOH 63 363 49  HOH HOH AAA . 
J 6 HOH 64 364 71  HOH HOH AAA . 
J 6 HOH 65 365 12  HOH HOH AAA . 
J 6 HOH 66 366 46  HOH HOH AAA . 
J 6 HOH 67 367 86  HOH HOH AAA . 
J 6 HOH 68 368 92  HOH HOH AAA . 
J 6 HOH 69 369 76  HOH HOH AAA . 
J 6 HOH 70 370 11  HOH HOH AAA . 
J 6 HOH 71 371 43  HOH HOH AAA . 
J 6 HOH 72 372 63  HOH HOH AAA . 
J 6 HOH 73 373 36  HOH HOH AAA . 
J 6 HOH 74 374 52  HOH HOH AAA . 
J 6 HOH 75 375 96  HOH HOH AAA . 
J 6 HOH 76 376 98  HOH HOH AAA . 
J 6 HOH 77 377 69  HOH HOH AAA . 
J 6 HOH 78 378 72  HOH HOH AAA . 
# 
loop_
_software.citation_id 
_software.classification 
_software.compiler_name 
_software.compiler_version 
_software.contact_author 
_software.contact_author_email 
_software.date 
_software.description 
_software.dependencies 
_software.hardware 
_software.language 
_software.location 
_software.mods 
_software.name 
_software.os 
_software.os_version 
_software.type 
_software.version 
_software.pdbx_ordinal 
? refinement       ? ? ? ? ? ? ? ? ? ? ? REFMAC   ? ? ? 5.8.0267 1 
? 'data reduction' ? ? ? ? ? ? ? ? ? ? ? autoPROC ? ? ? .        2 
? 'data scaling'   ? ? ? ? ? ? ? ? ? ? ? autoPROC ? ? ? .        3 
? phasing          ? ? ? ? ? ? ? ? ? ? ? PHASER   ? ? ? .        4 
# 
_cell.angle_alpha                  90.000 
_cell.angle_alpha_esd              ? 
_cell.angle_beta                   90.000 
_cell.angle_beta_esd               ? 
_cell.angle_gamma                  90.000 
_cell.angle_gamma_esd              ? 
_cell.entry_id                     8PFV 
_cell.details                      ? 
_cell.formula_units_Z              ? 
_cell.length_a                     78.350 
_cell.length_a_esd                 ? 
_cell.length_b                     78.350 
_cell.length_b_esd                 ? 
_cell.length_c                     37.640 
_cell.length_c_esd                 ? 
_cell.volume                       ? 
_cell.volume_esd                   ? 
_cell.Z_PDB                        8 
_cell.reciprocal_angle_alpha       ? 
_cell.reciprocal_angle_beta        ? 
_cell.reciprocal_angle_gamma       ? 
_cell.reciprocal_angle_alpha_esd   ? 
_cell.reciprocal_angle_beta_esd    ? 
_cell.reciprocal_angle_gamma_esd   ? 
_cell.reciprocal_length_a          ? 
_cell.reciprocal_length_b          ? 
_cell.reciprocal_length_c          ? 
_cell.reciprocal_length_a_esd      ? 
_cell.reciprocal_length_b_esd      ? 
_cell.reciprocal_length_c_esd      ? 
_cell.pdbx_unique_axis             ? 
_cell.pdbx_esd_method              ? 
# 
_symmetry.entry_id                         8PFV 
_symmetry.cell_setting                     ? 
_symmetry.Int_Tables_number                96 
_symmetry.space_group_name_Hall            ? 
_symmetry.space_group_name_H-M             'P 43 21 2' 
_symmetry.pdbx_full_space_group_name_H-M   ? 
# 
_exptl.absorpt_coefficient_mu     ? 
_exptl.absorpt_correction_T_max   ? 
_exptl.absorpt_correction_T_min   ? 
_exptl.absorpt_correction_type    ? 
_exptl.absorpt_process_details    ? 
_exptl.entry_id                   8PFV 
_exptl.crystals_number            1 
_exptl.details                    ? 
_exptl.method                     'X-RAY DIFFRACTION' 
_exptl.method_details             ? 
# 
_exptl_crystal.colour                       ? 
_exptl_crystal.density_diffrn               ? 
_exptl_crystal.density_Matthews             2.01 
_exptl_crystal.density_method               ? 
_exptl_crystal.density_percent_sol          38.72 
_exptl_crystal.description                  ? 
_exptl_crystal.F_000                        ? 
_exptl_crystal.id                           1 
_exptl_crystal.preparation                  ? 
_exptl_crystal.size_max                     ? 
_exptl_crystal.size_mid                     ? 
_exptl_crystal.size_min                     ? 
_exptl_crystal.size_rad                     ? 
_exptl_crystal.colour_lustre                ? 
_exptl_crystal.colour_modifier              ? 
_exptl_crystal.colour_primary               ? 
_exptl_crystal.density_meas                 ? 
_exptl_crystal.density_meas_esd             ? 
_exptl_crystal.density_meas_gt              ? 
_exptl_crystal.density_meas_lt              ? 
_exptl_crystal.density_meas_temp            ? 
_exptl_crystal.density_meas_temp_esd        ? 
_exptl_crystal.density_meas_temp_gt         ? 
_exptl_crystal.density_meas_temp_lt         ? 
_exptl_crystal.pdbx_crystal_image_url       ? 
_exptl_crystal.pdbx_crystal_image_format    ? 
_exptl_crystal.pdbx_mosaicity               ? 
_exptl_crystal.pdbx_mosaicity_esd           ? 
_exptl_crystal.pdbx_mosaic_method           ? 
_exptl_crystal.pdbx_mosaic_block_size       ? 
_exptl_crystal.pdbx_mosaic_block_size_esd   ? 
# 
_exptl_crystal_grow.apparatus       ? 
_exptl_crystal_grow.atmosphere      ? 
_exptl_crystal_grow.crystal_id      1 
_exptl_crystal_grow.details         ? 
_exptl_crystal_grow.method          'VAPOR DIFFUSION, HANGING DROP' 
_exptl_crystal_grow.method_ref      ? 
_exptl_crystal_grow.pH              4.5 
_exptl_crystal_grow.pressure        ? 
_exptl_crystal_grow.pressure_esd    ? 
_exptl_crystal_grow.seeding         ? 
_exptl_crystal_grow.seeding_ref     ? 
_exptl_crystal_grow.temp_details    ? 
_exptl_crystal_grow.temp_esd        ? 
_exptl_crystal_grow.time            ? 
_exptl_crystal_grow.pdbx_details    '20% ethylene glycol, 0.6 M NaNO3, 0.1 M NaOAc pH 4.5' 
_exptl_crystal_grow.pdbx_pH_range   ? 
_exptl_crystal_grow.temp            293 
# 
_diffrn.ambient_environment              ? 
_diffrn.ambient_temp                     100 
_diffrn.ambient_temp_details             ? 
_diffrn.ambient_temp_esd                 ? 
_diffrn.crystal_id                       1 
_diffrn.crystal_support                  ? 
_diffrn.crystal_treatment                ? 
_diffrn.details                          ? 
_diffrn.id                               1 
_diffrn.ambient_pressure                 ? 
_diffrn.ambient_pressure_esd             ? 
_diffrn.ambient_pressure_gt              ? 
_diffrn.ambient_pressure_lt              ? 
_diffrn.ambient_temp_gt                  ? 
_diffrn.ambient_temp_lt                  ? 
_diffrn.pdbx_serial_crystal_experiment   N 
# 
_diffrn_detector.details                      ? 
_diffrn_detector.detector                     PIXEL 
_diffrn_detector.diffrn_id                    1 
_diffrn_detector.type                         'DECTRIS PILATUS 6M' 
_diffrn_detector.area_resol_mean              ? 
_diffrn_detector.dtime                        ? 
_diffrn_detector.pdbx_frames_total            ? 
_diffrn_detector.pdbx_collection_time_total   ? 
_diffrn_detector.pdbx_collection_date         2022-06-17 
_diffrn_detector.pdbx_frequency               ? 
_diffrn_detector.id                           ? 
_diffrn_detector.number_of_axes               ? 
# 
_diffrn_radiation.collimation                      ? 
_diffrn_radiation.diffrn_id                        1 
_diffrn_radiation.filter_edge                      ? 
_diffrn_radiation.inhomogeneity                    ? 
_diffrn_radiation.monochromator                    ? 
_diffrn_radiation.polarisn_norm                    ? 
_diffrn_radiation.polarisn_ratio                   ? 
_diffrn_radiation.probe                            ? 
_diffrn_radiation.type                             ? 
_diffrn_radiation.xray_symbol                      ? 
_diffrn_radiation.wavelength_id                    1 
_diffrn_radiation.pdbx_monochromatic_or_laue_m_l   M 
_diffrn_radiation.pdbx_wavelength_list             ? 
_diffrn_radiation.pdbx_wavelength                  ? 
_diffrn_radiation.pdbx_diffrn_protocol             'SINGLE WAVELENGTH' 
_diffrn_radiation.pdbx_analyzer                    ? 
_diffrn_radiation.pdbx_scattering_type             x-ray 
# 
_diffrn_radiation_wavelength.id           1 
_diffrn_radiation_wavelength.wavelength   1 
_diffrn_radiation_wavelength.wt           1.0 
# 
_diffrn_source.current                     ? 
_diffrn_source.details                     ? 
_diffrn_source.diffrn_id                   1 
_diffrn_source.power                       ? 
_diffrn_source.size                        ? 
_diffrn_source.source                      SYNCHROTRON 
_diffrn_source.target                      ? 
_diffrn_source.type                        'ELETTRA BEAMLINE 11.2C' 
_diffrn_source.voltage                     ? 
_diffrn_source.take-off_angle              ? 
_diffrn_source.pdbx_wavelength_list        1 
_diffrn_source.pdbx_wavelength             ? 
_diffrn_source.pdbx_synchrotron_beamline   11.2C 
_diffrn_source.pdbx_synchrotron_site       ELETTRA 
# 
_reflns.B_iso_Wilson_estimate                          ? 
_reflns.entry_id                                       8PFV 
_reflns.data_reduction_details                         ? 
_reflns.data_reduction_method                          ? 
_reflns.d_resolution_high                              1.46 
_reflns.d_resolution_low                               55.402 
_reflns.details                                        ? 
_reflns.limit_h_max                                    ? 
_reflns.limit_h_min                                    ? 
_reflns.limit_k_max                                    ? 
_reflns.limit_k_min                                    ? 
_reflns.limit_l_max                                    ? 
_reflns.limit_l_min                                    ? 
_reflns.number_all                                     ? 
_reflns.number_obs                                     21101 
_reflns.observed_criterion                             ? 
_reflns.observed_criterion_F_max                       ? 
_reflns.observed_criterion_F_min                       ? 
_reflns.observed_criterion_I_max                       ? 
_reflns.observed_criterion_I_min                       ? 
_reflns.observed_criterion_sigma_F                     ? 
_reflns.observed_criterion_sigma_I                     ? 
_reflns.percent_possible_obs                           99.9 
_reflns.R_free_details                                 ? 
_reflns.Rmerge_F_all                                   ? 
_reflns.Rmerge_F_obs                                   ? 
_reflns.Friedel_coverage                               ? 
_reflns.number_gt                                      ? 
_reflns.threshold_expression                           ? 
_reflns.pdbx_redundancy                                10.3 
_reflns.pdbx_netI_over_av_sigmaI                       ? 
_reflns.pdbx_netI_over_sigmaI                          23.7 
_reflns.pdbx_res_netI_over_av_sigmaI_2                 ? 
_reflns.pdbx_res_netI_over_sigmaI_2                    ? 
_reflns.pdbx_chi_squared                               ? 
_reflns.pdbx_scaling_rejects                           ? 
_reflns.pdbx_d_res_high_opt                            ? 
_reflns.pdbx_d_res_low_opt                             ? 
_reflns.pdbx_d_res_opt_method                          ? 
_reflns.phase_calculation_details                      ? 
_reflns.pdbx_Rrim_I_all                                ? 
_reflns.pdbx_Rpim_I_all                                ? 
_reflns.pdbx_d_opt                                     ? 
_reflns.pdbx_number_measured_all                       ? 
_reflns.pdbx_diffrn_id                                 1 
_reflns.pdbx_ordinal                                   1 
_reflns.pdbx_CC_half                                   1.000 
_reflns.pdbx_CC_star                                   ? 
_reflns.pdbx_R_split                                   ? 
_reflns.pdbx_Rmerge_I_obs                              0.047 
_reflns.pdbx_Rmerge_I_all                              ? 
_reflns.pdbx_Rsym_value                                ? 
_reflns.pdbx_CC_split_method                           ? 
_reflns.pdbx_aniso_diffraction_limit_axis_1_ortho[1]   ? 
_reflns.pdbx_aniso_diffraction_limit_axis_1_ortho[2]   ? 
_reflns.pdbx_aniso_diffraction_limit_axis_1_ortho[3]   ? 
_reflns.pdbx_aniso_diffraction_limit_axis_2_ortho[1]   ? 
_reflns.pdbx_aniso_diffraction_limit_axis_2_ortho[2]   ? 
_reflns.pdbx_aniso_diffraction_limit_axis_2_ortho[3]   ? 
_reflns.pdbx_aniso_diffraction_limit_axis_3_ortho[1]   ? 
_reflns.pdbx_aniso_diffraction_limit_axis_3_ortho[2]   ? 
_reflns.pdbx_aniso_diffraction_limit_axis_3_ortho[3]   ? 
_reflns.pdbx_aniso_diffraction_limit_1                 ? 
_reflns.pdbx_aniso_diffraction_limit_2                 ? 
_reflns.pdbx_aniso_diffraction_limit_3                 ? 
_reflns.pdbx_aniso_B_tensor_eigenvector_1_ortho[1]     ? 
_reflns.pdbx_aniso_B_tensor_eigenvector_1_ortho[2]     ? 
_reflns.pdbx_aniso_B_tensor_eigenvector_1_ortho[3]     ? 
_reflns.pdbx_aniso_B_tensor_eigenvector_2_ortho[1]     ? 
_reflns.pdbx_aniso_B_tensor_eigenvector_2_ortho[2]     ? 
_reflns.pdbx_aniso_B_tensor_eigenvector_2_ortho[3]     ? 
_reflns.pdbx_aniso_B_tensor_eigenvector_3_ortho[1]     ? 
_reflns.pdbx_aniso_B_tensor_eigenvector_3_ortho[2]     ? 
_reflns.pdbx_aniso_B_tensor_eigenvector_3_ortho[3]     ? 
_reflns.pdbx_aniso_B_tensor_eigenvalue_1               ? 
_reflns.pdbx_aniso_B_tensor_eigenvalue_2               ? 
_reflns.pdbx_aniso_B_tensor_eigenvalue_3               ? 
_reflns.pdbx_orthogonalization_convention              ? 
_reflns.pdbx_percent_possible_ellipsoidal              ? 
_reflns.pdbx_percent_possible_spherical                ? 
_reflns.pdbx_percent_possible_ellipsoidal_anomalous    ? 
_reflns.pdbx_percent_possible_spherical_anomalous      ? 
_reflns.pdbx_redundancy_anomalous                      ? 
_reflns.pdbx_CC_half_anomalous                         ? 
_reflns.pdbx_absDiff_over_sigma_anomalous              ? 
_reflns.pdbx_percent_possible_anomalous                ? 
_reflns.pdbx_observed_signal_threshold                 ? 
_reflns.pdbx_signal_type                               ? 
_reflns.pdbx_signal_details                            ? 
_reflns.pdbx_signal_software_id                        ? 
# 
_reflns_shell.d_res_high                                    1.46 
_reflns_shell.d_res_low                                     1.48 
_reflns_shell.meanI_over_sigI_all                           ? 
_reflns_shell.meanI_over_sigI_obs                           2.2 
_reflns_shell.number_measured_all                           ? 
_reflns_shell.number_measured_obs                           ? 
_reflns_shell.number_possible                               ? 
_reflns_shell.number_unique_all                             ? 
_reflns_shell.number_unique_obs                             1035 
_reflns_shell.percent_possible_obs                          ? 
_reflns_shell.Rmerge_F_all                                  ? 
_reflns_shell.Rmerge_F_obs                                  ? 
_reflns_shell.meanI_over_sigI_gt                            ? 
_reflns_shell.meanI_over_uI_all                             ? 
_reflns_shell.meanI_over_uI_gt                              ? 
_reflns_shell.number_measured_gt                            ? 
_reflns_shell.number_unique_gt                              ? 
_reflns_shell.percent_possible_gt                           ? 
_reflns_shell.Rmerge_F_gt                                   ? 
_reflns_shell.Rmerge_I_gt                                   ? 
_reflns_shell.pdbx_redundancy                               ? 
_reflns_shell.pdbx_chi_squared                              ? 
_reflns_shell.pdbx_netI_over_sigmaI_all                     ? 
_reflns_shell.pdbx_netI_over_sigmaI_obs                     ? 
_reflns_shell.pdbx_Rrim_I_all                               ? 
_reflns_shell.pdbx_Rpim_I_all                               ? 
_reflns_shell.pdbx_rejects                                  ? 
_reflns_shell.pdbx_ordinal                                  1 
_reflns_shell.pdbx_diffrn_id                                1 
_reflns_shell.pdbx_CC_half                                  0.762 
_reflns_shell.pdbx_CC_star                                  ? 
_reflns_shell.pdbx_R_split                                  ? 
_reflns_shell.percent_possible_all                          ? 
_reflns_shell.Rmerge_I_all                                  ? 
_reflns_shell.Rmerge_I_obs                                  0.997 
_reflns_shell.pdbx_Rsym_value                               ? 
_reflns_shell.pdbx_percent_possible_ellipsoidal             ? 
_reflns_shell.pdbx_percent_possible_spherical               ? 
_reflns_shell.pdbx_percent_possible_ellipsoidal_anomalous   ? 
_reflns_shell.pdbx_percent_possible_spherical_anomalous     ? 
_reflns_shell.pdbx_redundancy_anomalous                     ? 
_reflns_shell.pdbx_CC_half_anomalous                        ? 
_reflns_shell.pdbx_absDiff_over_sigma_anomalous             ? 
_reflns_shell.pdbx_percent_possible_anomalous               ? 
# 
_refine.aniso_B[1][1]                            0.018 
_refine.aniso_B[1][2]                            -0.000 
_refine.aniso_B[1][3]                            -0.000 
_refine.aniso_B[2][2]                            0.018 
_refine.aniso_B[2][3]                            -0.000 
_refine.aniso_B[3][3]                            -0.037 
_refine.B_iso_max                                ? 
_refine.B_iso_mean                               23.591 
_refine.B_iso_min                                ? 
_refine.correlation_coeff_Fo_to_Fc               0.963 
_refine.correlation_coeff_Fo_to_Fc_free          0.954 
_refine.details                                  'Hydrogens have been added in their riding positions' 
_refine.diff_density_max                         ? 
_refine.diff_density_max_esd                     ? 
_refine.diff_density_min                         ? 
_refine.diff_density_min_esd                     ? 
_refine.diff_density_rms                         ? 
_refine.diff_density_rms_esd                     ? 
_refine.entry_id                                 8PFV 
_refine.pdbx_refine_id                           'X-RAY DIFFRACTION' 
_refine.ls_abs_structure_details                 ? 
_refine.ls_abs_structure_Flack                   ? 
_refine.ls_abs_structure_Flack_esd               ? 
_refine.ls_abs_structure_Rogers                  ? 
_refine.ls_abs_structure_Rogers_esd              ? 
_refine.ls_d_res_high                            1.460 
_refine.ls_d_res_low                             55.402 
_refine.ls_extinction_coef                       ? 
_refine.ls_extinction_coef_esd                   ? 
_refine.ls_extinction_expression                 ? 
_refine.ls_extinction_method                     ? 
_refine.ls_goodness_of_fit_all                   ? 
_refine.ls_goodness_of_fit_all_esd               ? 
_refine.ls_goodness_of_fit_obs                   ? 
_refine.ls_goodness_of_fit_obs_esd               ? 
_refine.ls_hydrogen_treatment                    ? 
_refine.ls_matrix_type                           ? 
_refine.ls_number_constraints                    ? 
_refine.ls_number_parameters                     ? 
_refine.ls_number_reflns_all                     ? 
_refine.ls_number_reflns_obs                     20914 
_refine.ls_number_reflns_R_free                  1067 
_refine.ls_number_reflns_R_work                  19847 
_refine.ls_number_restraints                     ? 
_refine.ls_percent_reflns_obs                    99.928 
_refine.ls_percent_reflns_R_free                 5.102 
_refine.ls_R_factor_all                          0.181 
_refine.ls_R_factor_obs                          ? 
_refine.ls_R_factor_R_free                       0.2111 
_refine.ls_R_factor_R_free_error                 ? 
_refine.ls_R_factor_R_free_error_details         ? 
_refine.ls_R_factor_R_work                       0.1795 
_refine.ls_R_Fsqd_factor_obs                     ? 
_refine.ls_R_I_factor_obs                        ? 
_refine.ls_redundancy_reflns_all                 ? 
_refine.ls_redundancy_reflns_obs                 ? 
_refine.ls_restrained_S_all                      ? 
_refine.ls_restrained_S_obs                      ? 
_refine.ls_shift_over_esd_max                    ? 
_refine.ls_shift_over_esd_mean                   ? 
_refine.ls_structure_factor_coef                 ? 
_refine.ls_weighting_details                     ? 
_refine.ls_weighting_scheme                      ? 
_refine.ls_wR_factor_all                         ? 
_refine.ls_wR_factor_obs                         ? 
_refine.ls_wR_factor_R_free                      0.209 
_refine.ls_wR_factor_R_work                      0.179 
_refine.occupancy_max                            ? 
_refine.occupancy_min                            ? 
_refine.solvent_model_details                    'MASK BULK SOLVENT' 
_refine.solvent_model_param_bsol                 ? 
_refine.solvent_model_param_ksol                 ? 
_refine.pdbx_R_complete                          ? 
_refine.ls_R_factor_gt                           ? 
_refine.ls_goodness_of_fit_gt                    ? 
_refine.ls_goodness_of_fit_ref                   ? 
_refine.ls_shift_over_su_max                     ? 
_refine.ls_shift_over_su_max_lt                  ? 
_refine.ls_shift_over_su_mean                    ? 
_refine.ls_shift_over_su_mean_lt                 ? 
_refine.pdbx_ls_sigma_I                          ? 
_refine.pdbx_ls_sigma_F                          ? 
_refine.pdbx_ls_sigma_Fsqd                       ? 
_refine.pdbx_data_cutoff_high_absF               ? 
_refine.pdbx_data_cutoff_high_rms_absF           ? 
_refine.pdbx_data_cutoff_low_absF                ? 
_refine.pdbx_isotropic_thermal_model             ? 
_refine.pdbx_ls_cross_valid_method               'FREE R-VALUE' 
_refine.pdbx_method_to_determine_struct          'MOLECULAR REPLACEMENT' 
_refine.pdbx_starting_model                      ? 
_refine.pdbx_stereochemistry_target_values       ? 
_refine.pdbx_R_Free_selection_details            ? 
_refine.pdbx_stereochem_target_val_spec_case     ? 
_refine.pdbx_overall_ESU_R                       0.074 
_refine.pdbx_overall_ESU_R_Free                  0.076 
_refine.pdbx_solvent_vdw_probe_radii             1.200 
_refine.pdbx_solvent_ion_probe_radii             0.800 
_refine.pdbx_solvent_shrinkage_radii             0.800 
_refine.pdbx_real_space_R                        ? 
_refine.pdbx_density_correlation                 ? 
_refine.pdbx_pd_number_of_powder_patterns        ? 
_refine.pdbx_pd_number_of_points                 ? 
_refine.pdbx_pd_meas_number_of_points            ? 
_refine.pdbx_pd_proc_ls_prof_R_factor            ? 
_refine.pdbx_pd_proc_ls_prof_wR_factor           ? 
_refine.pdbx_pd_Marquardt_correlation_coeff      ? 
_refine.pdbx_pd_Fsqrd_R_factor                   ? 
_refine.pdbx_pd_ls_matrix_band_width             ? 
_refine.pdbx_overall_phase_error                 ? 
_refine.pdbx_overall_SU_R_free_Cruickshank_DPI   ? 
_refine.pdbx_overall_SU_R_free_Blow_DPI          ? 
_refine.pdbx_overall_SU_R_Blow_DPI               ? 
_refine.pdbx_TLS_residual_ADP_flag               ? 
_refine.pdbx_diffrn_id                           1 
_refine.overall_SU_B                             1.290 
_refine.overall_SU_ML                            0.049 
_refine.overall_SU_R_Cruickshank_DPI             ? 
_refine.overall_SU_R_free                        ? 
_refine.overall_FOM_free_R_set                   ? 
_refine.overall_FOM_work_R_set                   ? 
_refine.pdbx_average_fsc_overall                 ? 
_refine.pdbx_average_fsc_work                    0.9459 
_refine.pdbx_average_fsc_free                    0.9342 
# 
_refine_hist.pdbx_refine_id                   'X-RAY DIFFRACTION' 
_refine_hist.cycle_id                         LAST 
_refine_hist.details                          ? 
_refine_hist.d_res_high                       1.460 
_refine_hist.d_res_low                        55.402 
_refine_hist.number_atoms_solvent             78 
_refine_hist.number_atoms_total               1130 
_refine_hist.number_reflns_all                ? 
_refine_hist.number_reflns_obs                ? 
_refine_hist.number_reflns_R_free             ? 
_refine_hist.number_reflns_R_work             ? 
_refine_hist.R_factor_all                     ? 
_refine_hist.R_factor_obs                     ? 
_refine_hist.R_factor_R_free                  ? 
_refine_hist.R_factor_R_work                  ? 
_refine_hist.pdbx_number_residues_total       ? 
_refine_hist.pdbx_B_iso_mean_ligand           ? 
_refine_hist.pdbx_B_iso_mean_solvent          ? 
_refine_hist.pdbx_number_atoms_protein        1001 
_refine_hist.pdbx_number_atoms_nucleic_acid   0 
_refine_hist.pdbx_number_atoms_ligand         51 
_refine_hist.pdbx_number_atoms_lipid          ? 
_refine_hist.pdbx_number_atoms_carb           ? 
_refine_hist.pdbx_pseudo_atom_details         ? 
# 
loop_
_refine_ls_restr.pdbx_refine_id 
_refine_ls_restr.criterion 
_refine_ls_restr.dev_ideal 
_refine_ls_restr.dev_ideal_target 
_refine_ls_restr.number 
_refine_ls_restr.rejects 
_refine_ls_restr.type 
_refine_ls_restr.weight 
_refine_ls_restr.pdbx_restraint_function 
'X-RAY DIFFRACTION' ? 0.013  0.012  1116 ? r_bond_refined_d               ? ? 
'X-RAY DIFFRACTION' ? 0.001  0.014  983  ? r_bond_other_d                 ? ? 
'X-RAY DIFFRACTION' ? 1.996  1.682  1514 ? r_angle_refined_deg            ? ? 
'X-RAY DIFFRACTION' ? 1.684  1.598  2245 ? r_angle_other_deg              ? ? 
'X-RAY DIFFRACTION' ? 6.817  5.000  134  ? r_dihedral_angle_1_deg         ? ? 
'X-RAY DIFFRACTION' ? 30.045 20.615 65   ? r_dihedral_angle_2_deg         ? ? 
'X-RAY DIFFRACTION' ? 14.715 15.000 180  ? r_dihedral_angle_3_deg         ? ? 
'X-RAY DIFFRACTION' ? 22.886 15.000 12   ? r_dihedral_angle_4_deg         ? ? 
'X-RAY DIFFRACTION' ? 0.110  0.200  134  ? r_chiral_restr                 ? ? 
'X-RAY DIFFRACTION' ? 0.012  0.020  1317 ? r_gen_planes_refined           ? ? 
'X-RAY DIFFRACTION' ? 0.002  0.020  295  ? r_gen_planes_other             ? ? 
'X-RAY DIFFRACTION' ? 0.243  0.200  247  ? r_nbd_refined                  ? ? 
'X-RAY DIFFRACTION' ? 0.199  0.200  905  ? r_symmetry_nbd_other           ? ? 
'X-RAY DIFFRACTION' ? 0.169  0.200  537  ? r_nbtor_refined                ? ? 
'X-RAY DIFFRACTION' ? 0.085  0.200  492  ? r_symmetry_nbtor_other         ? ? 
'X-RAY DIFFRACTION' ? 0.191  0.200  53   ? r_xyhbond_nbd_refined          ? ? 
'X-RAY DIFFRACTION' ? 0.121  0.200  2    ? r_symmetry_xyhbond_nbd_other   ? ? 
'X-RAY DIFFRACTION' ? 0.064  0.200  3    ? r_metal_ion_refined            ? ? 
'X-RAY DIFFRACTION' ? 0.180  0.200  9    ? r_symmetry_nbd_refined         ? ? 
'X-RAY DIFFRACTION' ? 0.208  0.200  47   ? r_nbd_other                    ? ? 
'X-RAY DIFFRACTION' ? 0.155  0.200  11   ? r_symmetry_xyhbond_nbd_refined ? ? 
'X-RAY DIFFRACTION' ? 2.014  2.171  530  ? r_mcbond_it                    ? ? 
'X-RAY DIFFRACTION' ? 2.003  2.164  529  ? r_mcbond_other                 ? ? 
'X-RAY DIFFRACTION' ? 2.822  3.262  666  ? r_mcangle_it                   ? ? 
'X-RAY DIFFRACTION' ? 2.823  3.269  667  ? r_mcangle_other                ? ? 
'X-RAY DIFFRACTION' ? 3.448  2.602  585  ? r_scbond_it                    ? ? 
'X-RAY DIFFRACTION' ? 3.276  2.564  534  ? r_scbond_other                 ? ? 
'X-RAY DIFFRACTION' ? 5.019  3.732  848  ? r_scangle_it                   ? ? 
'X-RAY DIFFRACTION' ? 4.991  3.706  779  ? r_scangle_other                ? ? 
'X-RAY DIFFRACTION' ? 6.002  26.346 1318 ? r_lrange_it                    ? ? 
'X-RAY DIFFRACTION' ? 5.994  26.324 1287 ? r_lrange_other                 ? ? 
# 
loop_
_refine_ls_shell.pdbx_refine_id 
_refine_ls_shell.d_res_high 
_refine_ls_shell.d_res_low 
_refine_ls_shell.number_reflns_all 
_refine_ls_shell.number_reflns_obs 
_refine_ls_shell.number_reflns_R_free 
_refine_ls_shell.number_reflns_R_work 
_refine_ls_shell.percent_reflns_obs 
_refine_ls_shell.percent_reflns_R_free 
_refine_ls_shell.R_factor_all 
_refine_ls_shell.R_factor_obs 
_refine_ls_shell.R_factor_R_free_error 
_refine_ls_shell.R_factor_R_work 
_refine_ls_shell.redundancy_reflns_all 
_refine_ls_shell.redundancy_reflns_obs 
_refine_ls_shell.wR_factor_all 
_refine_ls_shell.wR_factor_obs 
_refine_ls_shell.wR_factor_R_free 
_refine_ls_shell.wR_factor_R_work 
_refine_ls_shell.pdbx_R_complete 
_refine_ls_shell.pdbx_total_number_of_bins_used 
_refine_ls_shell.pdbx_phase_error 
_refine_ls_shell.pdbx_fsc_work 
_refine_ls_shell.pdbx_fsc_free 
_refine_ls_shell.R_factor_R_free 
'X-RAY DIFFRACTION' 1.460 1.498  1527 . 82 1445 100.0000 . 0.245 . . 0.246 . . . . . 0.225 . 20 . 0.895 0.909 0.233 
'X-RAY DIFFRACTION' 1.498 1.539  1472 . 92 1380 100.0000 . 0.225 . . 0.223 . . . . . 0.198 . 20 . 0.915 0.892 0.262 
'X-RAY DIFFRACTION' 1.539 1.583  1444 . 69 1375 100.0000 . 0.216 . . 0.216 . . . . . 0.186 . 20 . 0.925 0.922 0.218 
'X-RAY DIFFRACTION' 1.583 1.632  1399 . 61 1338 100.0000 . 0.190 . . 0.189 . . . . . 0.159 . 20 . 0.940 0.925 0.196 
'X-RAY DIFFRACTION' 1.632 1.686  1341 . 60 1281 100.0000 . 0.190 . . 0.185 . . . . . 0.152 . 20 . 0.939 0.899 0.296 
'X-RAY DIFFRACTION' 1.686 1.745  1318 . 62 1256 100.0000 . 0.197 . . 0.196 . . . . . 0.158 . 20 . 0.936 0.938 0.228 
'X-RAY DIFFRACTION' 1.745 1.811  1288 . 82 1206 100.0000 . 0.188 . . 0.184 . . . . . 0.153 . 20 . 0.944 0.919 0.253 
'X-RAY DIFFRACTION' 1.811 1.884  1236 . 68 1168 100.0000 . 0.173 . . 0.171 . . . . . 0.142 . 20 . 0.956 0.949 0.197 
'X-RAY DIFFRACTION' 1.884 1.968  1170 . 55 1115 100.0000 . 0.174 . . 0.172 . . . . . 0.146 . 20 . 0.960 0.953 0.209 
'X-RAY DIFFRACTION' 1.968 2.064  1121 . 54 1067 100.0000 . 0.167 . . 0.164 . . . . . 0.145 . 20 . 0.963 0.933 0.237 
'X-RAY DIFFRACTION' 2.064 2.176  1085 . 64 1021 100.0000 . 0.166 . . 0.165 . . . . . 0.150 . 20 . 0.964 0.952 0.192 
'X-RAY DIFFRACTION' 2.176 2.307  1016 . 54 962  100.0000 . 0.156 . . 0.153 . . . . . 0.144 . 20 . 0.967 0.957 0.201 
'X-RAY DIFFRACTION' 2.307 2.466  963  . 55 907  99.8962  . 0.160 . . 0.158 . . . . . 0.157 . 20 . 0.966 0.959 0.194 
'X-RAY DIFFRACTION' 2.466 2.663  899  . 51 848  100.0000 . 0.158 . . 0.155 . . . . . 0.155 . 20 . 0.968 0.960 0.200 
'X-RAY DIFFRACTION' 2.663 2.917  850  . 41 808  99.8824  . 0.165 . . 0.163 . . . . . 0.171 . 20 . 0.967 0.960 0.206 
'X-RAY DIFFRACTION' 2.917 3.260  759  . 34 725  100.0000 . 0.168 . . 0.168 . . . . . 0.189 . 20 . 0.968 0.965 0.149 
'X-RAY DIFFRACTION' 3.260 3.762  687  . 27 659  99.8544  . 0.164 . . 0.163 . . . . . 0.188 . 20 . 0.972 0.968 0.185 
'X-RAY DIFFRACTION' 3.762 4.603  589  . 28 561  100.0000 . 0.158 . . 0.154 . . . . . 0.195 . 20 . 0.973 0.946 0.262 
'X-RAY DIFFRACTION' 4.603 6.487  469  . 20 443  98.7207  . 0.222 . . 0.223 . . . . . 0.282 . 20 . 0.951 0.953 0.194 
'X-RAY DIFFRACTION' 6.487 55.402 294  . 8  280  97.9592  . 0.318 . . 0.318 . . . . . 0.433 . 20 . 0.905 0.892 0.310 
# 
_struct.entry_id                     8PFV 
_struct.title                        
'X-ray structure of the adduct formed upon reaction of Lysozyme with [Ru2Cl(DAniF)(O2CCH3)3] in condition A' 
_struct.pdbx_model_details           ? 
_struct.pdbx_formula_weight          ? 
_struct.pdbx_formula_weight_method   ? 
_struct.pdbx_model_type_details      ? 
_struct.pdbx_CASP_flag               N 
# 
_struct_keywords.entry_id        8PFV 
_struct_keywords.text            'Ruthenium, Protein interaction, Metallodrug, Diruthenium, Hydrolase, PROTEIN BINDING' 
_struct_keywords.pdbx_keywords   'PROTEIN BINDING' 
# 
loop_
_struct_asym.id 
_struct_asym.pdbx_blank_PDB_chainid_flag 
_struct_asym.pdbx_modified 
_struct_asym.entity_id 
_struct_asym.details 
A N N 1 ? 
B N N 2 ? 
C N N 3 ? 
D N N 4 ? 
E N N 4 ? 
F N N 4 ? 
G N N 4 ? 
H N N 4 ? 
I N N 5 ? 
J N N 6 ? 
# 
_struct_ref.id                         1 
_struct_ref.db_name                    UNP 
_struct_ref.db_code                    LYSC_CHICK 
_struct_ref.pdbx_db_accession          P00698 
_struct_ref.pdbx_db_isoform            ? 
_struct_ref.entity_id                  1 
_struct_ref.pdbx_seq_one_letter_code   
;KVFGRCELAAAMKRHGLDNYRGYSLGNWVCAAKFESNFNTQATNRNTDGSTDYGILQINSRWWCNDGRTPGSRNLCNIPC
SALLSSDITASVNCAKKIVSDGNGMNAWVAWRNRCKGTDVQAWIRGCRL
;
_struct_ref.pdbx_align_begin           19 
# 
_struct_ref_seq.align_id                      1 
_struct_ref_seq.ref_id                        1 
_struct_ref_seq.pdbx_PDB_id_code              8PFV 
_struct_ref_seq.pdbx_strand_id                AAA 
_struct_ref_seq.seq_align_beg                 1 
_struct_ref_seq.pdbx_seq_align_beg_ins_code   ? 
_struct_ref_seq.seq_align_end                 129 
_struct_ref_seq.pdbx_seq_align_end_ins_code   ? 
_struct_ref_seq.pdbx_db_accession             P00698 
_struct_ref_seq.db_align_beg                  19 
_struct_ref_seq.pdbx_db_align_beg_ins_code    ? 
_struct_ref_seq.db_align_end                  147 
_struct_ref_seq.pdbx_db_align_end_ins_code    ? 
_struct_ref_seq.pdbx_auth_seq_align_beg       1 
_struct_ref_seq.pdbx_auth_seq_align_end       129 
# 
_pdbx_struct_assembly.id                   1 
_pdbx_struct_assembly.details              author_and_software_defined_assembly 
_pdbx_struct_assembly.method_details       ? 
_pdbx_struct_assembly.oligomeric_details   monomeric 
_pdbx_struct_assembly.oligomeric_count     1 
# 
loop_
_pdbx_struct_assembly_prop.biol_id 
_pdbx_struct_assembly_prop.type 
_pdbx_struct_assembly_prop.value 
_pdbx_struct_assembly_prop.details 
1 'ABSA (A^2)' 1100 ? 
1 MORE         -13  ? 
1 'SSA (A^2)'  6920 ? 
# 
_pdbx_struct_assembly_gen.assembly_id       1 
_pdbx_struct_assembly_gen.oper_expression   1 
_pdbx_struct_assembly_gen.asym_id_list      A,B,C,D,E,F,G,H,I,J 
# 
_pdbx_struct_assembly_auth_evidence.id                     1 
_pdbx_struct_assembly_auth_evidence.assembly_id            1 
_pdbx_struct_assembly_auth_evidence.experimental_support   none 
_pdbx_struct_assembly_auth_evidence.details                ? 
# 
_pdbx_struct_oper_list.id                   1 
_pdbx_struct_oper_list.type                 'identity operation' 
_pdbx_struct_oper_list.name                 1_555 
_pdbx_struct_oper_list.symmetry_operation   x,y,z 
_pdbx_struct_oper_list.matrix[1][1]         1.0 
_pdbx_struct_oper_list.matrix[1][2]         0.0 
_pdbx_struct_oper_list.matrix[1][3]         0.0 
_pdbx_struct_oper_list.vector[1]            0.0 
_pdbx_struct_oper_list.matrix[2][1]         0.0 
_pdbx_struct_oper_list.matrix[2][2]         1.0 
_pdbx_struct_oper_list.matrix[2][3]         0.0 
_pdbx_struct_oper_list.vector[2]            0.0 
_pdbx_struct_oper_list.matrix[3][1]         0.0 
_pdbx_struct_oper_list.matrix[3][2]         0.0 
_pdbx_struct_oper_list.matrix[3][3]         1.0 
_pdbx_struct_oper_list.vector[3]            0.0 
# 
loop_
_struct_conf.conf_type_id 
_struct_conf.id 
_struct_conf.pdbx_PDB_helix_id 
_struct_conf.beg_label_comp_id 
_struct_conf.beg_label_asym_id 
_struct_conf.beg_label_seq_id 
_struct_conf.pdbx_beg_PDB_ins_code 
_struct_conf.end_label_comp_id 
_struct_conf.end_label_asym_id 
_struct_conf.end_label_seq_id 
_struct_conf.pdbx_end_PDB_ins_code 
_struct_conf.beg_auth_comp_id 
_struct_conf.beg_auth_asym_id 
_struct_conf.beg_auth_seq_id 
_struct_conf.end_auth_comp_id 
_struct_conf.end_auth_asym_id 
_struct_conf.end_auth_seq_id 
_struct_conf.pdbx_PDB_helix_class 
_struct_conf.details 
_struct_conf.pdbx_PDB_helix_length 
HELX_P HELX_P1 AA1 GLY A 4   ? HIS A 15  ? GLY AAA 4   HIS AAA 15  1 ? 12 
HELX_P HELX_P2 AA2 ASN A 19  ? TYR A 23  ? ASN AAA 19  TYR AAA 23  5 ? 5  
HELX_P HELX_P3 AA3 SER A 24  ? ASN A 37  ? SER AAA 24  ASN AAA 37  1 ? 14 
HELX_P HELX_P4 AA4 PRO A 79  ? SER A 85  ? PRO AAA 79  SER AAA 85  5 ? 7  
HELX_P HELX_P5 AA5 ILE A 88  ? SER A 100 ? ILE AAA 88  SER AAA 100 1 ? 13 
HELX_P HELX_P6 AA6 ASN A 103 ? ALA A 107 ? ASN AAA 103 ALA AAA 107 5 ? 5  
HELX_P HELX_P7 AA7 TRP A 108 ? CYS A 115 ? TRP AAA 108 CYS AAA 115 1 ? 8  
HELX_P HELX_P8 AA8 ASP A 119 ? ARG A 125 ? ASP AAA 119 ARG AAA 125 5 ? 7  
# 
_struct_conf_type.id          HELX_P 
_struct_conf_type.criteria    ? 
_struct_conf_type.reference   ? 
# 
loop_
_struct_conn.id 
_struct_conn.conn_type_id 
_struct_conn.pdbx_leaving_atom_flag 
_struct_conn.pdbx_PDB_id 
_struct_conn.ptnr1_label_asym_id 
_struct_conn.ptnr1_label_comp_id 
_struct_conn.ptnr1_label_seq_id 
_struct_conn.ptnr1_label_atom_id 
_struct_conn.pdbx_ptnr1_label_alt_id 
_struct_conn.pdbx_ptnr1_PDB_ins_code 
_struct_conn.pdbx_ptnr1_standard_comp_id 
_struct_conn.ptnr1_symmetry 
_struct_conn.ptnr2_label_asym_id 
_struct_conn.ptnr2_label_comp_id 
_struct_conn.ptnr2_label_seq_id 
_struct_conn.ptnr2_label_atom_id 
_struct_conn.pdbx_ptnr2_label_alt_id 
_struct_conn.pdbx_ptnr2_PDB_ins_code 
_struct_conn.ptnr1_auth_asym_id 
_struct_conn.ptnr1_auth_comp_id 
_struct_conn.ptnr1_auth_seq_id 
_struct_conn.ptnr2_auth_asym_id 
_struct_conn.ptnr2_auth_comp_id 
_struct_conn.ptnr2_auth_seq_id 
_struct_conn.ptnr2_symmetry 
_struct_conn.pdbx_ptnr3_label_atom_id 
_struct_conn.pdbx_ptnr3_label_seq_id 
_struct_conn.pdbx_ptnr3_label_comp_id 
_struct_conn.pdbx_ptnr3_label_asym_id 
_struct_conn.pdbx_ptnr3_label_alt_id 
_struct_conn.pdbx_ptnr3_PDB_ins_code 
_struct_conn.details 
_struct_conn.pdbx_dist_value 
_struct_conn.pdbx_value_order 
_struct_conn.pdbx_role 
disulf1  disulf ? ? A CYS 6   SG  ? ? ? 1_555 A CYS 127 SG  ? ? AAA CYS 6   AAA CYS 127 1_555 ? ? ? ? ? ? ? 1.998 ? ? 
disulf2  disulf ? ? A CYS 30  SG  ? ? ? 1_555 A CYS 115 SG  ? ? AAA CYS 30  AAA CYS 115 1_555 ? ? ? ? ? ? ? 2.055 ? ? 
disulf3  disulf ? ? A CYS 64  SG  ? ? ? 1_555 A CYS 80  SG  ? ? AAA CYS 64  AAA CYS 80  1_555 ? ? ? ? ? ? ? 2.036 ? ? 
disulf4  disulf ? ? A CYS 76  SG  ? ? ? 1_555 A CYS 94  SG  ? ? AAA CYS 76  AAA CYS 94  1_555 ? ? ? ? ? ? ? 2.029 ? ? 
metalc1  metalc ? ? A SER 60  O   ? ? ? 1_555 C NA  .   NA  ? ? AAA SER 60  AAA NA  202 1_555 ? ? ? ? ? ? ? 2.305 ? ? 
metalc2  metalc ? ? A CYS 64  O   ? ? ? 1_555 C NA  .   NA  ? ? AAA CYS 64  AAA NA  202 1_555 ? ? ? ? ? ? ? 2.378 ? ? 
metalc3  metalc ? ? A SER 72  OG  ? ? ? 1_555 C NA  .   NA  ? ? AAA SER 72  AAA NA  202 1_555 ? ? ? ? ? ? ? 2.460 ? ? 
metalc4  metalc ? ? A ARG 73  O   ? ? ? 1_555 C NA  .   NA  ? ? AAA ARG 73  AAA NA  202 1_555 ? ? ? ? ? ? ? 2.440 ? ? 
metalc5  metalc ? ? A ASP 119 OD1 ? ? ? 1_555 I YMQ .   RU2 ? ? AAA ASP 119 AAA YMQ 208 1_555 ? ? ? ? ? ? ? 2.149 ? ? 
metalc6  metalc ? ? A ASP 119 OD2 ? ? ? 1_555 I YMQ .   RU1 ? ? AAA ASP 119 AAA YMQ 208 1_555 ? ? ? ? ? ? ? 2.066 ? ? 
metalc7  metalc ? ? C NA  .   NA  ? ? ? 1_555 G NO3 .   O2  ? ? AAA NA  202 AAA NO3 206 1_555 ? ? ? ? ? ? ? 2.697 ? ? 
metalc8  metalc ? ? C NA  .   NA  ? ? ? 1_555 J HOH .   O   ? ? AAA NA  202 AAA HOH 332 1_555 ? ? ? ? ? ? ? 2.404 ? ? 
metalc9  metalc ? ? I YMQ .   RU1 ? ? ? 1_555 J HOH .   O   ? ? AAA YMQ 208 AAA HOH 310 4_444 ? ? ? ? ? ? ? 2.302 ? ? 
metalc10 metalc ? ? I YMQ .   RU2 ? ? ? 1_555 J HOH .   O   ? ? AAA YMQ 208 AAA HOH 340 1_555 ? ? ? ? ? ? ? 2.115 ? ? 
# 
loop_
_struct_conn_type.id 
_struct_conn_type.criteria 
_struct_conn_type.reference 
disulf ? ? 
metalc ? ? 
# 
loop_
_pdbx_struct_conn_angle.id 
_pdbx_struct_conn_angle.ptnr1_label_atom_id 
_pdbx_struct_conn_angle.ptnr1_label_alt_id 
_pdbx_struct_conn_angle.ptnr1_label_asym_id 
_pdbx_struct_conn_angle.ptnr1_label_comp_id 
_pdbx_struct_conn_angle.ptnr1_label_seq_id 
_pdbx_struct_conn_angle.ptnr1_auth_atom_id 
_pdbx_struct_conn_angle.ptnr1_auth_asym_id 
_pdbx_struct_conn_angle.ptnr1_auth_comp_id 
_pdbx_struct_conn_angle.ptnr1_auth_seq_id 
_pdbx_struct_conn_angle.ptnr1_PDB_ins_code 
_pdbx_struct_conn_angle.ptnr1_symmetry 
_pdbx_struct_conn_angle.ptnr2_label_atom_id 
_pdbx_struct_conn_angle.ptnr2_label_alt_id 
_pdbx_struct_conn_angle.ptnr2_label_asym_id 
_pdbx_struct_conn_angle.ptnr2_label_comp_id 
_pdbx_struct_conn_angle.ptnr2_label_seq_id 
_pdbx_struct_conn_angle.ptnr2_auth_atom_id 
_pdbx_struct_conn_angle.ptnr2_auth_asym_id 
_pdbx_struct_conn_angle.ptnr2_auth_comp_id 
_pdbx_struct_conn_angle.ptnr2_auth_seq_id 
_pdbx_struct_conn_angle.ptnr2_PDB_ins_code 
_pdbx_struct_conn_angle.ptnr2_symmetry 
_pdbx_struct_conn_angle.ptnr3_label_atom_id 
_pdbx_struct_conn_angle.ptnr3_label_alt_id 
_pdbx_struct_conn_angle.ptnr3_label_asym_id 
_pdbx_struct_conn_angle.ptnr3_label_comp_id 
_pdbx_struct_conn_angle.ptnr3_label_seq_id 
_pdbx_struct_conn_angle.ptnr3_auth_atom_id 
_pdbx_struct_conn_angle.ptnr3_auth_asym_id 
_pdbx_struct_conn_angle.ptnr3_auth_comp_id 
_pdbx_struct_conn_angle.ptnr3_auth_seq_id 
_pdbx_struct_conn_angle.ptnr3_PDB_ins_code 
_pdbx_struct_conn_angle.ptnr3_symmetry 
_pdbx_struct_conn_angle.value 
_pdbx_struct_conn_angle.value_esd 
1  O   ? A SER 60  ? AAA SER 60  ? 1_555 NA  ? C NA  . ? AAA NA  202 ? 1_555 O   ? A CYS 64 ? AAA CYS 64  ? 1_555 87.7  ? 
2  O   ? A SER 60  ? AAA SER 60  ? 1_555 NA  ? C NA  . ? AAA NA  202 ? 1_555 OG  ? A SER 72 ? AAA SER 72  ? 1_555 89.9  ? 
3  O   ? A CYS 64  ? AAA CYS 64  ? 1_555 NA  ? C NA  . ? AAA NA  202 ? 1_555 OG  ? A SER 72 ? AAA SER 72  ? 1_555 163.4 ? 
4  O   ? A SER 60  ? AAA SER 60  ? 1_555 NA  ? C NA  . ? AAA NA  202 ? 1_555 O   ? A ARG 73 ? AAA ARG 73  ? 1_555 91.9  ? 
5  O   ? A CYS 64  ? AAA CYS 64  ? 1_555 NA  ? C NA  . ? AAA NA  202 ? 1_555 O   ? A ARG 73 ? AAA ARG 73  ? 1_555 95.8  ? 
6  OG  ? A SER 72  ? AAA SER 72  ? 1_555 NA  ? C NA  . ? AAA NA  202 ? 1_555 O   ? A ARG 73 ? AAA ARG 73  ? 1_555 100.8 ? 
7  O   ? A SER 60  ? AAA SER 60  ? 1_555 NA  ? C NA  . ? AAA NA  202 ? 1_555 O2  ? G NO3 .  ? AAA NO3 206 ? 1_555 106.2 ? 
8  O   ? A CYS 64  ? AAA CYS 64  ? 1_555 NA  ? C NA  . ? AAA NA  202 ? 1_555 O2  ? G NO3 .  ? AAA NO3 206 ? 1_555 87.6  ? 
9  OG  ? A SER 72  ? AAA SER 72  ? 1_555 NA  ? C NA  . ? AAA NA  202 ? 1_555 O2  ? G NO3 .  ? AAA NO3 206 ? 1_555 77.2  ? 
10 O   ? A ARG 73  ? AAA ARG 73  ? 1_555 NA  ? C NA  . ? AAA NA  202 ? 1_555 O2  ? G NO3 .  ? AAA NO3 206 ? 1_555 161.7 ? 
11 O   ? A SER 60  ? AAA SER 60  ? 1_555 NA  ? C NA  . ? AAA NA  202 ? 1_555 O   ? J HOH .  ? AAA HOH 332 ? 1_555 174.0 ? 
12 O   ? A CYS 64  ? AAA CYS 64  ? 1_555 NA  ? C NA  . ? AAA NA  202 ? 1_555 O   ? J HOH .  ? AAA HOH 332 ? 1_555 97.9  ? 
13 OG  ? A SER 72  ? AAA SER 72  ? 1_555 NA  ? C NA  . ? AAA NA  202 ? 1_555 O   ? J HOH .  ? AAA HOH 332 ? 1_555 85.2  ? 
14 O   ? A ARG 73  ? AAA ARG 73  ? 1_555 NA  ? C NA  . ? AAA NA  202 ? 1_555 O   ? J HOH .  ? AAA HOH 332 ? 1_555 85.6  ? 
15 O2  ? G NO3 .   ? AAA NO3 206 ? 1_555 NA  ? C NA  . ? AAA NA  202 ? 1_555 O   ? J HOH .  ? AAA HOH 332 ? 1_555 76.1  ? 
16 OD1 ? A ASP 119 ? AAA ASP 119 ? 1_555 RU2 ? I YMQ . ? AAA YMQ 208 ? 1_555 RU1 ? I YMQ .  ? AAA YMQ 208 ? 1_555 90.9  ? 
17 OD1 ? A ASP 119 ? AAA ASP 119 ? 1_555 RU2 ? I YMQ . ? AAA YMQ 208 ? 1_555 O4  ? I YMQ .  ? AAA YMQ 208 ? 1_555 86.3  ? 
18 RU1 ? I YMQ .   ? AAA YMQ 208 ? 1_555 RU2 ? I YMQ . ? AAA YMQ 208 ? 1_555 O4  ? I YMQ .  ? AAA YMQ 208 ? 1_555 89.8  ? 
19 OD1 ? A ASP 119 ? AAA ASP 119 ? 1_555 RU2 ? I YMQ . ? AAA YMQ 208 ? 1_555 O2  ? I YMQ .  ? AAA YMQ 208 ? 1_555 175.4 ? 
20 RU1 ? I YMQ .   ? AAA YMQ 208 ? 1_555 RU2 ? I YMQ . ? AAA YMQ 208 ? 1_555 O2  ? I YMQ .  ? AAA YMQ 208 ? 1_555 89.2  ? 
21 O4  ? I YMQ .   ? AAA YMQ 208 ? 1_555 RU2 ? I YMQ . ? AAA YMQ 208 ? 1_555 O2  ? I YMQ .  ? AAA YMQ 208 ? 1_555 89.1  ? 
22 OD1 ? A ASP 119 ? AAA ASP 119 ? 1_555 RU2 ? I YMQ . ? AAA YMQ 208 ? 1_555 N2  ? I YMQ .  ? AAA YMQ 208 ? 1_555 89.0  ? 
23 RU1 ? I YMQ .   ? AAA YMQ 208 ? 1_555 RU2 ? I YMQ . ? AAA YMQ 208 ? 1_555 N2  ? I YMQ .  ? AAA YMQ 208 ? 1_555 89.6  ? 
24 O4  ? I YMQ .   ? AAA YMQ 208 ? 1_555 RU2 ? I YMQ . ? AAA YMQ 208 ? 1_555 N2  ? I YMQ .  ? AAA YMQ 208 ? 1_555 175.3 ? 
25 O2  ? I YMQ .   ? AAA YMQ 208 ? 1_555 RU2 ? I YMQ . ? AAA YMQ 208 ? 1_555 N2  ? I YMQ .  ? AAA YMQ 208 ? 1_555 95.6  ? 
26 OD1 ? A ASP 119 ? AAA ASP 119 ? 1_555 RU2 ? I YMQ . ? AAA YMQ 208 ? 1_555 O   ? J HOH .  ? AAA HOH 340 ? 1_555 93.2  ? 
27 RU1 ? I YMQ .   ? AAA YMQ 208 ? 1_555 RU2 ? I YMQ . ? AAA YMQ 208 ? 1_555 O   ? J HOH .  ? AAA HOH 340 ? 1_555 173.6 ? 
28 O4  ? I YMQ .   ? AAA YMQ 208 ? 1_555 RU2 ? I YMQ . ? AAA YMQ 208 ? 1_555 O   ? J HOH .  ? AAA HOH 340 ? 1_555 85.6  ? 
29 O2  ? I YMQ .   ? AAA YMQ 208 ? 1_555 RU2 ? I YMQ . ? AAA YMQ 208 ? 1_555 O   ? J HOH .  ? AAA HOH 340 ? 1_555 86.3  ? 
30 N2  ? I YMQ .   ? AAA YMQ 208 ? 1_555 RU2 ? I YMQ . ? AAA YMQ 208 ? 1_555 O   ? J HOH .  ? AAA HOH 340 ? 1_555 95.3  ? 
31 OD2 ? A ASP 119 ? AAA ASP 119 ? 1_555 RU1 ? I YMQ . ? AAA YMQ 208 ? 1_555 O3  ? I YMQ .  ? AAA YMQ 208 ? 1_555 90.7  ? 
32 OD2 ? A ASP 119 ? AAA ASP 119 ? 1_555 RU1 ? I YMQ . ? AAA YMQ 208 ? 1_555 O1  ? I YMQ .  ? AAA YMQ 208 ? 1_555 176.3 ? 
33 O3  ? I YMQ .   ? AAA YMQ 208 ? 1_555 RU1 ? I YMQ . ? AAA YMQ 208 ? 1_555 O1  ? I YMQ .  ? AAA YMQ 208 ? 1_555 88.1  ? 
34 OD2 ? A ASP 119 ? AAA ASP 119 ? 1_555 RU1 ? I YMQ . ? AAA YMQ 208 ? 1_555 N1  ? I YMQ .  ? AAA YMQ 208 ? 1_555 90.5  ? 
35 O3  ? I YMQ .   ? AAA YMQ 208 ? 1_555 RU1 ? I YMQ . ? AAA YMQ 208 ? 1_555 N1  ? I YMQ .  ? AAA YMQ 208 ? 1_555 177.8 ? 
36 O1  ? I YMQ .   ? AAA YMQ 208 ? 1_555 RU1 ? I YMQ . ? AAA YMQ 208 ? 1_555 N1  ? I YMQ .  ? AAA YMQ 208 ? 1_555 90.6  ? 
37 OD2 ? A ASP 119 ? AAA ASP 119 ? 1_555 RU1 ? I YMQ . ? AAA YMQ 208 ? 1_555 RU2 ? I YMQ .  ? AAA YMQ 208 ? 1_555 87.0  ? 
38 O3  ? I YMQ .   ? AAA YMQ 208 ? 1_555 RU1 ? I YMQ . ? AAA YMQ 208 ? 1_555 RU2 ? I YMQ .  ? AAA YMQ 208 ? 1_555 88.2  ? 
39 O1  ? I YMQ .   ? AAA YMQ 208 ? 1_555 RU1 ? I YMQ . ? AAA YMQ 208 ? 1_555 RU2 ? I YMQ .  ? AAA YMQ 208 ? 1_555 89.5  ? 
40 N1  ? I YMQ .   ? AAA YMQ 208 ? 1_555 RU1 ? I YMQ . ? AAA YMQ 208 ? 1_555 RU2 ? I YMQ .  ? AAA YMQ 208 ? 1_555 90.0  ? 
41 OD2 ? A ASP 119 ? AAA ASP 119 ? 1_555 RU1 ? I YMQ . ? AAA YMQ 208 ? 1_555 O   ? J HOH .  ? AAA HOH 310 ? 4_444 94.5  ? 
42 O3  ? I YMQ .   ? AAA YMQ 208 ? 1_555 RU1 ? I YMQ . ? AAA YMQ 208 ? 1_555 O   ? J HOH .  ? AAA HOH 310 ? 4_444 85.5  ? 
43 O1  ? I YMQ .   ? AAA YMQ 208 ? 1_555 RU1 ? I YMQ . ? AAA YMQ 208 ? 1_555 O   ? J HOH .  ? AAA HOH 310 ? 4_444 88.9  ? 
44 N1  ? I YMQ .   ? AAA YMQ 208 ? 1_555 RU1 ? I YMQ . ? AAA YMQ 208 ? 1_555 O   ? J HOH .  ? AAA HOH 310 ? 4_444 96.2  ? 
45 RU2 ? I YMQ .   ? AAA YMQ 208 ? 1_555 RU1 ? I YMQ . ? AAA YMQ 208 ? 1_555 O   ? J HOH .  ? AAA HOH 310 ? 4_444 173.6 ? 
# 
loop_
_pdbx_modification_feature.ordinal 
_pdbx_modification_feature.label_comp_id 
_pdbx_modification_feature.label_asym_id 
_pdbx_modification_feature.label_seq_id 
_pdbx_modification_feature.label_alt_id 
_pdbx_modification_feature.modified_residue_label_comp_id 
_pdbx_modification_feature.modified_residue_label_asym_id 
_pdbx_modification_feature.modified_residue_label_seq_id 
_pdbx_modification_feature.modified_residue_label_alt_id 
_pdbx_modification_feature.auth_comp_id 
_pdbx_modification_feature.auth_asym_id 
_pdbx_modification_feature.auth_seq_id 
_pdbx_modification_feature.PDB_ins_code 
_pdbx_modification_feature.symmetry 
_pdbx_modification_feature.modified_residue_auth_comp_id 
_pdbx_modification_feature.modified_residue_auth_asym_id 
_pdbx_modification_feature.modified_residue_auth_seq_id 
_pdbx_modification_feature.modified_residue_PDB_ins_code 
_pdbx_modification_feature.modified_residue_symmetry 
_pdbx_modification_feature.comp_id_linking_atom 
_pdbx_modification_feature.modified_residue_id_linking_atom 
_pdbx_modification_feature.modified_residue_id 
_pdbx_modification_feature.ref_pcm_id 
_pdbx_modification_feature.ref_comp_id 
_pdbx_modification_feature.type 
_pdbx_modification_feature.category 
1 CYS A 6  ? CYS A 127 ? CYS AAA 6  ? 1_555 CYS AAA 127 ? 1_555 SG SG . . . None 'Disulfide bridge' 
2 CYS A 30 ? CYS A 115 ? CYS AAA 30 ? 1_555 CYS AAA 115 ? 1_555 SG SG . . . None 'Disulfide bridge' 
3 CYS A 64 ? CYS A 80  ? CYS AAA 64 ? 1_555 CYS AAA 80  ? 1_555 SG SG . . . None 'Disulfide bridge' 
4 CYS A 76 ? CYS A 94  ? CYS AAA 76 ? 1_555 CYS AAA 94  ? 1_555 SG SG . . . None 'Disulfide bridge' 
# 
_struct_sheet.id               AA1 
_struct_sheet.type             ? 
_struct_sheet.number_strands   3 
_struct_sheet.details          ? 
# 
loop_
_struct_sheet_order.sheet_id 
_struct_sheet_order.range_id_1 
_struct_sheet_order.range_id_2 
_struct_sheet_order.offset 
_struct_sheet_order.sense 
AA1 1 2 ? anti-parallel 
AA1 2 3 ? anti-parallel 
# 
loop_
_struct_sheet_range.sheet_id 
_struct_sheet_range.id 
_struct_sheet_range.beg_label_comp_id 
_struct_sheet_range.beg_label_asym_id 
_struct_sheet_range.beg_label_seq_id 
_struct_sheet_range.pdbx_beg_PDB_ins_code 
_struct_sheet_range.end_label_comp_id 
_struct_sheet_range.end_label_asym_id 
_struct_sheet_range.end_label_seq_id 
_struct_sheet_range.pdbx_end_PDB_ins_code 
_struct_sheet_range.beg_auth_comp_id 
_struct_sheet_range.beg_auth_asym_id 
_struct_sheet_range.beg_auth_seq_id 
_struct_sheet_range.end_auth_comp_id 
_struct_sheet_range.end_auth_asym_id 
_struct_sheet_range.end_auth_seq_id 
AA1 1 THR A 43 ? ARG A 45 ? THR AAA 43 ARG AAA 45 
AA1 2 THR A 51 ? TYR A 53 ? THR AAA 51 TYR AAA 53 
AA1 3 ILE A 58 ? ASN A 59 ? ILE AAA 58 ASN AAA 59 
# 
loop_
_pdbx_struct_sheet_hbond.sheet_id 
_pdbx_struct_sheet_hbond.range_id_1 
_pdbx_struct_sheet_hbond.range_id_2 
_pdbx_struct_sheet_hbond.range_1_label_atom_id 
_pdbx_struct_sheet_hbond.range_1_label_comp_id 
_pdbx_struct_sheet_hbond.range_1_label_asym_id 
_pdbx_struct_sheet_hbond.range_1_label_seq_id 
_pdbx_struct_sheet_hbond.range_1_PDB_ins_code 
_pdbx_struct_sheet_hbond.range_1_auth_atom_id 
_pdbx_struct_sheet_hbond.range_1_auth_comp_id 
_pdbx_struct_sheet_hbond.range_1_auth_asym_id 
_pdbx_struct_sheet_hbond.range_1_auth_seq_id 
_pdbx_struct_sheet_hbond.range_2_label_atom_id 
_pdbx_struct_sheet_hbond.range_2_label_comp_id 
_pdbx_struct_sheet_hbond.range_2_label_asym_id 
_pdbx_struct_sheet_hbond.range_2_label_seq_id 
_pdbx_struct_sheet_hbond.range_2_PDB_ins_code 
_pdbx_struct_sheet_hbond.range_2_auth_atom_id 
_pdbx_struct_sheet_hbond.range_2_auth_comp_id 
_pdbx_struct_sheet_hbond.range_2_auth_asym_id 
_pdbx_struct_sheet_hbond.range_2_auth_seq_id 
AA1 1 2 N ASN A 44 ? N ASN AAA 44 O ASP A 52 ? O ASP AAA 52 
AA1 2 3 N TYR A 53 ? N TYR AAA 53 O ILE A 58 ? O ILE AAA 58 
# 
_pdbx_entry_details.entry_id                   8PFV 
_pdbx_entry_details.nonpolymer_details         ? 
_pdbx_entry_details.sequence_details           ? 
_pdbx_entry_details.compound_details           ? 
_pdbx_entry_details.source_details             ? 
_pdbx_entry_details.has_ligand_of_interest     Y 
_pdbx_entry_details.has_protein_modification   Y 
# 
_pdbx_validate_rmsd_angle.id                         1 
_pdbx_validate_rmsd_angle.PDB_model_num              1 
_pdbx_validate_rmsd_angle.auth_atom_id_1             CG 
_pdbx_validate_rmsd_angle.auth_asym_id_1             AAA 
_pdbx_validate_rmsd_angle.auth_comp_id_1             ARG 
_pdbx_validate_rmsd_angle.auth_seq_id_1              45 
_pdbx_validate_rmsd_angle.PDB_ins_code_1             ? 
_pdbx_validate_rmsd_angle.label_alt_id_1             ? 
_pdbx_validate_rmsd_angle.auth_atom_id_2             CD 
_pdbx_validate_rmsd_angle.auth_asym_id_2             AAA 
_pdbx_validate_rmsd_angle.auth_comp_id_2             ARG 
_pdbx_validate_rmsd_angle.auth_seq_id_2              45 
_pdbx_validate_rmsd_angle.PDB_ins_code_2             ? 
_pdbx_validate_rmsd_angle.label_alt_id_2             ? 
_pdbx_validate_rmsd_angle.auth_atom_id_3             NE 
_pdbx_validate_rmsd_angle.auth_asym_id_3             AAA 
_pdbx_validate_rmsd_angle.auth_comp_id_3             ARG 
_pdbx_validate_rmsd_angle.auth_seq_id_3              45 
_pdbx_validate_rmsd_angle.PDB_ins_code_3             ? 
_pdbx_validate_rmsd_angle.label_alt_id_3             ? 
_pdbx_validate_rmsd_angle.angle_value                125.44 
_pdbx_validate_rmsd_angle.angle_target_value         111.80 
_pdbx_validate_rmsd_angle.angle_deviation            13.64 
_pdbx_validate_rmsd_angle.angle_standard_deviation   2.10 
_pdbx_validate_rmsd_angle.linker_flag                N 
# 
_pdbx_validate_torsion.id              1 
_pdbx_validate_torsion.PDB_model_num   1 
_pdbx_validate_torsion.auth_comp_id    ARG 
_pdbx_validate_torsion.auth_asym_id    AAA 
_pdbx_validate_torsion.auth_seq_id     68 
_pdbx_validate_torsion.PDB_ins_code    ? 
_pdbx_validate_torsion.label_alt_id    ? 
_pdbx_validate_torsion.phi             -145.07 
_pdbx_validate_torsion.psi             23.24 
# 
loop_
_pdbx_struct_special_symmetry.id 
_pdbx_struct_special_symmetry.PDB_model_num 
_pdbx_struct_special_symmetry.auth_asym_id 
_pdbx_struct_special_symmetry.auth_comp_id 
_pdbx_struct_special_symmetry.auth_seq_id 
_pdbx_struct_special_symmetry.PDB_ins_code 
_pdbx_struct_special_symmetry.label_asym_id 
_pdbx_struct_special_symmetry.label_comp_id 
_pdbx_struct_special_symmetry.label_seq_id 
1 1 AAA HOH 327 ? J HOH . 
2 1 AAA HOH 336 ? J HOH . 
3 1 AAA HOH 375 ? J HOH . 
# 
loop_
_chem_comp_atom.comp_id 
_chem_comp_atom.atom_id 
_chem_comp_atom.type_symbol 
_chem_comp_atom.pdbx_aromatic_flag 
_chem_comp_atom.pdbx_stereo_config 
_chem_comp_atom.pdbx_ordinal 
ALA N    N  N N 1   
ALA CA   C  N S 2   
ALA C    C  N N 3   
ALA O    O  N N 4   
ALA CB   C  N N 5   
ALA OXT  O  N N 6   
ALA H    H  N N 7   
ALA H2   H  N N 8   
ALA HA   H  N N 9   
ALA HB1  H  N N 10  
ALA HB2  H  N N 11  
ALA HB3  H  N N 12  
ALA HXT  H  N N 13  
ARG N    N  N N 14  
ARG CA   C  N S 15  
ARG C    C  N N 16  
ARG O    O  N N 17  
ARG CB   C  N N 18  
ARG CG   C  N N 19  
ARG CD   C  N N 20  
ARG NE   N  N N 21  
ARG CZ   C  N N 22  
ARG NH1  N  N N 23  
ARG NH2  N  N N 24  
ARG OXT  O  N N 25  
ARG H    H  N N 26  
ARG H2   H  N N 27  
ARG HA   H  N N 28  
ARG HB2  H  N N 29  
ARG HB3  H  N N 30  
ARG HG2  H  N N 31  
ARG HG3  H  N N 32  
ARG HD2  H  N N 33  
ARG HD3  H  N N 34  
ARG HE   H  N N 35  
ARG HH11 H  N N 36  
ARG HH12 H  N N 37  
ARG HH21 H  N N 38  
ARG HH22 H  N N 39  
ARG HXT  H  N N 40  
ASN N    N  N N 41  
ASN CA   C  N S 42  
ASN C    C  N N 43  
ASN O    O  N N 44  
ASN CB   C  N N 45  
ASN CG   C  N N 46  
ASN OD1  O  N N 47  
ASN ND2  N  N N 48  
ASN OXT  O  N N 49  
ASN H    H  N N 50  
ASN H2   H  N N 51  
ASN HA   H  N N 52  
ASN HB2  H  N N 53  
ASN HB3  H  N N 54  
ASN HD21 H  N N 55  
ASN HD22 H  N N 56  
ASN HXT  H  N N 57  
ASP N    N  N N 58  
ASP CA   C  N S 59  
ASP C    C  N N 60  
ASP O    O  N N 61  
ASP CB   C  N N 62  
ASP CG   C  N N 63  
ASP OD1  O  N N 64  
ASP OD2  O  N N 65  
ASP OXT  O  N N 66  
ASP H    H  N N 67  
ASP H2   H  N N 68  
ASP HA   H  N N 69  
ASP HB2  H  N N 70  
ASP HB3  H  N N 71  
ASP HD2  H  N N 72  
ASP HXT  H  N N 73  
CL  CL   CL N N 74  
CYS N    N  N N 75  
CYS CA   C  N R 76  
CYS C    C  N N 77  
CYS O    O  N N 78  
CYS CB   C  N N 79  
CYS SG   S  N N 80  
CYS OXT  O  N N 81  
CYS H    H  N N 82  
CYS H2   H  N N 83  
CYS HA   H  N N 84  
CYS HB2  H  N N 85  
CYS HB3  H  N N 86  
CYS HG   H  N N 87  
CYS HXT  H  N N 88  
GLN N    N  N N 89  
GLN CA   C  N S 90  
GLN C    C  N N 91  
GLN O    O  N N 92  
GLN CB   C  N N 93  
GLN CG   C  N N 94  
GLN CD   C  N N 95  
GLN OE1  O  N N 96  
GLN NE2  N  N N 97  
GLN OXT  O  N N 98  
GLN H    H  N N 99  
GLN H2   H  N N 100 
GLN HA   H  N N 101 
GLN HB2  H  N N 102 
GLN HB3  H  N N 103 
GLN HG2  H  N N 104 
GLN HG3  H  N N 105 
GLN HE21 H  N N 106 
GLN HE22 H  N N 107 
GLN HXT  H  N N 108 
GLU N    N  N N 109 
GLU CA   C  N S 110 
GLU C    C  N N 111 
GLU O    O  N N 112 
GLU CB   C  N N 113 
GLU CG   C  N N 114 
GLU CD   C  N N 115 
GLU OE1  O  N N 116 
GLU OE2  O  N N 117 
GLU OXT  O  N N 118 
GLU H    H  N N 119 
GLU H2   H  N N 120 
GLU HA   H  N N 121 
GLU HB2  H  N N 122 
GLU HB3  H  N N 123 
GLU HG2  H  N N 124 
GLU HG3  H  N N 125 
GLU HE2  H  N N 126 
GLU HXT  H  N N 127 
GLY N    N  N N 128 
GLY CA   C  N N 129 
GLY C    C  N N 130 
GLY O    O  N N 131 
GLY OXT  O  N N 132 
GLY H    H  N N 133 
GLY H2   H  N N 134 
GLY HA2  H  N N 135 
GLY HA3  H  N N 136 
GLY HXT  H  N N 137 
HIS N    N  N N 138 
HIS CA   C  N S 139 
HIS C    C  N N 140 
HIS O    O  N N 141 
HIS CB   C  N N 142 
HIS CG   C  Y N 143 
HIS ND1  N  Y N 144 
HIS CD2  C  Y N 145 
HIS CE1  C  Y N 146 
HIS NE2  N  Y N 147 
HIS OXT  O  N N 148 
HIS H    H  N N 149 
HIS H2   H  N N 150 
HIS HA   H  N N 151 
HIS HB2  H  N N 152 
HIS HB3  H  N N 153 
HIS HD1  H  N N 154 
HIS HD2  H  N N 155 
HIS HE1  H  N N 156 
HIS HE2  H  N N 157 
HIS HXT  H  N N 158 
HOH O    O  N N 159 
HOH H1   H  N N 160 
HOH H2   H  N N 161 
ILE N    N  N N 162 
ILE CA   C  N S 163 
ILE C    C  N N 164 
ILE O    O  N N 165 
ILE CB   C  N S 166 
ILE CG1  C  N N 167 
ILE CG2  C  N N 168 
ILE CD1  C  N N 169 
ILE OXT  O  N N 170 
ILE H    H  N N 171 
ILE H2   H  N N 172 
ILE HA   H  N N 173 
ILE HB   H  N N 174 
ILE HG12 H  N N 175 
ILE HG13 H  N N 176 
ILE HG21 H  N N 177 
ILE HG22 H  N N 178 
ILE HG23 H  N N 179 
ILE HD11 H  N N 180 
ILE HD12 H  N N 181 
ILE HD13 H  N N 182 
ILE HXT  H  N N 183 
LEU N    N  N N 184 
LEU CA   C  N S 185 
LEU C    C  N N 186 
LEU O    O  N N 187 
LEU CB   C  N N 188 
LEU CG   C  N N 189 
LEU CD1  C  N N 190 
LEU CD2  C  N N 191 
LEU OXT  O  N N 192 
LEU H    H  N N 193 
LEU H2   H  N N 194 
LEU HA   H  N N 195 
LEU HB2  H  N N 196 
LEU HB3  H  N N 197 
LEU HG   H  N N 198 
LEU HD11 H  N N 199 
LEU HD12 H  N N 200 
LEU HD13 H  N N 201 
LEU HD21 H  N N 202 
LEU HD22 H  N N 203 
LEU HD23 H  N N 204 
LEU HXT  H  N N 205 
LYS N    N  N N 206 
LYS CA   C  N S 207 
LYS C    C  N N 208 
LYS O    O  N N 209 
LYS CB   C  N N 210 
LYS CG   C  N N 211 
LYS CD   C  N N 212 
LYS CE   C  N N 213 
LYS NZ   N  N N 214 
LYS OXT  O  N N 215 
LYS H    H  N N 216 
LYS H2   H  N N 217 
LYS HA   H  N N 218 
LYS HB2  H  N N 219 
LYS HB3  H  N N 220 
LYS HG2  H  N N 221 
LYS HG3  H  N N 222 
LYS HD2  H  N N 223 
LYS HD3  H  N N 224 
LYS HE2  H  N N 225 
LYS HE3  H  N N 226 
LYS HZ1  H  N N 227 
LYS HZ2  H  N N 228 
LYS HZ3  H  N N 229 
LYS HXT  H  N N 230 
MET N    N  N N 231 
MET CA   C  N S 232 
MET C    C  N N 233 
MET O    O  N N 234 
MET CB   C  N N 235 
MET CG   C  N N 236 
MET SD   S  N N 237 
MET CE   C  N N 238 
MET OXT  O  N N 239 
MET H    H  N N 240 
MET H2   H  N N 241 
MET HA   H  N N 242 
MET HB2  H  N N 243 
MET HB3  H  N N 244 
MET HG2  H  N N 245 
MET HG3  H  N N 246 
MET HE1  H  N N 247 
MET HE2  H  N N 248 
MET HE3  H  N N 249 
MET HXT  H  N N 250 
NA  NA   NA N N 251 
NO3 N    N  N N 252 
NO3 O1   O  N N 253 
NO3 O2   O  N N 254 
NO3 O3   O  N N 255 
PHE N    N  N N 256 
PHE CA   C  N S 257 
PHE C    C  N N 258 
PHE O    O  N N 259 
PHE CB   C  N N 260 
PHE CG   C  Y N 261 
PHE CD1  C  Y N 262 
PHE CD2  C  Y N 263 
PHE CE1  C  Y N 264 
PHE CE2  C  Y N 265 
PHE CZ   C  Y N 266 
PHE OXT  O  N N 267 
PHE H    H  N N 268 
PHE H2   H  N N 269 
PHE HA   H  N N 270 
PHE HB2  H  N N 271 
PHE HB3  H  N N 272 
PHE HD1  H  N N 273 
PHE HD2  H  N N 274 
PHE HE1  H  N N 275 
PHE HE2  H  N N 276 
PHE HZ   H  N N 277 
PHE HXT  H  N N 278 
PRO N    N  N N 279 
PRO CA   C  N S 280 
PRO C    C  N N 281 
PRO O    O  N N 282 
PRO CB   C  N N 283 
PRO CG   C  N N 284 
PRO CD   C  N N 285 
PRO OXT  O  N N 286 
PRO H    H  N N 287 
PRO HA   H  N N 288 
PRO HB2  H  N N 289 
PRO HB3  H  N N 290 
PRO HG2  H  N N 291 
PRO HG3  H  N N 292 
PRO HD2  H  N N 293 
PRO HD3  H  N N 294 
PRO HXT  H  N N 295 
SER N    N  N N 296 
SER CA   C  N S 297 
SER C    C  N N 298 
SER O    O  N N 299 
SER CB   C  N N 300 
SER OG   O  N N 301 
SER OXT  O  N N 302 
SER H    H  N N 303 
SER H2   H  N N 304 
SER HA   H  N N 305 
SER HB2  H  N N 306 
SER HB3  H  N N 307 
SER HG   H  N N 308 
SER HXT  H  N N 309 
THR N    N  N N 310 
THR CA   C  N S 311 
THR C    C  N N 312 
THR O    O  N N 313 
THR CB   C  N R 314 
THR OG1  O  N N 315 
THR CG2  C  N N 316 
THR OXT  O  N N 317 
THR H    H  N N 318 
THR H2   H  N N 319 
THR HA   H  N N 320 
THR HB   H  N N 321 
THR HG1  H  N N 322 
THR HG21 H  N N 323 
THR HG22 H  N N 324 
THR HG23 H  N N 325 
THR HXT  H  N N 326 
TRP N    N  N N 327 
TRP CA   C  N S 328 
TRP C    C  N N 329 
TRP O    O  N N 330 
TRP CB   C  N N 331 
TRP CG   C  Y N 332 
TRP CD1  C  Y N 333 
TRP CD2  C  Y N 334 
TRP NE1  N  Y N 335 
TRP CE2  C  Y N 336 
TRP CE3  C  Y N 337 
TRP CZ2  C  Y N 338 
TRP CZ3  C  Y N 339 
TRP CH2  C  Y N 340 
TRP OXT  O  N N 341 
TRP H    H  N N 342 
TRP H2   H  N N 343 
TRP HA   H  N N 344 
TRP HB2  H  N N 345 
TRP HB3  H  N N 346 
TRP HD1  H  N N 347 
TRP HE1  H  N N 348 
TRP HE3  H  N N 349 
TRP HZ2  H  N N 350 
TRP HZ3  H  N N 351 
TRP HH2  H  N N 352 
TRP HXT  H  N N 353 
TYR N    N  N N 354 
TYR CA   C  N S 355 
TYR C    C  N N 356 
TYR O    O  N N 357 
TYR CB   C  N N 358 
TYR CG   C  Y N 359 
TYR CD1  C  Y N 360 
TYR CD2  C  Y N 361 
TYR CE1  C  Y N 362 
TYR CE2  C  Y N 363 
TYR CZ   C  Y N 364 
TYR OH   O  N N 365 
TYR OXT  O  N N 366 
TYR H    H  N N 367 
TYR H2   H  N N 368 
TYR HA   H  N N 369 
TYR HB2  H  N N 370 
TYR HB3  H  N N 371 
TYR HD1  H  N N 372 
TYR HD2  H  N N 373 
TYR HE1  H  N N 374 
TYR HE2  H  N N 375 
TYR HH   H  N N 376 
TYR HXT  H  N N 377 
VAL N    N  N N 378 
VAL CA   C  N S 379 
VAL C    C  N N 380 
VAL O    O  N N 381 
VAL CB   C  N N 382 
VAL CG1  C  N N 383 
VAL CG2  C  N N 384 
VAL OXT  O  N N 385 
VAL H    H  N N 386 
VAL H2   H  N N 387 
VAL HA   H  N N 388 
VAL HB   H  N N 389 
VAL HG11 H  N N 390 
VAL HG12 H  N N 391 
VAL HG13 H  N N 392 
VAL HG21 H  N N 393 
VAL HG22 H  N N 394 
VAL HG23 H  N N 395 
VAL HXT  H  N N 396 
YMQ C12  C  Y N 397 
YMQ C22  C  N N 398 
YMQ C13  C  Y N 399 
YMQ C23  C  N N 400 
YMQ C15  C  Y N 401 
YMQ C16  C  Y N 402 
YMQ C17  C  Y N 403 
YMQ RU1  RU N N 404 
YMQ RU2  RU N N 405 
YMQ O1   O  N N 406 
YMQ O2   O  N N 407 
YMQ O3   O  N N 408 
YMQ O4   O  N N 409 
YMQ N2   N  N N 410 
YMQ N1   N  N N 411 
YMQ C1   C  N N 412 
YMQ C7   C  N N 413 
YMQ C3   C  N N 414 
YMQ C2   C  N N 415 
YMQ C20  C  Y N 416 
YMQ C9   C  Y N 417 
YMQ C10  C  Y N 418 
YMQ C8   C  Y N 419 
YMQ C11  C  Y N 420 
YMQ O7   O  N N 421 
YMQ C4   C  N N 422 
YMQ C18  C  Y N 423 
YMQ C19  C  Y N 424 
YMQ O8   O  N N 425 
YMQ H1   H  N N 426 
YMQ H2   H  N N 427 
YMQ H3   H  N N 428 
YMQ H4   H  N N 429 
YMQ H5   H  N N 430 
YMQ H6   H  N N 431 
YMQ H7   H  N N 432 
YMQ H8   H  N N 433 
YMQ H9   H  N N 434 
YMQ H10  H  N N 435 
YMQ H11  H  N N 436 
YMQ H12  H  N N 437 
YMQ H13  H  N N 438 
YMQ H14  H  N N 439 
YMQ H15  H  N N 440 
YMQ H16  H  N N 441 
YMQ H17  H  N N 442 
YMQ H18  H  N N 443 
YMQ H19  H  N N 444 
YMQ H20  H  N N 445 
YMQ H21  H  N N 446 
YMQ H22  H  N N 447 
YMQ H23  H  N N 448 
YMQ H24  H  N N 449 
# 
loop_
_chem_comp_bond.comp_id 
_chem_comp_bond.atom_id_1 
_chem_comp_bond.atom_id_2 
_chem_comp_bond.value_order 
_chem_comp_bond.pdbx_aromatic_flag 
_chem_comp_bond.pdbx_stereo_config 
_chem_comp_bond.pdbx_ordinal 
ALA N   CA   sing N N 1   
ALA N   H    sing N N 2   
ALA N   H2   sing N N 3   
ALA CA  C    sing N N 4   
ALA CA  CB   sing N N 5   
ALA CA  HA   sing N N 6   
ALA C   O    doub N N 7   
ALA C   OXT  sing N N 8   
ALA CB  HB1  sing N N 9   
ALA CB  HB2  sing N N 10  
ALA CB  HB3  sing N N 11  
ALA OXT HXT  sing N N 12  
ARG N   CA   sing N N 13  
ARG N   H    sing N N 14  
ARG N   H2   sing N N 15  
ARG CA  C    sing N N 16  
ARG CA  CB   sing N N 17  
ARG CA  HA   sing N N 18  
ARG C   O    doub N N 19  
ARG C   OXT  sing N N 20  
ARG CB  CG   sing N N 21  
ARG CB  HB2  sing N N 22  
ARG CB  HB3  sing N N 23  
ARG CG  CD   sing N N 24  
ARG CG  HG2  sing N N 25  
ARG CG  HG3  sing N N 26  
ARG CD  NE   sing N N 27  
ARG CD  HD2  sing N N 28  
ARG CD  HD3  sing N N 29  
ARG NE  CZ   sing N N 30  
ARG NE  HE   sing N N 31  
ARG CZ  NH1  sing N N 32  
ARG CZ  NH2  doub N N 33  
ARG NH1 HH11 sing N N 34  
ARG NH1 HH12 sing N N 35  
ARG NH2 HH21 sing N N 36  
ARG NH2 HH22 sing N N 37  
ARG OXT HXT  sing N N 38  
ASN N   CA   sing N N 39  
ASN N   H    sing N N 40  
ASN N   H2   sing N N 41  
ASN CA  C    sing N N 42  
ASN CA  CB   sing N N 43  
ASN CA  HA   sing N N 44  
ASN C   O    doub N N 45  
ASN C   OXT  sing N N 46  
ASN CB  CG   sing N N 47  
ASN CB  HB2  sing N N 48  
ASN CB  HB3  sing N N 49  
ASN CG  OD1  doub N N 50  
ASN CG  ND2  sing N N 51  
ASN ND2 HD21 sing N N 52  
ASN ND2 HD22 sing N N 53  
ASN OXT HXT  sing N N 54  
ASP N   CA   sing N N 55  
ASP N   H    sing N N 56  
ASP N   H2   sing N N 57  
ASP CA  C    sing N N 58  
ASP CA  CB   sing N N 59  
ASP CA  HA   sing N N 60  
ASP C   O    doub N N 61  
ASP C   OXT  sing N N 62  
ASP CB  CG   sing N N 63  
ASP CB  HB2  sing N N 64  
ASP CB  HB3  sing N N 65  
ASP CG  OD1  doub N N 66  
ASP CG  OD2  sing N N 67  
ASP OD2 HD2  sing N N 68  
ASP OXT HXT  sing N N 69  
CYS N   CA   sing N N 70  
CYS N   H    sing N N 71  
CYS N   H2   sing N N 72  
CYS CA  C    sing N N 73  
CYS CA  CB   sing N N 74  
CYS CA  HA   sing N N 75  
CYS C   O    doub N N 76  
CYS C   OXT  sing N N 77  
CYS CB  SG   sing N N 78  
CYS CB  HB2  sing N N 79  
CYS CB  HB3  sing N N 80  
CYS SG  HG   sing N N 81  
CYS OXT HXT  sing N N 82  
GLN N   CA   sing N N 83  
GLN N   H    sing N N 84  
GLN N   H2   sing N N 85  
GLN CA  C    sing N N 86  
GLN CA  CB   sing N N 87  
GLN CA  HA   sing N N 88  
GLN C   O    doub N N 89  
GLN C   OXT  sing N N 90  
GLN CB  CG   sing N N 91  
GLN CB  HB2  sing N N 92  
GLN CB  HB3  sing N N 93  
GLN CG  CD   sing N N 94  
GLN CG  HG2  sing N N 95  
GLN CG  HG3  sing N N 96  
GLN CD  OE1  doub N N 97  
GLN CD  NE2  sing N N 98  
GLN NE2 HE21 sing N N 99  
GLN NE2 HE22 sing N N 100 
GLN OXT HXT  sing N N 101 
GLU N   CA   sing N N 102 
GLU N   H    sing N N 103 
GLU N   H2   sing N N 104 
GLU CA  C    sing N N 105 
GLU CA  CB   sing N N 106 
GLU CA  HA   sing N N 107 
GLU C   O    doub N N 108 
GLU C   OXT  sing N N 109 
GLU CB  CG   sing N N 110 
GLU CB  HB2  sing N N 111 
GLU CB  HB3  sing N N 112 
GLU CG  CD   sing N N 113 
GLU CG  HG2  sing N N 114 
GLU CG  HG3  sing N N 115 
GLU CD  OE1  doub N N 116 
GLU CD  OE2  sing N N 117 
GLU OE2 HE2  sing N N 118 
GLU OXT HXT  sing N N 119 
GLY N   CA   sing N N 120 
GLY N   H    sing N N 121 
GLY N   H2   sing N N 122 
GLY CA  C    sing N N 123 
GLY CA  HA2  sing N N 124 
GLY CA  HA3  sing N N 125 
GLY C   O    doub N N 126 
GLY C   OXT  sing N N 127 
GLY OXT HXT  sing N N 128 
HIS N   CA   sing N N 129 
HIS N   H    sing N N 130 
HIS N   H2   sing N N 131 
HIS CA  C    sing N N 132 
HIS CA  CB   sing N N 133 
HIS CA  HA   sing N N 134 
HIS C   O    doub N N 135 
HIS C   OXT  sing N N 136 
HIS CB  CG   sing N N 137 
HIS CB  HB2  sing N N 138 
HIS CB  HB3  sing N N 139 
HIS CG  ND1  sing Y N 140 
HIS CG  CD2  doub Y N 141 
HIS ND1 CE1  doub Y N 142 
HIS ND1 HD1  sing N N 143 
HIS CD2 NE2  sing Y N 144 
HIS CD2 HD2  sing N N 145 
HIS CE1 NE2  sing Y N 146 
HIS CE1 HE1  sing N N 147 
HIS NE2 HE2  sing N N 148 
HIS OXT HXT  sing N N 149 
HOH O   H1   sing N N 150 
HOH O   H2   sing N N 151 
ILE N   CA   sing N N 152 
ILE N   H    sing N N 153 
ILE N   H2   sing N N 154 
ILE CA  C    sing N N 155 
ILE CA  CB   sing N N 156 
ILE CA  HA   sing N N 157 
ILE C   O    doub N N 158 
ILE C   OXT  sing N N 159 
ILE CB  CG1  sing N N 160 
ILE CB  CG2  sing N N 161 
ILE CB  HB   sing N N 162 
ILE CG1 CD1  sing N N 163 
ILE CG1 HG12 sing N N 164 
ILE CG1 HG13 sing N N 165 
ILE CG2 HG21 sing N N 166 
ILE CG2 HG22 sing N N 167 
ILE CG2 HG23 sing N N 168 
ILE CD1 HD11 sing N N 169 
ILE CD1 HD12 sing N N 170 
ILE CD1 HD13 sing N N 171 
ILE OXT HXT  sing N N 172 
LEU N   CA   sing N N 173 
LEU N   H    sing N N 174 
LEU N   H2   sing N N 175 
LEU CA  C    sing N N 176 
LEU CA  CB   sing N N 177 
LEU CA  HA   sing N N 178 
LEU C   O    doub N N 179 
LEU C   OXT  sing N N 180 
LEU CB  CG   sing N N 181 
LEU CB  HB2  sing N N 182 
LEU CB  HB3  sing N N 183 
LEU CG  CD1  sing N N 184 
LEU CG  CD2  sing N N 185 
LEU CG  HG   sing N N 186 
LEU CD1 HD11 sing N N 187 
LEU CD1 HD12 sing N N 188 
LEU CD1 HD13 sing N N 189 
LEU CD2 HD21 sing N N 190 
LEU CD2 HD22 sing N N 191 
LEU CD2 HD23 sing N N 192 
LEU OXT HXT  sing N N 193 
LYS N   CA   sing N N 194 
LYS N   H    sing N N 195 
LYS N   H2   sing N N 196 
LYS CA  C    sing N N 197 
LYS CA  CB   sing N N 198 
LYS CA  HA   sing N N 199 
LYS C   O    doub N N 200 
LYS C   OXT  sing N N 201 
LYS CB  CG   sing N N 202 
LYS CB  HB2  sing N N 203 
LYS CB  HB3  sing N N 204 
LYS CG  CD   sing N N 205 
LYS CG  HG2  sing N N 206 
LYS CG  HG3  sing N N 207 
LYS CD  CE   sing N N 208 
LYS CD  HD2  sing N N 209 
LYS CD  HD3  sing N N 210 
LYS CE  NZ   sing N N 211 
LYS CE  HE2  sing N N 212 
LYS CE  HE3  sing N N 213 
LYS NZ  HZ1  sing N N 214 
LYS NZ  HZ2  sing N N 215 
LYS NZ  HZ3  sing N N 216 
LYS OXT HXT  sing N N 217 
MET N   CA   sing N N 218 
MET N   H    sing N N 219 
MET N   H2   sing N N 220 
MET CA  C    sing N N 221 
MET CA  CB   sing N N 222 
MET CA  HA   sing N N 223 
MET C   O    doub N N 224 
MET C   OXT  sing N N 225 
MET CB  CG   sing N N 226 
MET CB  HB2  sing N N 227 
MET CB  HB3  sing N N 228 
MET CG  SD   sing N N 229 
MET CG  HG2  sing N N 230 
MET CG  HG3  sing N N 231 
MET SD  CE   sing N N 232 
MET CE  HE1  sing N N 233 
MET CE  HE2  sing N N 234 
MET CE  HE3  sing N N 235 
MET OXT HXT  sing N N 236 
NO3 N   O1   doub N N 237 
NO3 N   O2   sing N N 238 
NO3 N   O3   sing N N 239 
PHE N   CA   sing N N 240 
PHE N   H    sing N N 241 
PHE N   H2   sing N N 242 
PHE CA  C    sing N N 243 
PHE CA  CB   sing N N 244 
PHE CA  HA   sing N N 245 
PHE C   O    doub N N 246 
PHE C   OXT  sing N N 247 
PHE CB  CG   sing N N 248 
PHE CB  HB2  sing N N 249 
PHE CB  HB3  sing N N 250 
PHE CG  CD1  doub Y N 251 
PHE CG  CD2  sing Y N 252 
PHE CD1 CE1  sing Y N 253 
PHE CD1 HD1  sing N N 254 
PHE CD2 CE2  doub Y N 255 
PHE CD2 HD2  sing N N 256 
PHE CE1 CZ   doub Y N 257 
PHE CE1 HE1  sing N N 258 
PHE CE2 CZ   sing Y N 259 
PHE CE2 HE2  sing N N 260 
PHE CZ  HZ   sing N N 261 
PHE OXT HXT  sing N N 262 
PRO N   CA   sing N N 263 
PRO N   CD   sing N N 264 
PRO N   H    sing N N 265 
PRO CA  C    sing N N 266 
PRO CA  CB   sing N N 267 
PRO CA  HA   sing N N 268 
PRO C   O    doub N N 269 
PRO C   OXT  sing N N 270 
PRO CB  CG   sing N N 271 
PRO CB  HB2  sing N N 272 
PRO CB  HB3  sing N N 273 
PRO CG  CD   sing N N 274 
PRO CG  HG2  sing N N 275 
PRO CG  HG3  sing N N 276 
PRO CD  HD2  sing N N 277 
PRO CD  HD3  sing N N 278 
PRO OXT HXT  sing N N 279 
SER N   CA   sing N N 280 
SER N   H    sing N N 281 
SER N   H2   sing N N 282 
SER CA  C    sing N N 283 
SER CA  CB   sing N N 284 
SER CA  HA   sing N N 285 
SER C   O    doub N N 286 
SER C   OXT  sing N N 287 
SER CB  OG   sing N N 288 
SER CB  HB2  sing N N 289 
SER CB  HB3  sing N N 290 
SER OG  HG   sing N N 291 
SER OXT HXT  sing N N 292 
THR N   CA   sing N N 293 
THR N   H    sing N N 294 
THR N   H2   sing N N 295 
THR CA  C    sing N N 296 
THR CA  CB   sing N N 297 
THR CA  HA   sing N N 298 
THR C   O    doub N N 299 
THR C   OXT  sing N N 300 
THR CB  OG1  sing N N 301 
THR CB  CG2  sing N N 302 
THR CB  HB   sing N N 303 
THR OG1 HG1  sing N N 304 
THR CG2 HG21 sing N N 305 
THR CG2 HG22 sing N N 306 
THR CG2 HG23 sing N N 307 
THR OXT HXT  sing N N 308 
TRP N   CA   sing N N 309 
TRP N   H    sing N N 310 
TRP N   H2   sing N N 311 
TRP CA  C    sing N N 312 
TRP CA  CB   sing N N 313 
TRP CA  HA   sing N N 314 
TRP C   O    doub N N 315 
TRP C   OXT  sing N N 316 
TRP CB  CG   sing N N 317 
TRP CB  HB2  sing N N 318 
TRP CB  HB3  sing N N 319 
TRP CG  CD1  doub Y N 320 
TRP CG  CD2  sing Y N 321 
TRP CD1 NE1  sing Y N 322 
TRP CD1 HD1  sing N N 323 
TRP CD2 CE2  doub Y N 324 
TRP CD2 CE3  sing Y N 325 
TRP NE1 CE2  sing Y N 326 
TRP NE1 HE1  sing N N 327 
TRP CE2 CZ2  sing Y N 328 
TRP CE3 CZ3  doub Y N 329 
TRP CE3 HE3  sing N N 330 
TRP CZ2 CH2  doub Y N 331 
TRP CZ2 HZ2  sing N N 332 
TRP CZ3 CH2  sing Y N 333 
TRP CZ3 HZ3  sing N N 334 
TRP CH2 HH2  sing N N 335 
TRP OXT HXT  sing N N 336 
TYR N   CA   sing N N 337 
TYR N   H    sing N N 338 
TYR N   H2   sing N N 339 
TYR CA  C    sing N N 340 
TYR CA  CB   sing N N 341 
TYR CA  HA   sing N N 342 
TYR C   O    doub N N 343 
TYR C   OXT  sing N N 344 
TYR CB  CG   sing N N 345 
TYR CB  HB2  sing N N 346 
TYR CB  HB3  sing N N 347 
TYR CG  CD1  doub Y N 348 
TYR CG  CD2  sing Y N 349 
TYR CD1 CE1  sing Y N 350 
TYR CD1 HD1  sing N N 351 
TYR CD2 CE2  doub Y N 352 
TYR CD2 HD2  sing N N 353 
TYR CE1 CZ   doub Y N 354 
TYR CE1 HE1  sing N N 355 
TYR CE2 CZ   sing Y N 356 
TYR CE2 HE2  sing N N 357 
TYR CZ  OH   sing N N 358 
TYR OH  HH   sing N N 359 
TYR OXT HXT  sing N N 360 
VAL N   CA   sing N N 361 
VAL N   H    sing N N 362 
VAL N   H2   sing N N 363 
VAL CA  C    sing N N 364 
VAL CA  CB   sing N N 365 
VAL CA  HA   sing N N 366 
VAL C   O    doub N N 367 
VAL C   OXT  sing N N 368 
VAL CB  CG1  sing N N 369 
VAL CB  CG2  sing N N 370 
VAL CB  HB   sing N N 371 
VAL CG1 HG11 sing N N 372 
VAL CG1 HG12 sing N N 373 
VAL CG1 HG13 sing N N 374 
VAL CG2 HG21 sing N N 375 
VAL CG2 HG22 sing N N 376 
VAL CG2 HG23 sing N N 377 
VAL OXT HXT  sing N N 378 
YMQ C4  C3   sing N N 379 
YMQ O3  C3   sing N N 380 
YMQ O3  RU1  sing N N 381 
YMQ C3  O4   sing N N 382 
YMQ C23 O7   sing N N 383 
YMQ O1  RU1  sing N N 384 
YMQ O1  C1   sing N N 385 
YMQ RU1 N1   sing N N 386 
YMQ RU1 RU2  sing N N 387 
YMQ O7  C11  sing N N 388 
YMQ C10 C11  doub Y N 389 
YMQ C10 C9   sing Y N 390 
YMQ O4  RU2  sing N N 391 
YMQ C11 C12  sing Y N 392 
YMQ C9  C8   doub Y N 393 
YMQ C2  C1   sing N N 394 
YMQ C1  O2   sing N N 395 
YMQ C8  C13  sing Y N 396 
YMQ C8  N1   sing N N 397 
YMQ C12 C13  doub Y N 398 
YMQ N1  C7   sing N N 399 
YMQ O2  RU2  sing N N 400 
YMQ RU2 N2   sing N N 401 
YMQ C7  N2   sing N N 402 
YMQ N2  C15  sing N N 403 
YMQ C15 C16  doub Y N 404 
YMQ C15 C20  sing Y N 405 
YMQ C16 C17  sing Y N 406 
YMQ C20 C19  doub Y N 407 
YMQ C17 C18  doub Y N 408 
YMQ C19 C18  sing Y N 409 
YMQ C18 O8   sing N N 410 
YMQ O8  C22  sing N N 411 
YMQ C12 H1   sing N N 412 
YMQ C22 H2   sing N N 413 
YMQ C22 H3   sing N N 414 
YMQ C22 H4   sing N N 415 
YMQ C13 H5   sing N N 416 
YMQ C23 H6   sing N N 417 
YMQ C23 H7   sing N N 418 
YMQ C23 H8   sing N N 419 
YMQ C16 H9   sing N N 420 
YMQ C17 H10  sing N N 421 
YMQ C1  H11  sing N N 422 
YMQ C7  H12  sing N N 423 
YMQ C7  H13  sing N N 424 
YMQ C3  H14  sing N N 425 
YMQ C2  H15  sing N N 426 
YMQ C2  H16  sing N N 427 
YMQ C2  H17  sing N N 428 
YMQ C20 H18  sing N N 429 
YMQ C9  H19  sing N N 430 
YMQ C10 H20  sing N N 431 
YMQ C4  H21  sing N N 432 
YMQ C4  H22  sing N N 433 
YMQ C4  H23  sing N N 434 
YMQ C19 H24  sing N N 435 
# 
_pdbx_audit_support.funding_organization   'Not funded' 
_pdbx_audit_support.country                ? 
_pdbx_audit_support.grant_number           ? 
_pdbx_audit_support.ordinal                1 
# 
_pdbx_initial_refinement_model.id               1 
_pdbx_initial_refinement_model.entity_id_list   ? 
_pdbx_initial_refinement_model.type             'experimental model' 
_pdbx_initial_refinement_model.source_name      PDB 
_pdbx_initial_refinement_model.accession_code   193L 
_pdbx_initial_refinement_model.details          ? 
# 
_atom_sites.entry_id                    8PFV 
_atom_sites.Cartn_transf_matrix[1][1]   ? 
_atom_sites.Cartn_transf_matrix[1][2]   ? 
_atom_sites.Cartn_transf_matrix[1][3]   ? 
_atom_sites.Cartn_transf_matrix[2][1]   ? 
_atom_sites.Cartn_transf_matrix[2][2]   ? 
_atom_sites.Cartn_transf_matrix[2][3]   ? 
_atom_sites.Cartn_transf_matrix[3][1]   ? 
_atom_sites.Cartn_transf_matrix[3][2]   ? 
_atom_sites.Cartn_transf_matrix[3][3]   ? 
_atom_sites.Cartn_transf_vector[1]      ? 
_atom_sites.Cartn_transf_vector[2]      ? 
_atom_sites.Cartn_transf_vector[3]      ? 
_atom_sites.fract_transf_matrix[1][1]   0.00639639 
_atom_sites.fract_transf_matrix[1][2]   -0.00932012 
_atom_sites.fract_transf_matrix[1][3]   0.00592586 
_atom_sites.fract_transf_matrix[2][1]   0.00675472 
_atom_sites.fract_transf_matrix[2][2]   -0.00211668 
_atom_sites.fract_transf_matrix[2][3]   -0.01062015 
_atom_sites.fract_transf_matrix[3][1]   0.01818889 
_atom_sites.fract_transf_matrix[3][2]   0.01760728 
_atom_sites.fract_transf_matrix[3][3]   0.00805937 
_atom_sites.fract_transf_vector[1]      -0.257184 
_atom_sites.fract_transf_vector[2]      -0.012538 
_atom_sites.fract_transf_vector[3]      -0.244696 
_atom_sites.solution_primary            ? 
_atom_sites.solution_secondary          ? 
_atom_sites.solution_hydrogens          ? 
_atom_sites.special_details             ? 
# 
loop_
_atom_type.symbol 
_atom_type.pdbx_scat_Z 
_atom_type.pdbx_N_electrons 
_atom_type.scat_Cromer_Mann_a1 
_atom_type.scat_Cromer_Mann_b1 
_atom_type.scat_Cromer_Mann_a2 
_atom_type.scat_Cromer_Mann_b2 
_atom_type.scat_Cromer_Mann_a3 
_atom_type.scat_Cromer_Mann_b3 
_atom_type.scat_Cromer_Mann_a4 
_atom_type.scat_Cromer_Mann_b4 
_atom_type.scat_Cromer_Mann_c 
C  6  6  2.310  20.844 1.020  10.208 1.589 0.569  0.865 51.651  0.216   
CL 17 17 11.460 0.010  7.196  1.166  6.255 18.519 1.645 47.778  -9.338  
H  1  1  0.493  10.511 0.323  26.126 0.140 3.142  0.041 57.800  0.003   
N  7  7  12.222 0.006  3.135  9.893  2.014 28.997 1.167 0.583   -11.538 
NA 11 11 4.766  3.285  3.176  8.842  1.268 0.314  1.114 129.424 0.736   
O  8  8  3.049  13.277 2.287  5.701  1.546 0.324  0.867 32.909  0.251   
RU 44 44 19.269 0.809  12.920 8.435  4.864 24.800 1.568 94.293  4.690   
S  16 16 6.905  1.468  5.203  22.215 1.438 0.254  1.586 56.172  1.056   
# 
loop_
_atom_site.group_PDB 
_atom_site.id 
_atom_site.type_symbol 
_atom_site.label_atom_id 
_atom_site.label_alt_id 
_atom_site.label_comp_id 
_atom_site.label_asym_id 
_atom_site.label_entity_id 
_atom_site.label_seq_id 
_atom_site.pdbx_PDB_ins_code 
_atom_site.Cartn_x 
_atom_site.Cartn_y 
_atom_site.Cartn_z 
_atom_site.occupancy 
_atom_site.B_iso_or_equiv 
_atom_site.pdbx_formal_charge 
_atom_site.auth_seq_id 
_atom_site.auth_comp_id 
_atom_site.auth_asym_id 
_atom_site.auth_atom_id 
_atom_site.pdbx_PDB_model_num 
_atom_site.calc_flag 
ATOM   1    N  N   . LYS A 1 1   ? 1.302   -14.118 -0.914  1.000 22.050 0 1   LYS AAA N   1 ? 
ATOM   2    C  CA  . LYS A 1 1   ? -0.146  -14.391 -0.572  1.000 23.578 0 1   LYS AAA CA  1 ? 
ATOM   3    C  C   . LYS A 1 1   ? -0.999  -13.476 -1.438  1.000 21.580 0 1   LYS AAA C   1 ? 
ATOM   4    O  O   . LYS A 1 1   ? -0.703  -12.234 -1.514  1.000 21.947 0 1   LYS AAA O   1 ? 
ATOM   5    C  CB  . LYS A 1 1   ? -0.398  -14.135 0.911   1.000 24.404 0 1   LYS AAA CB  1 ? 
ATOM   6    C  CG  . LYS A 1 1   ? -1.873  -14.223 1.320   1.000 24.974 0 1   LYS AAA CG  1 ? 
ATOM   7    C  CD  A LYS A 1 1   ? -2.108  -14.104 2.785   0.450 27.244 0 1   LYS AAA CD  1 ? 
ATOM   8    C  CD  B LYS A 1 1   ? -2.067  -14.084 2.791   0.550 28.401 0 1   LYS AAA CD  1 ? 
ATOM   9    C  CE  A LYS A 1 1   ? -3.582  -14.227 3.114   0.450 27.818 0 1   LYS AAA CE  1 ? 
ATOM   10   C  CE  B LYS A 1 1   ? -3.526  -13.959 3.174   0.550 30.149 0 1   LYS AAA CE  1 ? 
ATOM   11   N  NZ  A LYS A 1 1   ? -3.805  -14.542 4.546   0.450 27.298 0 1   LYS AAA NZ  1 ? 
ATOM   12   N  NZ  B LYS A 1 1   ? -4.213  -15.274 3.174   0.550 30.924 0 1   LYS AAA NZ  1 ? 
ATOM   13   N  N   . VAL A 1 2   ? -1.979  -14.025 -2.151  1.000 22.344 0 2   VAL AAA N   1 ? 
ATOM   14   C  CA  . VAL A 1 2   ? -2.994  -13.241 -2.905  1.000 21.564 0 2   VAL AAA CA  1 ? 
ATOM   15   C  C   . VAL A 1 2   ? -4.223  -13.128 -2.003  1.000 22.171 0 2   VAL AAA C   1 ? 
ATOM   16   O  O   . VAL A 1 2   ? -4.844  -14.195 -1.675  1.000 22.919 0 2   VAL AAA O   1 ? 
ATOM   17   C  CB  . VAL A 1 2   ? -3.358  -13.778 -4.302  1.000 23.270 0 2   VAL AAA CB  1 ? 
ATOM   18   C  CG1 . VAL A 1 2   ? -4.415  -12.934 -4.979  1.000 26.129 0 2   VAL AAA CG1 1 ? 
ATOM   19   C  CG2 . VAL A 1 2   ? -2.145  -13.886 -5.226  1.000 23.041 0 2   VAL AAA CG2 1 ? 
ATOM   20   N  N   . PHE A 1 3   ? -4.526  -11.940 -1.466  1.000 20.482 0 3   PHE AAA N   1 ? 
ATOM   21   C  CA  . PHE A 1 3   ? -5.686  -11.772 -0.547  1.000 21.249 0 3   PHE AAA CA  1 ? 
ATOM   22   C  C   . PHE A 1 3   ? -6.975  -11.744 -1.343  1.000 22.440 0 3   PHE AAA C   1 ? 
ATOM   23   O  O   . PHE A 1 3   ? -7.024  -11.258 -2.431  1.000 21.340 0 3   PHE AAA O   1 ? 
ATOM   24   C  CB  . PHE A 1 3   ? -5.599  -10.458 0.226   1.000 22.684 0 3   PHE AAA CB  1 ? 
ATOM   25   C  CG  . PHE A 1 3   ? -4.736  -10.460 1.449   1.000 21.802 0 3   PHE AAA CG  1 ? 
ATOM   26   C  CD1 . PHE A 1 3   ? -3.347  -10.455 1.352   1.000 23.269 0 3   PHE AAA CD1 1 ? 
ATOM   27   C  CD2 . PHE A 1 3   ? -5.294  -10.569 2.720   1.000 22.251 0 3   PHE AAA CD2 1 ? 
ATOM   28   C  CE1 . PHE A 1 3   ? -2.542  -10.444 2.480   1.000 24.416 0 3   PHE AAA CE1 1 ? 
ATOM   29   C  CE2 . PHE A 1 3   ? -4.501  -10.550 3.843   1.000 22.198 0 3   PHE AAA CE2 1 ? 
ATOM   30   C  CZ  . PHE A 1 3   ? -3.119  -10.462 3.747   1.000 24.575 0 3   PHE AAA CZ  1 ? 
ATOM   31   N  N   . GLY A 1 4   ? -8.074  -12.234 -0.742  1.000 23.362 0 4   GLY AAA N   1 ? 
ATOM   32   C  CA  . GLY A 1 4   ? -9.381  -11.801 -1.189  1.000 22.406 0 4   GLY AAA CA  1 ? 
ATOM   33   C  C   . GLY A 1 4   ? -9.661  -10.348 -0.780  1.000 20.126 0 4   GLY AAA C   1 ? 
ATOM   34   O  O   . GLY A 1 4   ? -9.079  -9.859  0.209   1.000 21.029 0 4   GLY AAA O   1 ? 
ATOM   35   N  N   . ARG A 1 5   ? -10.617 -9.732  -1.444  1.000 23.871 0 5   ARG AAA N   1 ? 
ATOM   36   C  CA  . ARG A 1 5   ? -10.986 -8.313  -1.205  1.000 20.948 0 5   ARG AAA CA  1 ? 
ATOM   37   C  C   . ARG A 1 5   ? -11.372 -8.073  0.267   1.000 20.488 0 5   ARG AAA C   1 ? 
ATOM   38   O  O   . ARG A 1 5   ? -10.832 -7.247  0.983   1.000 21.384 0 5   ARG AAA O   1 ? 
ATOM   39   C  CB  . ARG A 1 5   ? -12.138 -8.004  -2.173  1.000 23.878 0 5   ARG AAA CB  1 ? 
ATOM   40   C  CG  . ARG A 1 5   ? -12.716 -6.611  -2.048  1.000 26.498 0 5   ARG AAA CG  1 ? 
ATOM   41   C  CD  . ARG A 1 5   ? -13.785 -6.395  -3.104  1.000 28.130 0 5   ARG AAA CD  1 ? 
ATOM   42   N  NE  . ARG A 1 5   ? -14.990 -7.212  -3.037  1.000 29.095 0 5   ARG AAA NE  1 ? 
ATOM   43   C  CZ  . ARG A 1 5   ? -16.036 -6.976  -2.249  1.000 26.707 0 5   ARG AAA CZ  1 ? 
ATOM   44   N  NH1 . ARG A 1 5   ? -16.041 -5.990  -1.363  1.000 26.134 0 5   ARG AAA NH1 1 ? 
ATOM   45   N  NH2 . ARG A 1 5   ? -17.082 -7.774  -2.322  1.000 32.730 0 5   ARG AAA NH2 1 ? 
ATOM   46   N  N   . CYS A 1 6   ? -12.341 -8.852  0.766   1.000 23.951 0 6   CYS AAA N   1 ? 
ATOM   47   C  CA  . CYS A 1 6   ? -12.842 -8.633  2.138   1.000 22.556 0 6   CYS AAA CA  1 ? 
ATOM   48   C  C   . CYS A 1 6   ? -11.819 -9.119  3.166   1.000 20.287 0 6   CYS AAA C   1 ? 
ATOM   49   O  O   . CYS A 1 6   ? -11.745 -8.584  4.240   1.000 23.144 0 6   CYS AAA O   1 ? 
ATOM   50   C  CB  . CYS A 1 6   ? -14.197 -9.319  2.373   1.000 22.293 0 6   CYS AAA CB  1 ? 
ATOM   51   S  SG  . CYS A 1 6   ? -15.547 -8.654  1.374   1.000 26.264 0 6   CYS AAA SG  1 ? 
ATOM   52   N  N   . GLU A 1 7   ? -11.021 -10.127 2.832   1.000 21.276 0 7   GLU AAA N   1 ? 
ATOM   53   C  CA  . GLU A 1 7   ? -9.937  -10.578 3.722   1.000 22.092 0 7   GLU AAA CA  1 ? 
ATOM   54   C  C   . GLU A 1 7   ? -8.928  -9.440  3.901   1.000 20.361 0 7   GLU AAA C   1 ? 
ATOM   55   O  O   . GLU A 1 7   ? -8.509  -9.136  5.029   1.000 20.141 0 7   GLU AAA O   1 ? 
ATOM   56   C  CB  . GLU A 1 7   ? -9.283  -11.821 3.119   1.000 27.204 0 7   GLU AAA CB  1 ? 
ATOM   57   C  CG  . GLU A 1 7   ? -8.201  -12.399 3.991   1.000 26.799 0 7   GLU AAA CG  1 ? 
ATOM   58   C  CD  . GLU A 1 7   ? -7.374  -13.465 3.277   1.000 30.149 0 7   GLU AAA CD  1 ? 
ATOM   59   O  OE1 . GLU A 1 7   ? -7.474  -13.604 2.002   1.000 29.076 0 7   GLU AAA OE1 1 ? 
ATOM   60   O  OE2 . GLU A 1 7   ? -6.646  -14.135 3.999   1.000 32.353 0 7   GLU AAA OE2 1 ? 
ATOM   61   N  N   . LEU A 1 8   ? -8.529  -8.811  2.783   1.000 20.208 0 8   LEU AAA N   1 ? 
ATOM   62   C  CA  . LEU A 1 8   ? -7.614  -7.663  2.884   1.000 20.404 0 8   LEU AAA CA  1 ? 
ATOM   63   C  C   . LEU A 1 8   ? -8.276  -6.489  3.624   1.000 19.031 0 8   LEU AAA C   1 ? 
ATOM   64   O  O   . LEU A 1 8   ? -7.622  -5.873  4.441   1.000 19.631 0 8   LEU AAA O   1 ? 
ATOM   65   C  CB  . LEU A 1 8   ? -7.160  -7.246  1.483   1.000 19.886 0 8   LEU AAA CB  1 ? 
ATOM   66   C  CG  . LEU A 1 8   ? -6.101  -6.171  1.554   1.000 21.717 0 8   LEU AAA CG  1 ? 
ATOM   67   C  CD1 . LEU A 1 8   ? -4.861  -6.619  2.309   1.000 22.780 0 8   LEU AAA CD1 1 ? 
ATOM   68   C  CD2 . LEU A 1 8   ? -5.720  -5.728  0.152   1.000 22.521 0 8   LEU AAA CD2 1 ? 
ATOM   69   N  N   . ALA A 1 9   ? -9.548  -6.204  3.349   1.000 19.648 0 9   ALA AAA N   1 ? 
ATOM   70   C  CA  . ALA A 1 9   ? -10.251 -5.097  4.043   1.000 19.616 0 9   ALA AAA CA  1 ? 
ATOM   71   C  C   . ALA A 1 9   ? -10.201 -5.368  5.562   1.000 19.338 0 9   ALA AAA C   1 ? 
ATOM   72   O  O   . ALA A 1 9   ? -9.890  -4.459  6.343   1.000 20.348 0 9   ALA AAA O   1 ? 
ATOM   73   C  CB  . ALA A 1 9   ? -11.655 -4.951  3.529   1.000 19.590 0 9   ALA AAA CB  1 ? 
ATOM   74   N  N   . ALA A 1 10  ? -10.431 -6.616  5.984   1.000 19.440 0 10  ALA AAA N   1 ? 
ATOM   75   C  CA  . ALA A 1 10  ? -10.400 -6.913  7.435   1.000 20.460 0 10  ALA AAA CA  1 ? 
ATOM   76   C  C   . ALA A 1 10  ? -9.002  -6.766  7.992   1.000 19.627 0 10  ALA AAA C   1 ? 
ATOM   77   O  O   . ALA A 1 10  ? -8.830  -6.226  9.083   1.000 22.082 0 10  ALA AAA O   1 ? 
ATOM   78   C  CB  . ALA A 1 10  ? -10.954 -8.298  7.717   1.000 23.122 0 10  ALA AAA CB  1 ? 
ATOM   79   N  N   . ALA A 1 11  ? -7.980  -7.251  7.278   1.000 20.416 0 11  ALA AAA N   1 ? 
ATOM   80   C  CA  . ALA A 1 11  ? -6.607  -7.119  7.750   1.000 20.613 0 11  ALA AAA CA  1 ? 
ATOM   81   C  C   . ALA A 1 11  ? -6.195  -5.643  7.854   1.000 21.258 0 11  ALA AAA C   1 ? 
ATOM   82   O  O   . ALA A 1 11  ? -5.556  -5.227  8.819   1.000 20.580 0 11  ALA AAA O   1 ? 
ATOM   83   C  CB  . ALA A 1 11  ? -5.690  -7.888  6.840   1.000 24.072 0 11  ALA AAA CB  1 ? 
ATOM   84   N  N   . MET A 1 12  ? -6.577  -4.841  6.863   1.000 21.444 0 12  MET AAA N   1 ? 
ATOM   85   C  CA  . MET A 1 12  ? -6.225  -3.391  6.903   1.000 20.280 0 12  MET AAA CA  1 ? 
ATOM   86   C  C   . MET A 1 12  ? -6.946  -2.698  8.074   1.000 20.543 0 12  MET AAA C   1 ? 
ATOM   87   O  O   . MET A 1 12  ? -6.325  -1.829  8.687   1.000 22.021 0 12  MET AAA O   1 ? 
ATOM   88   C  CB  . MET A 1 12  ? -6.594  -2.757  5.558   1.000 19.943 0 12  MET AAA CB  1 ? 
ATOM   89   C  CG  . MET A 1 12  ? -5.633  -3.152  4.461   1.000 18.761 0 12  MET AAA CG  1 ? 
ATOM   90   S  SD  . MET A 1 12  ? -6.177  -2.389  2.925   1.000 20.042 0 12  MET AAA SD  1 ? 
ATOM   91   C  CE  . MET A 1 12  ? -4.601  -2.315  2.090   1.000 19.396 0 12  MET AAA CE  1 ? 
ATOM   92   N  N   . LYS A 1 13  ? -8.223  -3.060  8.311   1.000 20.495 0 13  LYS AAA N   1 ? 
ATOM   93   C  CA  . LYS A 1 13  ? -8.995  -2.470  9.437   1.000 23.006 0 13  LYS AAA CA  1 ? 
ATOM   94   C  C   . LYS A 1 13  ? -8.340  -2.858  10.771  1.000 21.797 0 13  LYS AAA C   1 ? 
ATOM   95   O  O   . LYS A 1 13  ? -8.205  -1.986  11.646  1.000 22.530 0 13  LYS AAA O   1 ? 
ATOM   96   C  CB  . LYS A 1 13  ? -10.425 -2.958  9.337   1.000 24.793 0 13  LYS AAA CB  1 ? 
ATOM   97   C  CG  . LYS A 1 13  ? -11.321 -2.424  10.448  1.000 31.953 0 13  LYS AAA CG  1 ? 
ATOM   98   C  CD  . LYS A 1 13  ? -12.776 -2.603  10.135  1.000 36.858 0 13  LYS AAA CD  1 ? 
ATOM   99   C  CE  . LYS A 1 13  ? -13.560 -1.317  10.308  1.000 47.520 0 13  LYS AAA CE  1 ? 
ATOM   100  N  NZ  . LYS A 1 13  ? -13.403 -0.764  11.672  1.000 49.832 0 13  LYS AAA NZ  1 ? 
ATOM   101  N  N   . ARG A 1 14  ? -7.931  -4.113  10.925  1.000 21.428 0 14  ARG AAA N   1 ? 
ATOM   102  C  CA  . ARG A 1 14  ? -7.301  -4.569  12.191  1.000 22.538 0 14  ARG AAA CA  1 ? 
ATOM   103  C  C   . ARG A 1 14  ? -5.990  -3.826  12.424  1.000 23.209 0 14  ARG AAA C   1 ? 
ATOM   104  O  O   . ARG A 1 14  ? -5.667  -3.564  13.578  1.000 28.709 0 14  ARG AAA O   1 ? 
ATOM   105  C  CB  . ARG A 1 14  ? -7.128  -6.094  12.119  1.000 25.945 0 14  ARG AAA CB  1 ? 
ATOM   106  C  CG  . ARG A 1 14  ? -6.216  -6.661  13.194  1.000 33.216 0 14  ARG AAA CG  1 ? 
ATOM   107  C  CD  . ARG A 1 14  ? -6.293  -8.175  13.132  1.000 35.301 0 14  ARG AAA CD  1 ? 
ATOM   108  N  NE  . ARG A 1 14  ? -5.382  -8.726  12.149  1.000 41.179 0 14  ARG AAA NE  1 ? 
ATOM   109  C  CZ  . ARG A 1 14  ? -4.076  -8.914  12.362  1.000 38.676 0 14  ARG AAA CZ  1 ? 
ATOM   110  N  NH1 . ARG A 1 14  ? -3.528  -8.610  13.531  1.000 44.345 0 14  ARG AAA NH1 1 ? 
ATOM   111  N  NH2 . ARG A 1 14  ? -3.333  -9.448  11.416  1.000 45.218 0 14  ARG AAA NH2 1 ? 
ATOM   112  N  N   . HIS A 1 15  ? -5.230  -3.447  11.373  1.000 22.129 0 15  HIS AAA N   1 ? 
ATOM   113  C  CA  . HIS A 1 15  ? -3.940  -2.721  11.459  1.000 23.235 0 15  HIS AAA CA  1 ? 
ATOM   114  C  C   . HIS A 1 15  ? -4.116  -1.191  11.496  1.000 23.859 0 15  HIS AAA C   1 ? 
ATOM   115  O  O   . HIS A 1 15  ? -3.110  -0.524  11.425  1.000 27.908 0 15  HIS AAA O   1 ? 
ATOM   116  C  CB  . HIS A 1 15  ? -3.014  -3.139  10.309  1.000 25.715 0 15  HIS AAA CB  1 ? 
ATOM   117  C  CG  . HIS A 1 15  ? -2.394  -4.464  10.535  1.000 27.328 0 15  HIS AAA CG  1 ? 
ATOM   118  N  ND1 . HIS A 1 15  ? -2.888  -5.642  10.002  1.000 30.709 0 15  HIS AAA ND1 1 ? 
ATOM   119  C  CD2 . HIS A 1 15  ? -1.288  -4.797  11.216  1.000 30.832 0 15  HIS AAA CD2 1 ? 
ATOM   120  C  CE1 . HIS A 1 15  ? -2.109  -6.637  10.401  1.000 29.381 0 15  HIS AAA CE1 1 ? 
ATOM   121  N  NE2 . HIS A 1 15  ? -1.158  -6.146  11.108  1.000 32.446 0 15  HIS AAA NE2 1 ? 
ATOM   122  N  N   . GLY A 1 16  ? -5.351  -0.687  11.585  1.000 23.809 0 16  GLY AAA N   1 ? 
ATOM   123  C  CA  . GLY A 1 16  ? -5.599  0.736   11.916  1.000 24.819 0 16  GLY AAA CA  1 ? 
ATOM   124  C  C   . GLY A 1 16  ? -5.675  1.629   10.677  1.000 24.396 0 16  GLY AAA C   1 ? 
ATOM   125  O  O   . GLY A 1 16  ? -5.523  2.857   10.835  1.000 25.695 0 16  GLY AAA O   1 ? 
ATOM   126  N  N   . LEU A 1 17  ? -5.891  1.085   9.470   1.000 23.686 0 17  LEU AAA N   1 ? 
ATOM   127  C  CA  . LEU A 1 17  ? -5.974  1.977   8.262   1.000 23.054 0 17  LEU AAA CA  1 ? 
ATOM   128  C  C   . LEU A 1 17  ? -7.360  2.606   8.039   1.000 23.948 0 17  LEU AAA C   1 ? 
ATOM   129  O  O   . LEU A 1 17  ? -7.447  3.598   7.236   1.000 22.505 0 17  LEU AAA O   1 ? 
ATOM   130  C  CB  . LEU A 1 17  ? -5.579  1.201   7.001   1.000 21.326 0 17  LEU AAA CB  1 ? 
ATOM   131  C  CG  . LEU A 1 17  ? -4.091  0.961   6.792   1.000 22.037 0 17  LEU AAA CG  1 ? 
ATOM   132  C  CD1 . LEU A 1 17  ? -3.870  0.242   5.483   1.000 21.434 0 17  LEU AAA CD1 1 ? 
ATOM   133  C  CD2 . LEU A 1 17  ? -3.234  2.225   6.779   1.000 24.023 0 17  LEU AAA CD2 1 ? 
ATOM   134  N  N   . ASP A 1 18  ? -8.455  2.126   8.624   1.000 22.213 0 18  ASP AAA N   1 ? 
ATOM   135  C  CA  . ASP A 1 18  ? -9.814  2.657   8.335   1.000 25.156 0 18  ASP AAA CA  1 ? 
ATOM   136  C  C   . ASP A 1 18  ? -9.862  4.086   8.873   1.000 25.532 0 18  ASP AAA C   1 ? 
ATOM   137  O  O   . ASP A 1 18  ? -9.705  4.241   10.077  1.000 28.967 0 18  ASP AAA O   1 ? 
ATOM   138  C  CB  . ASP A 1 18  ? -10.968 1.835   8.919   1.000 26.058 0 18  ASP AAA CB  1 ? 
ATOM   139  C  CG  . ASP A 1 18  ? -12.342 2.280   8.413   1.000 31.381 0 18  ASP AAA CG  1 ? 
ATOM   140  O  OD1 . ASP A 1 18  ? -12.456 3.090   7.408   1.000 30.997 0 18  ASP AAA OD1 1 ? 
ATOM   141  O  OD2 . ASP A 1 18  ? -13.328 1.777   8.984   1.000 40.979 0 18  ASP AAA OD2 1 ? 
ATOM   142  N  N   . ASN A 1 19  ? -9.972  5.081   7.992   1.000 22.575 0 19  ASN AAA N   1 ? 
ATOM   143  C  CA  . ASN A 1 19  ? -9.988  6.529   8.290   1.000 23.486 0 19  ASN AAA CA  1 ? 
ATOM   144  C  C   . ASN A 1 19  ? -8.650  7.012   8.808   1.000 21.527 0 19  ASN AAA C   1 ? 
ATOM   145  O  O   . ASN A 1 19  ? -8.531  8.137   9.359   1.000 23.977 0 19  ASN AAA O   1 ? 
ATOM   146  C  CB  . ASN A 1 19  ? -11.214 6.873   9.144   1.000 28.621 0 19  ASN AAA CB  1 ? 
ATOM   147  C  CG  . ASN A 1 19  ? -12.356 7.110   8.191   1.000 39.342 0 19  ASN AAA CG  1 ? 
ATOM   148  O  OD1 . ASN A 1 19  ? -13.326 6.363   8.209   1.000 53.706 0 19  ASN AAA OD1 1 ? 
ATOM   149  N  ND2 . ASN A 1 19  ? -12.171 8.072   7.287   1.000 40.341 0 19  ASN AAA ND2 1 ? 
ATOM   150  N  N   . TYR A 1 20  ? -7.586  6.288   8.519   1.000 20.599 0 20  TYR AAA N   1 ? 
ATOM   151  C  CA  . TYR A 1 20  ? -6.222  6.733   8.849   1.000 20.695 0 20  TYR AAA CA  1 ? 
ATOM   152  C  C   . TYR A 1 20  ? -5.912  7.965   7.989   1.000 21.899 0 20  TYR AAA C   1 ? 
ATOM   153  O  O   . TYR A 1 20  ? -6.032  7.898   6.741   1.000 20.808 0 20  TYR AAA O   1 ? 
ATOM   154  C  CB  . TYR A 1 20  ? -5.137  5.683   8.600   1.000 21.454 0 20  TYR AAA CB  1 ? 
ATOM   155  C  CG  . TYR A 1 20  ? -3.830  6.074   9.211   1.000 20.705 0 20  TYR AAA CG  1 ? 
ATOM   156  C  CD1 . TYR A 1 20  ? -3.572  5.786   10.556  1.000 21.950 0 20  TYR AAA CD1 1 ? 
ATOM   157  C  CD2 . TYR A 1 20  ? -2.859  6.806   8.536   1.000 21.099 0 20  TYR AAA CD2 1 ? 
ATOM   158  C  CE1 . TYR A 1 20  ? -2.392  6.201   11.172  1.000 24.775 0 20  TYR AAA CE1 1 ? 
ATOM   159  C  CE2 . TYR A 1 20  ? -1.667  7.190   9.118   1.000 22.618 0 20  TYR AAA CE2 1 ? 
ATOM   160  C  CZ  . TYR A 1 20  ? -1.438  6.904   10.453  1.000 24.237 0 20  TYR AAA CZ  1 ? 
ATOM   161  O  OH  . TYR A 1 20  ? -0.251  7.317   10.969  1.000 30.333 0 20  TYR AAA OH  1 ? 
ATOM   162  N  N   . ARG A 1 21  ? -5.647  9.090   8.642   1.000 23.029 0 21  ARG AAA N   1 ? 
ATOM   163  C  CA  . ARG A 1 21  ? -5.451  10.426  8.014   1.000 25.646 0 21  ARG AAA CA  1 ? 
ATOM   164  C  C   . ARG A 1 21  ? -6.643  10.757  7.121   1.000 23.180 0 21  ARG AAA C   1 ? 
ATOM   165  O  O   . ARG A 1 21  ? -6.455  11.520  6.144   1.000 24.666 0 21  ARG AAA O   1 ? 
ATOM   166  C  CB  . ARG A 1 21  ? -4.093  10.523  7.313   1.000 29.830 0 21  ARG AAA CB  1 ? 
ATOM   167  C  CG  . ARG A 1 21  ? -3.041  11.285  8.108   1.000 42.777 0 21  ARG AAA CG  1 ? 
ATOM   168  C  CD  . ARG A 1 21  ? -1.962  11.701  7.128   1.000 48.680 0 21  ARG AAA CD  1 ? 
ATOM   169  N  NE  . ARG A 1 21  ? -1.376  13.032  7.283   1.000 47.584 0 21  ARG AAA NE  1 ? 
ATOM   170  C  CZ  . ARG A 1 21  ? -1.187  13.913  6.290   1.000 53.275 0 21  ARG AAA CZ  1 ? 
ATOM   171  N  NH1 . ARG A 1 21  ? -1.612  13.675  5.048   1.000 41.800 0 21  ARG AAA NH1 1 ? 
ATOM   172  N  NH2 . ARG A 1 21  ? -0.584  15.060  6.567   1.000 54.050 0 21  ARG AAA NH2 1 ? 
ATOM   173  N  N   . GLY A 1 22  ? -7.815  10.313  7.504   1.000 21.216 0 22  GLY AAA N   1 ? 
ATOM   174  C  CA  . GLY A 1 22  ? -9.112  10.614  6.894   1.000 22.317 0 22  GLY AAA CA  1 ? 
ATOM   175  C  C   . GLY A 1 22  ? -9.418  9.780   5.670   1.000 20.814 0 22  GLY AAA C   1 ? 
ATOM   176  O  O   . GLY A 1 22  ? -10.450 10.035  5.046   1.000 22.073 0 22  GLY AAA O   1 ? 
ATOM   177  N  N   . TYR A 1 23  ? -8.609  8.751   5.371   1.000 19.770 0 23  TYR AAA N   1 ? 
ATOM   178  C  CA  . TYR A 1 23  ? -8.867  7.896   4.197   1.000 17.786 0 23  TYR AAA CA  1 ? 
ATOM   179  C  C   . TYR A 1 23  ? -9.648  6.664   4.626   1.000 16.558 0 23  TYR AAA C   1 ? 
ATOM   180  O  O   . TYR A 1 23  ? -9.059  5.800   5.330   1.000 17.981 0 23  TYR AAA O   1 ? 
ATOM   181  C  CB  . TYR A 1 23  ? -7.557  7.519   3.504   1.000 17.266 0 23  TYR AAA CB  1 ? 
ATOM   182  C  CG  . TYR A 1 23  ? -6.884  8.692   2.885   1.000 15.569 0 23  TYR AAA CG  1 ? 
ATOM   183  C  CD1 . TYR A 1 23  ? -7.181  9.099   1.587   1.000 15.440 0 23  TYR AAA CD1 1 ? 
ATOM   184  C  CD2 . TYR A 1 23  ? -5.944  9.437   3.590   1.000 16.980 0 23  TYR AAA CD2 1 ? 
ATOM   185  C  CE1 . TYR A 1 23  ? -6.570  10.181  0.997   1.000 15.536 0 23  TYR AAA CE1 1 ? 
ATOM   186  C  CE2 . TYR A 1 23  ? -5.330  10.539  3.018   1.000 15.109 0 23  TYR AAA CE2 1 ? 
ATOM   187  C  CZ  . TYR A 1 23  ? -5.637  10.925  1.720   1.000 15.460 0 23  TYR AAA CZ  1 ? 
ATOM   188  O  OH  . TYR A 1 23  ? -5.036  12.019  1.108   1.000 16.851 0 23  TYR AAA OH  1 ? 
ATOM   189  N  N   . SER A 1 24  ? -10.885 6.575   4.160   1.000 18.731 0 24  SER AAA N   1 ? 
ATOM   190  C  CA  . SER A 1 24  ? -11.782 5.431   4.471   1.000 17.792 0 24  SER AAA CA  1 ? 
ATOM   191  C  C   . SER A 1 24  ? -11.121 4.131   4.006   1.000 19.502 0 24  SER AAA C   1 ? 
ATOM   192  O  O   . SER A 1 24  ? -10.313 4.129   3.039   1.000 19.551 0 24  SER AAA O   1 ? 
ATOM   193  C  CB  . SER A 1 24  ? -13.143 5.583   3.867   1.000 19.374 0 24  SER AAA CB  1 ? 
ATOM   194  O  OG  . SER A 1 24  ? -13.050 5.545   2.451   1.000 23.138 0 24  SER AAA OG  1 ? 
ATOM   195  N  N   . LEU A 1 25  ? -11.482 3.014   4.641   1.000 18.720 0 25  LEU AAA N   1 ? 
ATOM   196  C  CA  . LEU A 1 25  ? -10.971 1.678   4.265   1.000 17.627 0 25  LEU AAA CA  1 ? 
ATOM   197  C  C   . LEU A 1 25  ? -11.098 1.430   2.765   1.000 17.925 0 25  LEU AAA C   1 ? 
ATOM   198  O  O   . LEU A 1 25  ? -10.135 0.819   2.187   1.000 17.431 0 25  LEU AAA O   1 ? 
ATOM   199  C  CB  . LEU A 1 25  ? -11.769 0.659   5.073   1.000 19.590 0 25  LEU AAA CB  1 ? 
ATOM   200  C  CG  . LEU A 1 25  ? -11.206 -0.760  5.055   1.000 18.946 0 25  LEU AAA CG  1 ? 
ATOM   201  C  CD1 . LEU A 1 25  ? -9.766  -0.783  5.543   1.000 20.978 0 25  LEU AAA CD1 1 ? 
ATOM   202  C  CD2 . LEU A 1 25  ? -12.076 -1.607  5.985   1.000 19.727 0 25  LEU AAA CD2 1 ? 
ATOM   203  N  N   . GLY A 1 26  ? -12.184 1.759   2.086   1.000 17.395 0 26  GLY AAA N   1 ? 
ATOM   204  C  CA  . GLY A 1 26  ? -12.319 1.481   0.646   1.000 15.885 0 26  GLY AAA CA  1 ? 
ATOM   205  C  C   . GLY A 1 26  ? -11.218 2.120   -0.192  1.000 15.863 0 26  GLY AAA C   1 ? 
ATOM   206  O  O   . GLY A 1 26  ? -10.824 1.586   -1.225  1.000 16.966 0 26  GLY AAA O   1 ? 
ATOM   207  N  N   . ASN A 1 27  ? -10.709 3.268   0.201   1.000 16.310 0 27  ASN AAA N   1 ? 
ATOM   208  C  CA  . ASN A 1 27  ? -9.554  3.909   -0.486  1.000 15.573 0 27  ASN AAA CA  1 ? 
ATOM   209  C  C   . ASN A 1 27  ? -8.322  3.006   -0.427  1.000 15.515 0 27  ASN AAA C   1 ? 
ATOM   210  O  O   . ASN A 1 27  ? -7.650  2.861   -1.422  1.000 15.752 0 27  ASN AAA O   1 ? 
ATOM   211  C  CB  . ASN A 1 27  ? -9.212  5.240   0.167   1.000 15.454 0 27  ASN AAA CB  1 ? 
ATOM   212  C  CG  . ASN A 1 27  ? -10.139 6.357   -0.241  1.000 16.173 0 27  ASN AAA CG  1 ? 
ATOM   213  O  OD1 . ASN A 1 27  ? -10.055 6.828   -1.364  1.000 15.959 0 27  ASN AAA OD1 1 ? 
ATOM   214  N  ND2 . ASN A 1 27  ? -11.030 6.760   0.663   1.000 19.745 0 27  ASN AAA ND2 1 ? 
ATOM   215  N  N   . TRP A 1 28  ? -8.010  2.429   0.730   1.000 17.096 0 28  TRP AAA N   1 ? 
ATOM   216  C  CA  . TRP A 1 28  ? -6.831  1.550   0.903   1.000 15.679 0 28  TRP AAA CA  1 ? 
ATOM   217  C  C   . TRP A 1 28  ? -7.040  0.273   0.082   1.000 14.337 0 28  TRP AAA C   1 ? 
ATOM   218  O  O   . TRP A 1 28  ? -6.107  -0.248  -0.487  1.000 15.661 0 28  TRP AAA O   1 ? 
ATOM   219  C  CB  . TRP A 1 28  ? -6.631  1.244   2.386   1.000 16.270 0 28  TRP AAA CB  1 ? 
ATOM   220  C  CG  . TRP A 1 28  ? -6.296  2.450   3.172   1.000 16.193 0 28  TRP AAA CG  1 ? 
ATOM   221  C  CD1 . TRP A 1 28  ? -7.133  3.197   3.961   1.000 17.601 0 28  TRP AAA CD1 1 ? 
ATOM   222  C  CD2 . TRP A 1 28  ? -5.045  3.174   3.144   1.000 16.804 0 28  TRP AAA CD2 1 ? 
ATOM   223  N  NE1 . TRP A 1 28  ? -6.471  4.275   4.461   1.000 16.999 0 28  TRP AAA NE1 1 ? 
ATOM   224  C  CE2 . TRP A 1 28  ? -5.174  4.293   3.974   1.000 17.406 0 28  TRP AAA CE2 1 ? 
ATOM   225  C  CE3 . TRP A 1 28  ? -3.797  2.922   2.523   1.000 17.959 0 28  TRP AAA CE3 1 ? 
ATOM   226  C  CZ2 . TRP A 1 28  ? -4.087  5.134   4.220   1.000 19.557 0 28  TRP AAA CZ2 1 ? 
ATOM   227  C  CZ3 . TRP A 1 28  ? -2.756  3.790   2.728   1.000 19.141 0 28  TRP AAA CZ3 1 ? 
ATOM   228  C  CH2 . TRP A 1 28  ? -2.908  4.888   3.581   1.000 19.481 0 28  TRP AAA CH2 1 ? 
ATOM   229  N  N   . VAL A 1 29  ? -8.246  -0.315  0.098   1.000 15.120 0 29  VAL AAA N   1 ? 
ATOM   230  C  CA  . VAL A 1 29  ? -8.513  -1.585  -0.636  1.000 14.750 0 29  VAL AAA CA  1 ? 
ATOM   231  C  C   . VAL A 1 29  ? -8.417  -1.299  -2.130  1.000 16.284 0 29  VAL AAA C   1 ? 
ATOM   232  O  O   . VAL A 1 29  ? -7.786  -2.088  -2.896  1.000 16.224 0 29  VAL AAA O   1 ? 
ATOM   233  C  CB  . VAL A 1 29  ? -9.888  -2.194  -0.235  1.000 16.133 0 29  VAL AAA CB  1 ? 
ATOM   234  C  CG1 . VAL A 1 29  ? -10.226 -3.419  -1.063  1.000 16.259 0 29  VAL AAA CG1 1 ? 
ATOM   235  C  CG2 . VAL A 1 29  ? -9.891  -2.527  1.261   1.000 17.649 0 29  VAL AAA CG2 1 ? 
ATOM   236  N  N   . CYS A 1 30  ? -8.983  -0.204  -2.624  1.000 15.401 0 30  CYS AAA N   1 ? 
ATOM   237  C  CA  . CYS A 1 30  ? -8.933  0.206   -4.042  1.000 15.206 0 30  CYS AAA CA  1 ? 
ATOM   238  C  C   . CYS A 1 30  ? -7.460  0.426   -4.416  1.000 16.385 0 30  CYS AAA C   1 ? 
ATOM   239  O  O   . CYS A 1 30  ? -7.033  -0.069  -5.484  1.000 15.980 0 30  CYS AAA O   1 ? 
ATOM   240  C  CB  . CYS A 1 30  ? -9.767  1.480   -4.218  1.000 16.081 0 30  CYS AAA CB  1 ? 
ATOM   241  S  SG  . CYS A 1 30  ? -9.848  2.034   -5.935  1.000 16.922 0 30  CYS AAA SG  1 ? 
ATOM   242  N  N   . ALA A 1 31  ? -6.673  1.083   -3.575  1.000 14.555 0 31  ALA AAA N   1 ? 
ATOM   243  C  CA  . ALA A 1 31  ? -5.234  1.331   -3.890  1.000 15.392 0 31  ALA AAA CA  1 ? 
ATOM   244  C  C   . ALA A 1 31  ? -4.548  -0.022  -4.060  1.000 15.681 0 31  ALA AAA C   1 ? 
ATOM   245  O  O   . ALA A 1 31  ? -3.811  -0.242  -5.029  1.000 16.705 0 31  ALA AAA O   1 ? 
ATOM   246  C  CB  . ALA A 1 31  ? -4.582  2.126   -2.803  1.000 14.970 0 31  ALA AAA CB  1 ? 
ATOM   247  N  N   . ALA A 1 32  ? -4.766  -0.937  -3.123  1.000 14.687 0 32  ALA AAA N   1 ? 
ATOM   248  C  CA  . ALA A 1 32  ? -4.091  -2.255  -3.176  1.000 14.174 0 32  ALA AAA CA  1 ? 
ATOM   249  C  C   . ALA A 1 32  ? -4.523  -3.023  -4.428  1.000 15.434 0 32  ALA AAA C   1 ? 
ATOM   250  O  O   . ALA A 1 32  ? -3.681  -3.731  -5.036  1.000 15.566 0 32  ALA AAA O   1 ? 
ATOM   251  C  CB  . ALA A 1 32  ? -4.338  -3.050  -1.944  1.000 15.699 0 32  ALA AAA CB  1 ? 
ATOM   252  N  N   . LYS A 1 33  ? -5.797  -3.004  -4.824  1.000 15.002 0 33  LYS AAA N   1 ? 
ATOM   253  C  CA  . LYS A 1 33  ? -6.268  -3.715  -6.012  1.000 15.470 0 33  LYS AAA CA  1 ? 
ATOM   254  C  C   . LYS A 1 33  ? -5.473  -3.249  -7.228  1.000 17.019 0 33  LYS AAA C   1 ? 
ATOM   255  O  O   . LYS A 1 33  ? -4.969  -4.068  -7.996  1.000 16.465 0 33  LYS AAA O   1 ? 
ATOM   256  C  CB  . LYS A 1 33  ? -7.754  -3.478  -6.274  1.000 18.309 0 33  LYS AAA CB  1 ? 
ATOM   257  C  CG  . LYS A 1 33  ? -8.196  -3.937  -7.643  1.000 21.487 0 33  LYS AAA CG  1 ? 
ATOM   258  C  CD  . LYS A 1 33  ? -8.334  -5.380  -7.733  1.000 25.371 0 33  LYS AAA CD  1 ? 
ATOM   259  C  CE  . LYS A 1 33  ? -8.856  -5.792  -9.090  1.000 31.985 0 33  LYS AAA CE  1 ? 
ATOM   260  N  NZ  . LYS A 1 33  ? -8.784  -7.257  -9.214  1.000 36.858 0 33  LYS AAA NZ  1 ? 
ATOM   261  N  N   . PHE A 1 34  ? -5.353  -1.941  -7.434  1.000 16.780 0 34  PHE AAA N   1 ? 
ATOM   262  C  CA  . PHE A 1 34  ? -4.743  -1.393  -8.680  1.000 16.980 0 34  PHE AAA CA  1 ? 
ATOM   263  C  C   . PHE A 1 34  ? -3.227  -1.327  -8.560  1.000 18.689 0 34  PHE AAA C   1 ? 
ATOM   264  O  O   . PHE A 1 34  ? -2.601  -1.280  -9.622  1.000 22.291 0 34  PHE AAA O   1 ? 
ATOM   265  C  CB  . PHE A 1 34  ? -5.453  -0.107  -9.058  1.000 16.663 0 34  PHE AAA CB  1 ? 
ATOM   266  C  CG  . PHE A 1 34  ? -6.890  -0.317  -9.465  1.000 17.126 0 34  PHE AAA CG  1 ? 
ATOM   267  C  CD1 . PHE A 1 34  ? -7.229  -1.247  -10.419 1.000 17.608 0 34  PHE AAA CD1 1 ? 
ATOM   268  C  CD2 . PHE A 1 34  ? -7.905  0.385   -8.856  1.000 18.576 0 34  PHE AAA CD2 1 ? 
ATOM   269  C  CE1 . PHE A 1 34  ? -8.556  -1.458  -10.773 1.000 19.908 0 34  PHE AAA CE1 1 ? 
ATOM   270  C  CE2 . PHE A 1 34  ? -9.228  0.202   -9.234  1.000 21.968 0 34  PHE AAA CE2 1 ? 
ATOM   271  C  CZ  . PHE A 1 34  ? -9.541  -0.720  -10.188 1.000 19.926 0 34  PHE AAA CZ  1 ? 
ATOM   272  N  N   . GLU A 1 35  ? -2.658  -1.356  -7.376  1.000 15.622 0 35  GLU AAA N   1 ? 
ATOM   273  C  CA  . GLU A 1 35  ? -1.172  -1.402  -7.259  1.000 17.289 0 35  GLU AAA CA  1 ? 
ATOM   274  C  C   . GLU A 1 35  ? -0.666  -2.829  -7.451  1.000 19.668 0 35  GLU AAA C   1 ? 
ATOM   275  O  O   . GLU A 1 35  ? 0.361   -2.988  -8.109  1.000 18.657 0 35  GLU AAA O   1 ? 
ATOM   276  C  CB  . GLU A 1 35  ? -0.760  -0.865  -5.897  1.000 17.253 0 35  GLU AAA CB  1 ? 
ATOM   277  C  CG  . GLU A 1 35  ? -0.953  0.628   -5.743  1.000 17.005 0 35  GLU AAA CG  1 ? 
ATOM   278  C  CD  . GLU A 1 35  ? -0.023  1.494   -6.570  1.000 19.630 0 35  GLU AAA CD  1 ? 
ATOM   279  O  OE1 . GLU A 1 35  ? 0.851   0.918   -7.267  1.000 20.258 0 35  GLU AAA OE1 1 ? 
ATOM   280  O  OE2 . GLU A 1 35  ? -0.232  2.737   -6.588  1.000 20.895 0 35  GLU AAA OE2 1 ? 
ATOM   281  N  N   . SER A 1 36  ? -1.313  -3.838  -6.855  1.000 17.352 0 36  SER AAA N   1 ? 
ATOM   282  C  CA  . SER A 1 36  ? -0.724  -5.196  -6.711  1.000 16.717 0 36  SER AAA CA  1 ? 
ATOM   283  C  C   . SER A 1 36  ? -1.696  -6.312  -7.087  1.000 19.306 0 36  SER AAA C   1 ? 
ATOM   284  O  O   . SER A 1 36  ? -1.316  -7.479  -6.940  1.000 20.660 0 36  SER AAA O   1 ? 
ATOM   285  C  CB  . SER A 1 36  ? -0.271  -5.373  -5.301  1.000 17.493 0 36  SER AAA CB  1 ? 
ATOM   286  O  OG  . SER A 1 36  ? -1.359  -5.447  -4.395  1.000 16.339 0 36  SER AAA OG  1 ? 
ATOM   287  N  N   . ASN A 1 37  ? -2.980  -5.996  -7.380  1.000 18.165 0 37  ASN AAA N   1 ? 
ATOM   288  C  CA  . ASN A 1 37  ? -4.010  -7.053  -7.534  1.000 21.369 0 37  ASN AAA CA  1 ? 
ATOM   289  C  C   . ASN A 1 37  ? -4.048  -7.875  -6.253  1.000 18.318 0 37  ASN AAA C   1 ? 
ATOM   290  O  O   . ASN A 1 37  ? -4.317  -9.065  -6.313  1.000 20.065 0 37  ASN AAA O   1 ? 
ATOM   291  C  CB  . ASN A 1 37  ? -3.755  -7.972  -8.727  1.000 24.126 0 37  ASN AAA CB  1 ? 
ATOM   292  C  CG  . ASN A 1 37  ? -5.041  -8.452  -9.351  1.000 31.222 0 37  ASN AAA CG  1 ? 
ATOM   293  O  OD1 . ASN A 1 37  ? -6.118  -7.933  -9.068  1.000 30.838 0 37  ASN AAA OD1 1 ? 
ATOM   294  N  ND2 . ASN A 1 37  ? -4.924  -9.485  -10.154 1.000 36.009 0 37  ASN AAA ND2 1 ? 
ATOM   295  N  N   . PHE A 1 38  ? -3.825  -7.295  -5.079  1.000 16.427 0 38  PHE AAA N   1 ? 
ATOM   296  C  CA  . PHE A 1 38  ? -3.936  -7.898  -3.742  1.000 16.857 0 38  PHE AAA CA  1 ? 
ATOM   297  C  C   . PHE A 1 38  ? -2.884  -8.996  -3.498  1.000 17.782 0 38  PHE AAA C   1 ? 
ATOM   298  O  O   . PHE A 1 38  ? -3.002  -9.810  -2.574  1.000 19.328 0 38  PHE AAA O   1 ? 
ATOM   299  C  CB  . PHE A 1 38  ? -5.336  -8.503  -3.526  1.000 18.736 0 38  PHE AAA CB  1 ? 
ATOM   300  C  CG  . PHE A 1 38  ? -6.528  -7.574  -3.626  1.000 17.715 0 38  PHE AAA CG  1 ? 
ATOM   301  C  CD1 . PHE A 1 38  ? -6.508  -6.256  -3.211  1.000 16.911 0 38  PHE AAA CD1 1 ? 
ATOM   302  C  CD2 . PHE A 1 38  ? -7.717  -8.081  -4.103  1.000 20.433 0 38  PHE AAA CD2 1 ? 
ATOM   303  C  CE1 . PHE A 1 38  ? -7.671  -5.478  -3.212  1.000 17.938 0 38  PHE AAA CE1 1 ? 
ATOM   304  C  CE2 . PHE A 1 38  ? -8.867  -7.306  -4.120  1.000 20.231 0 38  PHE AAA CE2 1 ? 
ATOM   305  C  CZ  . PHE A 1 38  ? -8.843  -5.979  -3.710  1.000 18.510 0 38  PHE AAA CZ  1 ? 
ATOM   306  N  N   . ASN A 1 39  ? -1.785  -8.896  -4.231  1.000 17.703 0 39  ASN AAA N   1 ? 
ATOM   307  C  CA  . ASN A 1 39  ? -0.679  -9.882  -4.157  1.000 17.554 0 39  ASN AAA CA  1 ? 
ATOM   308  C  C   . ASN A 1 39  ? 0.477   -9.317  -3.326  1.000 16.534 0 39  ASN AAA C   1 ? 
ATOM   309  O  O   . ASN A 1 39  ? 1.177   -8.383  -3.838  1.000 17.136 0 39  ASN AAA O   1 ? 
ATOM   310  C  CB  . ASN A 1 39  ? -0.235  -10.235 -5.569  1.000 17.775 0 39  ASN AAA CB  1 ? 
ATOM   311  C  CG  . ASN A 1 39  ? 0.868   -11.289 -5.614  1.000 17.155 0 39  ASN AAA CG  1 ? 
ATOM   312  O  OD1 . ASN A 1 39  ? 1.220   -11.868 -4.599  1.000 17.536 0 39  ASN AAA OD1 1 ? 
ATOM   313  N  ND2 . ASN A 1 39  ? 1.410   -11.426 -6.809  1.000 20.886 0 39  ASN AAA ND2 1 ? 
ATOM   314  N  N   . THR A 1 40  ? 0.778   -9.872  -2.165  1.000 17.704 0 40  THR AAA N   1 ? 
ATOM   315  C  CA  . THR A 1 40  ? 1.907   -9.412  -1.329  1.000 17.471 0 40  THR AAA CA  1 ? 
ATOM   316  C  C   . THR A 1 40  ? 3.254   -9.558  -2.060  1.000 16.999 0 40  THR AAA C   1 ? 
ATOM   317  O  O   . THR A 1 40  ? 4.160   -8.829  -1.711  1.000 17.894 0 40  THR AAA O   1 ? 
ATOM   318  C  CB  . THR A 1 40  ? 1.959   -10.071 0.043   1.000 19.359 0 40  THR AAA CB  1 ? 
ATOM   319  O  OG1 . THR A 1 40  ? 2.333   -11.448 -0.155  1.000 20.419 0 40  THR AAA OG1 1 ? 
ATOM   320  C  CG2 . THR A 1 40  ? 0.666   -9.989  0.836   1.000 19.377 0 40  THR AAA CG2 1 ? 
ATOM   321  N  N   . GLN A 1 41  ? 3.359   -10.457 -3.023  1.000 16.739 0 41  GLN AAA N   1 ? 
ATOM   322  C  CA  . GLN A 1 41  ? 4.655   -10.750 -3.696  1.000 18.012 0 41  GLN AAA CA  1 ? 
ATOM   323  C  C   . GLN A 1 41  ? 4.895   -9.840  -4.884  1.000 17.543 0 41  GLN AAA C   1 ? 
ATOM   324  O  O   . GLN A 1 41  ? 5.973   -9.921  -5.502  1.000 18.518 0 41  GLN AAA O   1 ? 
ATOM   325  C  CB  . GLN A 1 41  ? 4.750   -12.214 -4.142  1.000 19.605 0 41  GLN AAA CB  1 ? 
ATOM   326  C  CG  . GLN A 1 41  ? 4.693   -13.150 -2.966  1.000 20.967 0 41  GLN AAA CG  1 ? 
ATOM   327  C  CD  . GLN A 1 41  ? 5.210   -14.522 -3.329  1.000 24.320 0 41  GLN AAA CD  1 ? 
ATOM   328  O  OE1 . GLN A 1 41  ? 6.405   -14.668 -3.600  1.000 23.893 0 41  GLN AAA OE1 1 ? 
ATOM   329  N  NE2 . GLN A 1 41  ? 4.316   -15.470 -3.510  1.000 21.899 0 41  GLN AAA NE2 1 ? 
ATOM   330  N  N   . ALA A 1 42  ? 4.021   -8.916  -5.212  1.000 15.978 0 42  ALA AAA N   1 ? 
ATOM   331  C  CA  . ALA A 1 42  ? 4.197   -8.059  -6.406  1.000 16.764 0 42  ALA AAA CA  1 ? 
ATOM   332  C  C   . ALA A 1 42  ? 5.437   -7.159  -6.328  1.000 16.283 0 42  ALA AAA C   1 ? 
ATOM   333  O  O   . ALA A 1 42  ? 5.696   -6.528  -5.318  1.000 16.744 0 42  ALA AAA O   1 ? 
ATOM   334  C  CB  . ALA A 1 42  ? 2.941   -7.218  -6.581  1.000 18.378 0 42  ALA AAA CB  1 ? 
ATOM   335  N  N   . THR A 1 43  ? 6.194   -7.132  -7.416  1.000 16.636 0 43  THR AAA N   1 ? 
ATOM   336  C  CA  . THR A 1 43  ? 7.377   -6.251  -7.580  1.000 18.555 0 43  THR AAA CA  1 ? 
ATOM   337  C  C   . THR A 1 43  ? 7.302   -5.633  -8.948  1.000 19.048 0 43  THR AAA C   1 ? 
ATOM   338  O  O   . THR A 1 43  ? 6.936   -6.322  -9.954  1.000 22.105 0 43  THR AAA O   1 ? 
ATOM   339  C  CB  . THR A 1 43  ? 8.723   -6.947  -7.355  1.000 18.759 0 43  THR AAA CB  1 ? 
ATOM   340  O  OG1 . THR A 1 43  ? 8.903   -7.942  -8.363  1.000 21.416 0 43  THR AAA OG1 1 ? 
ATOM   341  C  CG2 . THR A 1 43  ? 8.849   -7.524  -5.986  1.000 18.962 0 43  THR AAA CG2 1 ? 
ATOM   342  N  N   . ASN A 1 44  ? 7.755   -4.389  -9.075  1.000 17.046 0 44  ASN AAA N   1 ? 
ATOM   343  C  CA  . ASN A 1 44  ? 7.802   -3.750  -10.383 1.000 18.720 0 44  ASN AAA CA  1 ? 
ATOM   344  C  C   . ASN A 1 44  ? 8.951   -2.729  -10.411 1.000 19.151 0 44  ASN AAA C   1 ? 
ATOM   345  O  O   . ASN A 1 44  ? 9.054   -1.956  -9.494  1.000 19.096 0 44  ASN AAA O   1 ? 
ATOM   346  C  CB  . ASN A 1 44  ? 6.485   -3.032  -10.693 1.000 19.031 0 44  ASN AAA CB  1 ? 
ATOM   347  C  CG  . ASN A 1 44  ? 5.366   -4.003  -10.953 1.000 23.039 0 44  ASN AAA CG  1 ? 
ATOM   348  O  OD1 . ASN A 1 44  ? 4.473   -4.156  -10.112 1.000 27.250 0 44  ASN AAA OD1 1 ? 
ATOM   349  N  ND2 . ASN A 1 44  ? 5.408   -4.648  -12.094 1.000 23.129 0 44  ASN AAA ND2 1 ? 
ATOM   350  N  N   . ARG A 1 45  ? 9.764   -2.777  -11.440 1.000 21.050 0 45  ARG AAA N   1 ? 
ATOM   351  C  CA  . ARG A 1 45  ? 10.934  -1.887  -11.613 1.000 22.403 0 45  ARG AAA CA  1 ? 
ATOM   352  C  C   . ARG A 1 45  ? 10.438  -0.538  -12.138 1.000 20.950 0 45  ARG AAA C   1 ? 
ATOM   353  O  O   . ARG A 1 45  ? 9.641   -0.518  -13.103 1.000 22.360 0 45  ARG AAA O   1 ? 
ATOM   354  C  CB  . ARG A 1 45  ? 11.940  -2.539  -12.573 1.000 24.683 0 45  ARG AAA CB  1 ? 
ATOM   355  C  CG  . ARG A 1 45  ? 13.258  -1.779  -12.670 1.000 27.806 0 45  ARG AAA CG  1 ? 
ATOM   356  C  CD  . ARG A 1 45  ? 13.988  -2.120  -11.419 1.000 29.496 0 45  ARG AAA CD  1 ? 
ATOM   357  N  NE  . ARG A 1 45  ? 15.324  -1.680  -11.080 1.000 37.566 0 45  ARG AAA NE  1 ? 
ATOM   358  C  CZ  . ARG A 1 45  ? 16.451  -2.349  -11.309 1.000 35.828 0 45  ARG AAA CZ  1 ? 
ATOM   359  N  NH1 . ARG A 1 45  ? 16.480  -3.453  -12.045 1.000 38.342 0 45  ARG AAA NH1 1 ? 
ATOM   360  N  NH2 . ARG A 1 45  ? 17.557  -1.895  -10.768 1.000 31.379 0 45  ARG AAA NH2 1 ? 
ATOM   361  N  N   . ASN A 1 46  ? 10.972  0.559   -11.585 1.000 20.277 0 46  ASN AAA N   1 ? 
ATOM   362  C  CA  . ASN A 1 46  ? 10.730  1.935   -12.082 1.000 22.814 0 46  ASN AAA CA  1 ? 
ATOM   363  C  C   . ASN A 1 46  ? 11.841  2.382   -13.052 1.000 22.099 0 46  ASN AAA C   1 ? 
ATOM   364  O  O   . ASN A 1 46  ? 12.949  1.866   -12.983 1.000 24.136 0 46  ASN AAA O   1 ? 
ATOM   365  C  CB  . ASN A 1 46  ? 10.655  2.914   -10.916 1.000 21.033 0 46  ASN AAA CB  1 ? 
ATOM   366  C  CG  . ASN A 1 46  ? 9.665   2.510   -9.839  1.000 21.581 0 46  ASN AAA CG  1 ? 
ATOM   367  O  OD1 . ASN A 1 46  ? 9.949   2.508   -8.632  1.000 23.185 0 46  ASN AAA OD1 1 ? 
ATOM   368  N  ND2 . ASN A 1 46  ? 8.485   2.235   -10.277 1.000 22.666 0 46  ASN AAA ND2 1 ? 
ATOM   369  N  N   . THR A 1 47  ? 11.544  3.371   -13.878 1.000 25.778 0 47  THR AAA N   1 ? 
ATOM   370  C  CA  . THR A 1 47  ? 12.480  3.880   -14.918 1.000 29.089 0 47  THR AAA CA  1 ? 
ATOM   371  C  C   . THR A 1 47  ? 13.786  4.326   -14.255 1.000 27.658 0 47  THR AAA C   1 ? 
ATOM   372  O  O   . THR A 1 47  ? 14.856  4.066   -14.879 1.000 29.758 0 47  THR AAA O   1 ? 
ATOM   373  C  CB  . THR A 1 47  ? 11.820  4.950   -15.812 1.000 29.124 0 47  THR AAA CB  1 ? 
ATOM   374  O  OG1 . THR A 1 47  ? 11.309  6.060   -15.065 1.000 36.675 0 47  THR AAA OG1 1 ? 
ATOM   375  C  CG2 . THR A 1 47  ? 10.664  4.398   -16.621 1.000 32.168 0 47  THR AAA CG2 1 ? 
ATOM   376  N  N   . ASP A 1 48  ? 13.749  4.899   -13.036 1.000 24.726 0 48  ASP AAA N   1 ? 
ATOM   377  C  CA  . ASP A 1 48  ? 14.948  5.432   -12.337 1.000 27.968 0 48  ASP AAA CA  1 ? 
ATOM   378  C  C   . ASP A 1 48  ? 15.821  4.327   -11.749 1.000 26.823 0 48  ASP AAA C   1 ? 
ATOM   379  O  O   . ASP A 1 48  ? 16.853  4.701   -11.145 1.000 29.677 0 48  ASP AAA O   1 ? 
ATOM   380  C  CB  . ASP A 1 48  ? 14.542  6.503   -11.311 1.000 28.457 0 48  ASP AAA CB  1 ? 
ATOM   381  C  CG  . ASP A 1 48  ? 13.890  5.998   -10.026 1.000 32.214 0 48  ASP AAA CG  1 ? 
ATOM   382  O  OD1 . ASP A 1 48  ? 13.630  4.809   -9.921  1.000 28.959 0 48  ASP AAA OD1 1 ? 
ATOM   383  O  OD2 . ASP A 1 48  ? 13.657  6.814   -9.113  1.000 33.734 0 48  ASP AAA OD2 1 ? 
ATOM   384  N  N   . GLY A 1 49  ? 15.433  3.028   -11.819 1.000 24.381 0 49  GLY AAA N   1 ? 
ATOM   385  C  CA  . GLY A 1 49  ? 16.223  1.939   -11.232 1.000 25.225 0 49  GLY AAA CA  1 ? 
ATOM   386  C  C   . GLY A 1 49  ? 15.719  1.495   -9.871  1.000 26.043 0 49  GLY AAA C   1 ? 
ATOM   387  O  O   . GLY A 1 49  ? 16.087  0.390   -9.438  1.000 25.252 0 49  GLY AAA O   1 ? 
ATOM   388  N  N   . SER A 1 50  ? 14.848  2.281   -9.239  1.000 20.990 0 50  SER AAA N   1 ? 
ATOM   389  C  CA  . SER A 1 50  ? 14.176  1.832   -7.992  1.000 20.295 0 50  SER AAA CA  1 ? 
ATOM   390  C  C   . SER A 1 50  ? 13.133  0.766   -8.354  1.000 18.187 0 50  SER AAA C   1 ? 
ATOM   391  O  O   . SER A 1 50  ? 12.865  0.520   -9.548  1.000 19.204 0 50  SER AAA O   1 ? 
ATOM   392  C  CB  . SER A 1 50  ? 13.560  2.979   -7.260  1.000 19.086 0 50  SER AAA CB  1 ? 
ATOM   393  O  OG  . SER A 1 50  ? 12.534  3.564   -8.017  1.000 20.186 0 50  SER AAA OG  1 ? 
ATOM   394  N  N   . THR A 1 51  ? 12.608  0.150   -7.330  1.000 17.768 0 51  THR AAA N   1 ? 
ATOM   395  C  CA  . THR A 1 51  ? 11.635  -0.958  -7.471  1.000 18.002 0 51  THR AAA CA  1 ? 
ATOM   396  C  C   . THR A 1 51  ? 10.513  -0.728  -6.453  1.000 16.797 0 51  THR AAA C   1 ? 
ATOM   397  O  O   . THR A 1 51  ? 10.767  -0.215  -5.336  1.000 16.988 0 51  THR AAA O   1 ? 
ATOM   398  C  CB  . THR A 1 51  ? 12.294  -2.330  -7.246  1.000 19.335 0 51  THR AAA CB  1 ? 
ATOM   399  O  OG1 . THR A 1 51  ? 13.347  -2.484  -8.206  1.000 20.277 0 51  THR AAA OG1 1 ? 
ATOM   400  C  CG2 . THR A 1 51  ? 11.334  -3.498  -7.439  1.000 19.174 0 51  THR AAA CG2 1 ? 
ATOM   401  N  N   . ASP A 1 52  ? 9.275   -1.069  -6.817  1.000 16.308 0 52  ASP AAA N   1 ? 
ATOM   402  C  CA  . ASP A 1 52  ? 8.106   -1.020  -5.913  1.000 16.491 0 52  ASP AAA CA  1 ? 
ATOM   403  C  C   . ASP A 1 52  ? 7.806   -2.432  -5.398  1.000 15.729 0 52  ASP AAA C   1 ? 
ATOM   404  O  O   . ASP A 1 52  ? 7.868   -3.383  -6.216  1.000 16.499 0 52  ASP AAA O   1 ? 
ATOM   405  C  CB  . ASP A 1 52  ? 6.895   -0.499  -6.651  1.000 18.463 0 52  ASP AAA CB  1 ? 
ATOM   406  C  CG  . ASP A 1 52  ? 7.013   0.948   -7.132  1.000 23.682 0 52  ASP AAA CG  1 ? 
ATOM   407  O  OD1 . ASP A 1 52  ? 7.865   1.698   -6.625  1.000 20.686 0 52  ASP AAA OD1 1 ? 
ATOM   408  O  OD2 . ASP A 1 52  ? 6.088   1.378   -7.881  1.000 28.772 0 52  ASP AAA OD2 1 ? 
ATOM   409  N  N   . TYR A 1 53  ? 7.432   -2.548  -4.149  1.000 15.669 0 53  TYR AAA N   1 ? 
ATOM   410  C  CA  . TYR A 1 53  ? 7.310   -3.823  -3.433  1.000 15.808 0 53  TYR AAA CA  1 ? 
ATOM   411  C  C   . TYR A 1 53  ? 5.955   -3.946  -2.721  1.000 18.746 0 53  TYR AAA C   1 ? 
ATOM   412  O  O   . TYR A 1 53  ? 5.578   -3.053  -1.938  1.000 17.749 0 53  TYR AAA O   1 ? 
ATOM   413  C  CB  . TYR A 1 53  ? 8.415   -3.951  -2.403  1.000 16.669 0 53  TYR AAA CB  1 ? 
ATOM   414  C  CG  . TYR A 1 53  ? 9.795   -4.015  -2.974  1.000 18.025 0 53  TYR AAA CG  1 ? 
ATOM   415  C  CD1 . TYR A 1 53  ? 10.536  -2.883  -3.281  1.000 18.079 0 53  TYR AAA CD1 1 ? 
ATOM   416  C  CD2 . TYR A 1 53  ? 10.340  -5.255  -3.279  1.000 18.307 0 53  TYR AAA CD2 1 ? 
ATOM   417  C  CE1 . TYR A 1 53  ? 11.786  -2.991  -3.858  1.000 18.522 0 53  TYR AAA CE1 1 ? 
ATOM   418  C  CE2 . TYR A 1 53  ? 11.578  -5.375  -3.890  1.000 19.345 0 53  TYR AAA CE2 1 ? 
ATOM   419  C  CZ  . TYR A 1 53  ? 12.295  -4.242  -4.195  1.000 19.271 0 53  TYR AAA CZ  1 ? 
ATOM   420  O  OH  . TYR A 1 53  ? 13.557  -4.306  -4.740  1.000 19.406 0 53  TYR AAA OH  1 ? 
ATOM   421  N  N   . GLY A 1 54  ? 5.331   -5.090  -2.875  1.000 16.807 0 54  GLY AAA N   1 ? 
ATOM   422  C  CA  . GLY A 1 54  ? 4.253   -5.527  -2.008  1.000 16.678 0 54  GLY AAA CA  1 ? 
ATOM   423  C  C   . GLY A 1 54  ? 2.880   -5.032  -2.403  1.000 17.416 0 54  GLY AAA C   1 ? 
ATOM   424  O  O   . GLY A 1 54  ? 2.652   -4.484  -3.486  1.000 16.436 0 54  GLY AAA O   1 ? 
ATOM   425  N  N   . ILE A 1 55  ? 1.932   -5.260  -1.510  1.000 17.732 0 55  ILE AAA N   1 ? 
ATOM   426  C  CA  . ILE A 1 55  ? 0.506   -5.010  -1.776  1.000 19.608 0 55  ILE AAA CA  1 ? 
ATOM   427  C  C   . ILE A 1 55  ? 0.226   -3.521  -2.040  1.000 18.930 0 55  ILE AAA C   1 ? 
ATOM   428  O  O   . ILE A 1 55  ? -0.725  -3.229  -2.800  1.000 19.209 0 55  ILE AAA O   1 ? 
ATOM   429  C  CB  . ILE A 1 55  ? -0.261  -5.594  -0.593  1.000 25.763 0 55  ILE AAA CB  1 ? 
ATOM   430  C  CG1 . ILE A 1 55  ? -1.670  -6.026  -0.984  1.000 33.039 0 55  ILE AAA CG1 1 ? 
ATOM   431  C  CG2 . ILE A 1 55  ? -0.137  -4.693  0.632   1.000 25.068 0 55  ILE AAA CG2 1 ? 
ATOM   432  C  CD1 . ILE A 1 55  ? -2.239  -7.104  -0.117  1.000 35.661 0 55  ILE AAA CD1 1 ? 
ATOM   433  N  N   . LEU A 1 56  ? 1.075   -2.589  -1.561  1.000 18.242 0 56  LEU AAA N   1 ? 
ATOM   434  C  CA  . LEU A 1 56  ? 0.921   -1.132  -1.808  1.000 18.762 0 56  LEU AAA CA  1 ? 
ATOM   435  C  C   . LEU A 1 56  ? 2.128   -0.581  -2.572  1.000 18.931 0 56  LEU AAA C   1 ? 
ATOM   436  O  O   . LEU A 1 56  ? 2.243   0.614   -2.786  1.000 18.922 0 56  LEU AAA O   1 ? 
ATOM   437  C  CB  . LEU A 1 56  ? 0.643   -0.350  -0.513  1.000 19.400 0 56  LEU AAA CB  1 ? 
ATOM   438  C  CG  . LEU A 1 56  ? -0.747  -0.588  0.101   1.000 19.730 0 56  LEU AAA CG  1 ? 
ATOM   439  C  CD1 . LEU A 1 56  ? -0.797  -0.013  1.520   1.000 22.217 0 56  LEU AAA CD1 1 ? 
ATOM   440  C  CD2 . LEU A 1 56  ? -1.796  0.046   -0.799  1.000 22.827 0 56  LEU AAA CD2 1 ? 
ATOM   441  N  N   . GLN A 1 57  ? 2.912   -1.463  -3.213  1.000 16.770 0 57  GLN AAA N   1 ? 
ATOM   442  C  CA  . GLN A 1 57  ? 3.926   -1.017  -4.211  1.000 16.996 0 57  GLN AAA CA  1 ? 
ATOM   443  C  C   . GLN A 1 57  ? 4.786   0.130   -3.638  1.000 17.265 0 57  GLN AAA C   1 ? 
ATOM   444  O  O   . GLN A 1 57  ? 4.930   1.151   -4.301  1.000 17.737 0 57  GLN AAA O   1 ? 
ATOM   445  C  CB  . GLN A 1 57  ? 3.268   -0.725  -5.549  1.000 16.461 0 57  GLN AAA CB  1 ? 
ATOM   446  C  CG  . GLN A 1 57  ? 2.779   -1.986  -6.229  1.000 16.392 0 57  GLN AAA CG  1 ? 
ATOM   447  C  CD  . GLN A 1 57  ? 3.948   -2.831  -6.714  1.000 16.927 0 57  GLN AAA CD  1 ? 
ATOM   448  O  OE1 . GLN A 1 57  ? 4.538   -2.539  -7.745  1.000 18.943 0 57  GLN AAA OE1 1 ? 
ATOM   449  N  NE2 . GLN A 1 57  ? 4.265   -3.881  -5.981  1.000 16.618 0 57  GLN AAA NE2 1 ? 
ATOM   450  N  N   . ILE A 1 58  ? 5.394   -0.117  -2.485  1.000 17.579 0 58  ILE AAA N   1 ? 
ATOM   451  C  CA  . ILE A 1 58  ? 6.221   0.888   -1.778  1.000 17.744 0 58  ILE AAA CA  1 ? 
ATOM   452  C  C   . ILE A 1 58  ? 7.599   0.922   -2.435  1.000 17.671 0 58  ILE AAA C   1 ? 
ATOM   453  O  O   . ILE A 1 58  ? 8.169   -0.157  -2.701  1.000 18.115 0 58  ILE AAA O   1 ? 
ATOM   454  C  CB  . ILE A 1 58  ? 6.194   0.566   -0.298  1.000 18.884 0 58  ILE AAA CB  1 ? 
ATOM   455  C  CG1 . ILE A 1 58  ? 4.777   0.876   0.233   1.000 20.027 0 58  ILE AAA CG1 1 ? 
ATOM   456  C  CG2 . ILE A 1 58  ? 7.266   1.337   0.468   1.000 19.944 0 58  ILE AAA CG2 1 ? 
ATOM   457  C  CD1 . ILE A 1 58  ? 4.527   0.466   1.661   1.000 22.500 0 58  ILE AAA CD1 1 ? 
ATOM   458  N  N   . ASN A 1 59  ? 8.089   2.111   -2.744  1.000 18.958 0 59  ASN AAA N   1 ? 
ATOM   459  C  CA  . ASN A 1 59  ? 9.251   2.321   -3.628  1.000 19.527 0 59  ASN AAA CA  1 ? 
ATOM   460  C  C   . ASN A 1 59  ? 10.550  2.364   -2.819  1.000 20.492 0 59  ASN AAA C   1 ? 
ATOM   461  O  O   . ASN A 1 59  ? 10.607  3.030   -1.763  1.000 22.520 0 59  ASN AAA O   1 ? 
ATOM   462  C  CB  . ASN A 1 59  ? 8.813   3.491   -4.503  1.000 24.104 0 59  ASN AAA CB  1 ? 
ATOM   463  C  CG  A ASN A 1 59  ? 9.848   4.171   -5.356  0.600 21.920 0 59  ASN AAA CG  1 ? 
ATOM   464  C  CG  B ASN A 1 59  ? 9.724   4.692   -4.681  0.400 27.699 0 59  ASN AAA CG  1 ? 
ATOM   465  O  OD1 A ASN A 1 59  ? 10.967  3.694   -5.463  0.600 23.755 0 59  ASN AAA OD1 1 ? 
ATOM   466  O  OD1 B ASN A 1 59  ? 9.423   5.587   -5.524  0.400 41.272 0 59  ASN AAA OD1 1 ? 
ATOM   467  N  ND2 A ASN A 1 59  ? 9.391   5.069   -6.213  0.600 22.859 0 59  ASN AAA ND2 1 ? 
ATOM   468  N  ND2 B ASN A 1 59  ? 10.580  4.934   -3.693  0.400 25.408 0 59  ASN AAA ND2 1 ? 
ATOM   469  N  N   . SER A 1 60  ? 11.585  1.720   -3.340  1.000 19.047 0 60  SER AAA N   1 ? 
ATOM   470  C  CA  . SER A 1 60  ? 12.953  1.700   -2.763  1.000 18.613 0 60  SER AAA CA  1 ? 
ATOM   471  C  C   . SER A 1 60  ? 13.659  3.045   -2.963  1.000 20.430 0 60  SER AAA C   1 ? 
ATOM   472  O  O   . SER A 1 60  ? 14.606  3.235   -2.224  1.000 22.420 0 60  SER AAA O   1 ? 
ATOM   473  C  CB  . SER A 1 60  ? 13.718  0.548   -3.386  1.000 19.457 0 60  SER AAA CB  1 ? 
ATOM   474  O  OG  . SER A 1 60  ? 13.921  0.788   -4.745  1.000 18.866 0 60  SER AAA OG  1 ? 
ATOM   475  N  N   . ARG A 1 61  ? 13.141  3.944   -3.786  1.000 21.732 0 61  ARG AAA N   1 ? 
ATOM   476  C  CA  . ARG A 1 61  ? 13.772  5.291   -3.966  1.000 24.899 0 61  ARG AAA CA  1 ? 
ATOM   477  C  C   . ARG A 1 61  ? 13.771  5.983   -2.605  1.000 24.872 0 61  ARG AAA C   1 ? 
ATOM   478  O  O   . ARG A 1 61  ? 14.751  6.713   -2.287  1.000 25.853 0 61  ARG AAA O   1 ? 
ATOM   479  C  CB  . ARG A 1 61  ? 13.062  6.111   -5.041  1.000 26.267 0 61  ARG AAA CB  1 ? 
ATOM   480  C  CG  . ARG A 1 61  ? 13.616  7.524   -5.240  1.000 30.465 0 61  ARG AAA CG  1 ? 
ATOM   481  C  CD  . ARG A 1 61  ? 15.101  7.582   -5.563  1.000 31.178 0 61  ARG AAA CD  1 ? 
ATOM   482  N  NE  . ARG A 1 61  ? 15.437  6.839   -6.766  1.000 36.652 0 61  ARG AAA NE  1 ? 
ATOM   483  C  CZ  . ARG A 1 61  ? 16.663  6.425   -7.103  1.000 39.266 0 61  ARG AAA CZ  1 ? 
ATOM   484  N  NH1 . ARG A 1 61  ? 17.714  6.697   -6.336  1.000 37.249 0 61  ARG AAA NH1 1 ? 
ATOM   485  N  NH2 . ARG A 1 61  ? 16.813  5.713   -8.207  1.000 34.021 0 61  ARG AAA NH2 1 ? 
ATOM   486  N  N   . TRP A 1 62  ? 12.729  5.801   -1.795  1.000 23.017 0 62  TRP AAA N   1 ? 
ATOM   487  C  CA  . TRP A 1 62  ? 12.560  6.581   -0.544  1.000 21.833 0 62  TRP AAA CA  1 ? 
ATOM   488  C  C   . TRP A 1 62  ? 12.393  5.712   0.685   1.000 22.532 0 62  TRP AAA C   1 ? 
ATOM   489  O  O   . TRP A 1 62  ? 12.724  6.194   1.750   1.000 22.407 0 62  TRP AAA O   1 ? 
ATOM   490  C  CB  . TRP A 1 62  ? 11.379  7.574   -0.628  1.000 23.625 0 62  TRP AAA CB  1 ? 
ATOM   491  C  CG  . TRP A 1 62  ? 11.467  8.554   -1.756  1.000 27.803 0 62  TRP AAA CG  1 ? 
ATOM   492  C  CD1 . TRP A 1 62  ? 10.767  8.529   -2.928  1.000 31.564 0 62  TRP AAA CD1 1 ? 
ATOM   493  C  CD2 . TRP A 1 62  ? 12.324  9.710   -1.834  1.000 34.864 0 62  TRP AAA CD2 1 ? 
ATOM   494  N  NE1 . TRP A 1 62  ? 11.135  9.582   -3.725  1.000 37.580 0 62  TRP AAA NE1 1 ? 
ATOM   495  C  CE2 . TRP A 1 62  ? 12.074  10.330  -3.070  1.000 35.618 0 62  TRP AAA CE2 1 ? 
ATOM   496  C  CE3 . TRP A 1 62  ? 13.259  10.281  -0.971  1.000 43.616 0 62  TRP AAA CE3 1 ? 
ATOM   497  C  CZ2 . TRP A 1 62  ? 12.739  11.490  -3.476  1.000 45.950 0 62  TRP AAA CZ2 1 ? 
ATOM   498  C  CZ3 . TRP A 1 62  ? 13.907  11.435  -1.355  1.000 46.167 0 62  TRP AAA CZ3 1 ? 
ATOM   499  C  CH2 . TRP A 1 62  ? 13.654  12.024  -2.596  1.000 49.054 0 62  TRP AAA CH2 1 ? 
ATOM   500  N  N   . TRP A 1 63  ? 11.753  4.535   0.650   1.000 19.819 0 63  TRP AAA N   1 ? 
ATOM   501  C  CA  . TRP A 1 63  ? 11.060  3.950   1.814   1.000 19.901 0 63  TRP AAA CA  1 ? 
ATOM   502  C  C   . TRP A 1 63  ? 11.729  2.722   2.410   1.000 19.010 0 63  TRP AAA C   1 ? 
ATOM   503  O  O   . TRP A 1 63  ? 11.455  2.362   3.548   1.000 21.891 0 63  TRP AAA O   1 ? 
ATOM   504  C  CB  . TRP A 1 63  ? 9.585   3.670   1.462   1.000 18.998 0 63  TRP AAA CB  1 ? 
ATOM   505  C  CG  . TRP A 1 63  ? 8.890   4.930   1.035   1.000 19.958 0 63  TRP AAA CG  1 ? 
ATOM   506  C  CD1 . TRP A 1 63  ? 8.486   5.241   -0.222  1.000 20.939 0 63  TRP AAA CD1 1 ? 
ATOM   507  C  CD2 . TRP A 1 63  ? 8.613   6.106   1.837   1.000 21.564 0 63  TRP AAA CD2 1 ? 
ATOM   508  N  NE1 . TRP A 1 63  ? 7.932   6.491   -0.257  1.000 24.339 0 63  TRP AAA NE1 1 ? 
ATOM   509  C  CE2 . TRP A 1 63  ? 8.059   7.069   0.966   1.000 21.741 0 63  TRP AAA CE2 1 ? 
ATOM   510  C  CE3 . TRP A 1 63  ? 8.789   6.420   3.179   1.000 23.873 0 63  TRP AAA CE3 1 ? 
ATOM   511  C  CZ2 . TRP A 1 63  ? 7.663   8.347   1.412   1.000 21.755 0 63  TRP AAA CZ2 1 ? 
ATOM   512  C  CZ3 . TRP A 1 63  ? 8.364   7.663   3.622   1.000 22.854 0 63  TRP AAA CZ3 1 ? 
ATOM   513  C  CH2 . TRP A 1 63  ? 7.841   8.595   2.743   1.000 23.113 0 63  TRP AAA CH2 1 ? 
ATOM   514  N  N   . CYS A 1 64  ? 12.492  1.996   1.576   1.000 19.115 0 64  CYS AAA N   1 ? 
ATOM   515  C  CA  . CYS A 1 64  ? 13.045  0.671   1.945   1.000 20.862 0 64  CYS AAA CA  1 ? 
ATOM   516  C  C   . CYS A 1 64  ? 14.389  0.498   1.252   1.000 16.955 0 64  CYS AAA C   1 ? 
ATOM   517  O  O   . CYS A 1 64  ? 14.645  1.121   0.237   1.000 20.582 0 64  CYS AAA O   1 ? 
ATOM   518  C  CB  . CYS A 1 64  ? 12.091  -0.510  1.713   1.000 19.405 0 64  CYS AAA CB  1 ? 
ATOM   519  S  SG  . CYS A 1 64  ? 11.634  -0.807  -0.005  1.000 19.955 0 64  CYS AAA SG  1 ? 
ATOM   520  N  N   . ASN A 1 65  ? 15.169  -0.433  1.795   1.000 20.687 0 65  ASN AAA N   1 ? 
ATOM   521  C  CA  . ASN A 1 65  ? 16.496  -0.810  1.244   1.000 22.454 0 65  ASN AAA CA  1 ? 
ATOM   522  C  C   . ASN A 1 65  ? 16.427  -2.156  0.507   1.000 17.996 0 65  ASN AAA C   1 ? 
ATOM   523  O  O   . ASN A 1 65  ? 16.087  -3.152  1.142   1.000 19.937 0 65  ASN AAA O   1 ? 
ATOM   524  C  CB  . ASN A 1 65  ? 17.537  -0.832  2.361   1.000 23.358 0 65  ASN AAA CB  1 ? 
ATOM   525  C  CG  . ASN A 1 65  ? 18.962  -0.970  1.862   1.000 29.961 0 65  ASN AAA CG  1 ? 
ATOM   526  O  OD1 . ASN A 1 65  ? 19.206  -1.401  0.754   1.000 30.810 0 65  ASN AAA OD1 1 ? 
ATOM   527  N  ND2 . ASN A 1 65  ? 19.922  -0.575  2.689   1.000 35.406 0 65  ASN AAA ND2 1 ? 
ATOM   528  N  N   . ASP A 1 66  ? 16.720  -2.136  -0.777  1.000 19.842 0 66  ASP AAA N   1 ? 
ATOM   529  C  CA  . ASP A 1 66  ? 16.760  -3.412  -1.551  1.000 19.935 0 66  ASP AAA CA  1 ? 
ATOM   530  C  C   . ASP A 1 66  ? 18.175  -3.781  -2.018  1.000 21.452 0 66  ASP AAA C   1 ? 
ATOM   531  O  O   . ASP A 1 66  ? 18.274  -4.728  -2.811  1.000 21.529 0 66  ASP AAA O   1 ? 
ATOM   532  C  CB  . ASP A 1 66  ? 15.755  -3.384  -2.682  1.000 19.319 0 66  ASP AAA CB  1 ? 
ATOM   533  C  CG  . ASP A 1 66  ? 16.033  -2.401  -3.778  1.000 18.745 0 66  ASP AAA CG  1 ? 
ATOM   534  O  OD1 . ASP A 1 66  ? 17.105  -1.717  -3.768  1.000 21.304 0 66  ASP AAA OD1 1 ? 
ATOM   535  O  OD2 . ASP A 1 66  ? 15.218  -2.286  -4.744  1.000 19.534 0 66  ASP AAA OD2 1 ? 
ATOM   536  N  N   . GLY A 1 67  ? 19.176  -3.046  -1.589  1.000 22.418 0 67  GLY AAA N   1 ? 
ATOM   537  C  CA  . GLY A 1 67  ? 20.605  -3.313  -1.918  1.000 22.953 0 67  GLY AAA CA  1 ? 
ATOM   538  C  C   . GLY A 1 67  ? 20.957  -2.961  -3.343  1.000 25.991 0 67  GLY AAA C   1 ? 
ATOM   539  O  O   . GLY A 1 67  ? 22.093  -3.275  -3.757  1.000 29.751 0 67  GLY AAA O   1 ? 
ATOM   540  N  N   . ARG A 1 68  ? 20.082  -2.355  -4.148  1.000 22.739 0 68  ARG AAA N   1 ? 
ATOM   541  C  CA  . ARG A 1 68  ? 20.379  -2.034  -5.547  1.000 22.725 0 68  ARG AAA CA  1 ? 
ATOM   542  C  C   . ARG A 1 68  ? 19.740  -0.728  -6.011  1.000 26.246 0 68  ARG AAA C   1 ? 
ATOM   543  O  O   . ARG A 1 68  ? 19.605  -0.596  -7.206  1.000 28.557 0 68  ARG AAA O   1 ? 
ATOM   544  C  CB  . ARG A 1 68  ? 19.951  -3.176  -6.453  1.000 25.031 0 68  ARG AAA CB  1 ? 
ATOM   545  C  CG  . ARG A 1 68  ? 18.466  -3.505  -6.380  1.000 24.252 0 68  ARG AAA CG  1 ? 
ATOM   546  C  CD  . ARG A 1 68  ? 18.148  -4.297  -7.618  1.000 27.041 0 68  ARG AAA CD  1 ? 
ATOM   547  N  NE  . ARG A 1 68  ? 16.805  -4.124  -8.078  1.000 26.011 0 68  ARG AAA NE  1 ? 
ATOM   548  C  CZ  . ARG A 1 68  ? 16.124  -5.008  -8.796  1.000 29.544 0 68  ARG AAA CZ  1 ? 
ATOM   549  N  NH1 . ARG A 1 68  ? 14.855  -4.772  -9.158  1.000 25.242 0 68  ARG AAA NH1 1 ? 
ATOM   550  N  NH2 . ARG A 1 68  ? 16.740  -6.107  -9.210  1.000 31.105 0 68  ARG AAA NH2 1 ? 
ATOM   551  N  N   . THR A 1 69  ? 19.414  0.195   -5.108  1.000 25.409 0 69  THR AAA N   1 ? 
ATOM   552  C  CA  . THR A 1 69  ? 18.881  1.518   -5.496  1.000 25.397 0 69  THR AAA CA  1 ? 
ATOM   553  C  C   . THR A 1 69  ? 19.845  2.583   -4.994  1.000 27.090 0 69  THR AAA C   1 ? 
ATOM   554  O  O   . THR A 1 69  ? 19.721  3.019   -3.861  1.000 25.928 0 69  THR AAA O   1 ? 
ATOM   555  C  CB  . THR A 1 69  ? 17.460  1.736   -4.953  1.000 25.271 0 69  THR AAA CB  1 ? 
ATOM   556  O  OG1 . THR A 1 69  ? 16.714  0.536   -5.241  1.000 23.347 0 69  THR AAA OG1 1 ? 
ATOM   557  C  CG2 . THR A 1 69  ? 16.816  2.942   -5.589  1.000 25.555 0 69  THR AAA CG2 1 ? 
ATOM   558  N  N   . PRO A 1 70  ? 20.890  2.899   -5.775  1.000 30.830 0 70  PRO AAA N   1 ? 
ATOM   559  C  CA  . PRO A 1 70  ? 21.935  3.793   -5.273  1.000 33.001 0 70  PRO AAA CA  1 ? 
ATOM   560  C  C   . PRO A 1 70  ? 21.374  5.197   -5.079  1.000 34.467 0 70  PRO AAA C   1 ? 
ATOM   561  O  O   . PRO A 1 70  ? 20.586  5.656   -5.893  1.000 35.511 0 70  PRO AAA O   1 ? 
ATOM   562  C  CB  . PRO A 1 70  ? 23.052  3.680   -6.326  1.000 34.224 0 70  PRO AAA CB  1 ? 
ATOM   563  C  CG  . PRO A 1 70  ? 22.425  3.075   -7.561  1.000 35.805 0 70  PRO AAA CG  1 ? 
ATOM   564  C  CD  . PRO A 1 70  ? 21.212  2.302   -7.073  1.000 32.961 0 70  PRO AAA CD  1 ? 
ATOM   565  N  N   . GLY A 1 71  ? 21.766  5.835   -3.972  1.000 33.063 0 71  GLY AAA N   1 ? 
ATOM   566  C  CA  . GLY A 1 71  ? 21.460  7.254   -3.735  1.000 38.323 0 71  GLY AAA CA  1 ? 
ATOM   567  C  C   . GLY A 1 71  ? 20.034  7.402   -3.252  1.000 39.201 0 71  GLY AAA C   1 ? 
ATOM   568  O  O   . GLY A 1 71  ? 19.474  8.504   -3.407  1.000 49.356 0 71  GLY AAA O   1 ? 
ATOM   569  N  N   . SER A 1 72  ? 19.478  6.329   -2.682  1.000 35.516 0 72  SER AAA N   1 ? 
ATOM   570  C  CA  . SER A 1 72  ? 18.080  6.282   -2.201  1.000 32.589 0 72  SER AAA CA  1 ? 
ATOM   571  C  C   . SER A 1 72  ? 18.048  6.437   -0.680  1.000 34.971 0 72  SER AAA C   1 ? 
ATOM   572  O  O   . SER A 1 72  ? 19.112  6.386   -0.032  1.000 34.885 0 72  SER AAA O   1 ? 
ATOM   573  C  CB  . SER A 1 72  ? 17.429  4.988   -2.661  1.000 27.841 0 72  SER AAA CB  1 ? 
ATOM   574  O  OG  . SER A 1 72  ? 17.896  3.896   -1.918  1.000 29.144 0 72  SER AAA OG  1 ? 
ATOM   575  N  N   . ARG A 1 73  ? 16.853  6.610   -0.123  1.000 28.350 0 73  ARG AAA N   1 ? 
ATOM   576  C  CA  . ARG A 1 73  ? 16.637  6.571   1.334   1.000 28.496 0 73  ARG AAA CA  1 ? 
ATOM   577  C  C   . ARG A 1 73  ? 15.884  5.306   1.723   1.000 27.119 0 73  ARG AAA C   1 ? 
ATOM   578  O  O   . ARG A 1 73  ? 15.383  4.570   0.816   1.000 28.763 0 73  ARG AAA O   1 ? 
ATOM   579  C  CB  . ARG A 1 73  ? 15.881  7.829   1.775   1.000 32.678 0 73  ARG AAA CB  1 ? 
ATOM   580  C  CG  . ARG A 1 73  ? 16.497  9.146   1.314   1.000 38.609 0 73  ARG AAA CG  1 ? 
ATOM   581  C  CD  . ARG A 1 73  ? 17.838  9.447   1.957   1.000 47.726 0 73  ARG AAA CD  1 ? 
ATOM   582  N  NE  . ARG A 1 73  ? 17.843  9.260   3.410   1.000 55.567 0 73  ARG AAA NE  1 ? 
ATOM   583  C  CZ  . ARG A 1 73  ? 17.660  10.220  4.326   1.000 63.523 0 73  ARG AAA CZ  1 ? 
ATOM   584  N  NH1 . ARG A 1 73  ? 17.444  11.476  3.966   1.000 63.401 0 73  ARG AAA NH1 1 ? 
ATOM   585  N  NH2 . ARG A 1 73  ? 17.703  9.916   5.614   1.000 65.552 0 73  ARG AAA NH2 1 ? 
ATOM   586  N  N   . ASN A 1 74  ? 15.836  5.030   3.015   1.000 24.250 0 74  ASN AAA N   1 ? 
ATOM   587  C  CA  . ASN A 1 74  ? 15.181  3.906   3.697   1.000 23.791 0 74  ASN AAA CA  1 ? 
ATOM   588  C  C   . ASN A 1 74  ? 14.401  4.533   4.863   1.000 24.748 0 74  ASN AAA C   1 ? 
ATOM   589  O  O   . ASN A 1 74  ? 14.599  4.165   6.010   1.000 24.664 0 74  ASN AAA O   1 ? 
ATOM   590  C  CB  . ASN A 1 74  ? 16.197  2.843   4.110   1.000 22.763 0 74  ASN AAA CB  1 ? 
ATOM   591  C  CG  . ASN A 1 74  ? 15.568  1.656   4.796   1.000 25.269 0 74  ASN AAA CG  1 ? 
ATOM   592  O  OD1 . ASN A 1 74  ? 14.351  1.495   4.826   1.000 24.983 0 74  ASN AAA OD1 1 ? 
ATOM   593  N  ND2 . ASN A 1 74  ? 16.367  0.776   5.390   1.000 26.805 0 74  ASN AAA ND2 1 ? 
ATOM   594  N  N   . LEU A 1 75  ? 13.402  5.353   4.515   1.000 25.509 0 75  LEU AAA N   1 ? 
ATOM   595  C  CA  . LEU A 1 75  ? 12.665  6.125   5.555   1.000 28.779 0 75  LEU AAA CA  1 ? 
ATOM   596  C  C   . LEU A 1 75  ? 11.812  5.193   6.418   1.000 28.380 0 75  LEU AAA C   1 ? 
ATOM   597  O  O   . LEU A 1 75  ? 11.513  5.551   7.591   1.000 28.768 0 75  LEU AAA O   1 ? 
ATOM   598  C  CB  . LEU A 1 75  ? 11.861  7.237   4.884   1.000 29.545 0 75  LEU AAA CB  1 ? 
ATOM   599  C  CG  . LEU A 1 75  ? 12.690  8.389   4.335   1.000 30.546 0 75  LEU AAA CG  1 ? 
ATOM   600  C  CD1 . LEU A 1 75  ? 11.842  9.356   3.529   1.000 32.845 0 75  LEU AAA CD1 1 ? 
ATOM   601  C  CD2 . LEU A 1 75  ? 13.457  9.096   5.472   1.000 34.742 0 75  LEU AAA CD2 1 ? 
ATOM   602  N  N   . CYS A 1 76  ? 11.439  3.991   5.959   1.000 23.733 0 76  CYS AAA N   1 ? 
ATOM   603  C  CA  . CYS A 1 76  ? 10.683  3.040   6.810   1.000 23.452 0 76  CYS AAA CA  1 ? 
ATOM   604  C  C   . CYS A 1 76  ? 11.593  2.096   7.603   1.000 24.216 0 76  CYS AAA C   1 ? 
ATOM   605  O  O   . CYS A 1 76  ? 11.086  1.304   8.389   1.000 25.695 0 76  CYS AAA O   1 ? 
ATOM   606  C  CB  . CYS A 1 76  ? 9.663   2.253   5.984   1.000 22.992 0 76  CYS AAA CB  1 ? 
ATOM   607  S  SG  . CYS A 1 76  ? 8.296   3.341   5.449   1.000 22.948 0 76  CYS AAA SG  1 ? 
ATOM   608  N  N   . ASN A 1 77  ? 12.892  2.191   7.368   1.000 26.808 0 77  ASN AAA N   1 ? 
ATOM   609  C  CA  . ASN A 1 77  ? 13.917  1.451   8.145   1.000 30.690 0 77  ASN AAA CA  1 ? 
ATOM   610  C  C   . ASN A 1 77  ? 13.676  -0.048  8.056   1.000 28.526 0 77  ASN AAA C   1 ? 
ATOM   611  O  O   . ASN A 1 77  ? 13.674  -0.740  9.068   1.000 28.021 0 77  ASN AAA O   1 ? 
ATOM   612  C  CB  . ASN A 1 77  ? 13.960  1.917   9.595   1.000 35.422 0 77  ASN AAA CB  1 ? 
ATOM   613  C  CG  . ASN A 1 77  ? 15.366  2.312   9.955   1.000 47.742 0 77  ASN AAA CG  1 ? 
ATOM   614  O  OD1 . ASN A 1 77  ? 16.283  1.488   9.878   1.000 50.795 0 77  ASN AAA OD1 1 ? 
ATOM   615  N  ND2 . ASN A 1 77  ? 15.550  3.592   10.236  1.000 58.002 0 77  ASN AAA ND2 1 ? 
ATOM   616  N  N   . ILE A 1 78  ? 13.499  -0.545  6.816   1.000 24.884 0 78  ILE AAA N   1 ? 
ATOM   617  C  CA  . ILE A 1 78  ? 13.157  -1.966  6.556   1.000 23.984 0 78  ILE AAA CA  1 ? 
ATOM   618  C  C   . ILE A 1 78  ? 13.821  -2.445  5.273   1.000 20.309 0 78  ILE AAA C   1 ? 
ATOM   619  O  O   . ILE A 1 78  ? 14.016  -1.672  4.319   1.000 22.094 0 78  ILE AAA O   1 ? 
ATOM   620  C  CB  . ILE A 1 78  ? 11.638  -2.206  6.399   1.000 26.573 0 78  ILE AAA CB  1 ? 
ATOM   621  C  CG1 . ILE A 1 78  ? 11.025  -1.258  5.365   1.000 26.598 0 78  ILE AAA CG1 1 ? 
ATOM   622  C  CG2 . ILE A 1 78  ? 10.921  -2.186  7.738   1.000 31.126 0 78  ILE AAA CG2 1 ? 
ATOM   623  C  CD1 . ILE A 1 78  ? 9.622   -1.623  4.970   1.000 29.200 0 78  ILE AAA CD1 1 ? 
ATOM   624  N  N   . PRO A 1 79  ? 14.178  -3.753  5.232   1.000 23.775 0 79  PRO AAA N   1 ? 
ATOM   625  C  CA  . PRO A 1 79  ? 14.510  -4.327  3.930   1.000 22.713 0 79  PRO AAA CA  1 ? 
ATOM   626  C  C   . PRO A 1 79  ? 13.230  -4.334  3.077   1.000 18.716 0 79  PRO AAA C   1 ? 
ATOM   627  O  O   . PRO A 1 79  ? 12.165  -4.764  3.569   1.000 20.896 0 79  PRO AAA O   1 ? 
ATOM   628  C  CB  . PRO A 1 79  ? 15.017  -5.716  4.287   1.000 23.122 0 79  PRO AAA CB  1 ? 
ATOM   629  C  CG  . PRO A 1 79  ? 14.426  -6.053  5.668   1.000 27.064 0 79  PRO AAA CG  1 ? 
ATOM   630  C  CD  . PRO A 1 79  ? 14.122  -4.724  6.329   1.000 23.620 0 79  PRO AAA CD  1 ? 
ATOM   631  N  N   . CYS A 1 80  ? 13.358  -4.057  1.793   1.000 19.184 0 80  CYS AAA N   1 ? 
ATOM   632  C  CA  . CYS A 1 80  ? 12.192  -4.096  0.869   1.000 17.969 0 80  CYS AAA CA  1 ? 
ATOM   633  C  C   . CYS A 1 80  ? 11.538  -5.471  0.915   1.000 19.837 0 80  CYS AAA C   1 ? 
ATOM   634  O  O   . CYS A 1 80  ? 10.305  -5.564  0.787   1.000 20.099 0 80  CYS AAA O   1 ? 
ATOM   635  C  CB  . CYS A 1 80  ? 12.542  -3.670  -0.527  1.000 19.588 0 80  CYS AAA CB  1 ? 
ATOM   636  S  SG  . CYS A 1 80  ? 13.159  -1.980  -0.670  1.000 19.477 0 80  CYS AAA SG  1 ? 
ATOM   637  N  N   . SER A 1 81  ? 12.305  -6.553  1.075   1.000 20.926 0 81  SER AAA N   1 ? 
ATOM   638  C  CA  . SER A 1 81  ? 11.733  -7.912  1.125   1.000 20.229 0 81  SER AAA CA  1 ? 
ATOM   639  C  C   . SER A 1 81  ? 10.691  -8.090  2.243   1.000 21.737 0 81  SER AAA C   1 ? 
ATOM   640  O  O   . SER A 1 81  ? 9.769   -8.899  2.075   1.000 24.323 0 81  SER AAA O   1 ? 
ATOM   641  C  CB  . SER A 1 81  ? 12.831  -8.925  1.252   1.000 23.741 0 81  SER AAA CB  1 ? 
ATOM   642  O  OG  . SER A 1 81  ? 13.483  -8.762  2.500   1.000 25.256 0 81  SER AAA OG  1 ? 
ATOM   643  N  N   . ALA A 1 82  ? 10.763  -7.321  3.342   1.000 22.601 0 82  ALA AAA N   1 ? 
ATOM   644  C  CA  . ALA A 1 82  ? 9.740   -7.328  4.424   1.000 26.168 0 82  ALA AAA CA  1 ? 
ATOM   645  C  C   . ALA A 1 82  ? 8.369   -6.941  3.873   1.000 25.267 0 82  ALA AAA C   1 ? 
ATOM   646  O  O   . ALA A 1 82  ? 7.304   -7.341  4.466   1.000 27.727 0 82  ALA AAA O   1 ? 
ATOM   647  C  CB  . ALA A 1 82  ? 10.129  -6.383  5.525   1.000 26.907 0 82  ALA AAA CB  1 ? 
ATOM   648  N  N   . LEU A 1 83  ? 8.356   -6.154  2.816   1.000 21.622 0 83  LEU AAA N   1 ? 
ATOM   649  C  CA  . LEU A 1 83  ? 7.081   -5.726  2.196   1.000 22.224 0 83  LEU AAA CA  1 ? 
ATOM   650  C  C   . LEU A 1 83  ? 6.430   -6.835  1.376   1.000 23.357 0 83  LEU AAA C   1 ? 
ATOM   651  O  O   . LEU A 1 83  ? 5.345   -6.583  0.823   1.000 23.319 0 83  LEU AAA O   1 ? 
ATOM   652  C  CB  . LEU A 1 83  ? 7.329   -4.499  1.325   1.000 22.089 0 83  LEU AAA CB  1 ? 
ATOM   653  C  CG  . LEU A 1 83  ? 7.883   -3.297  2.056   1.000 22.303 0 83  LEU AAA CG  1 ? 
ATOM   654  C  CD1 . LEU A 1 83  ? 8.392   -2.228  1.122   1.000 23.926 0 83  LEU AAA CD1 1 ? 
ATOM   655  C  CD2 . LEU A 1 83  ? 6.803   -2.741  3.010   1.000 27.078 0 83  LEU AAA CD2 1 ? 
ATOM   656  N  N   . LEU A 1 84  ? 7.057   -8.021  1.217   1.000 20.035 0 84  LEU AAA N   1 ? 
ATOM   657  C  CA  . LEU A 1 84  ? 6.500   -9.074  0.360   1.000 21.204 0 84  LEU AAA CA  1 ? 
ATOM   658  C  C   . LEU A 1 84  ? 5.882   -10.179 1.210   1.000 21.465 0 84  LEU AAA C   1 ? 
ATOM   659  O  O   . LEU A 1 84  ? 5.321   -11.139 0.643   1.000 24.916 0 84  LEU AAA O   1 ? 
ATOM   660  C  CB  . LEU A 1 84  ? 7.601   -9.618  -0.552  1.000 23.226 0 84  LEU AAA CB  1 ? 
ATOM   661  C  CG  . LEU A 1 84  ? 8.286   -8.587  -1.434  1.000 22.335 0 84  LEU AAA CG  1 ? 
ATOM   662  C  CD1 . LEU A 1 84  ? 9.385   -9.277  -2.242  1.000 26.468 0 84  LEU AAA CD1 1 ? 
ATOM   663  C  CD2 . LEU A 1 84  ? 7.314   -7.886  -2.396  1.000 21.761 0 84  LEU AAA CD2 1 ? 
ATOM   664  N  N   . SER A 1 85  ? 5.970   -10.061 2.521   1.000 24.471 0 85  SER AAA N   1 ? 
ATOM   665  C  CA  . SER A 1 85  ? 5.469   -11.076 3.488   1.000 24.346 0 85  SER AAA CA  1 ? 
ATOM   666  C  C   . SER A 1 85  ? 3.971   -11.314 3.337   1.000 25.507 0 85  SER AAA C   1 ? 
ATOM   667  O  O   . SER A 1 85  ? 3.213   -10.401 2.964   1.000 24.249 0 85  SER AAA O   1 ? 
ATOM   668  C  CB  . SER A 1 85  ? 5.819   -10.635 4.875   1.000 25.107 0 85  SER AAA CB  1 ? 
ATOM   669  O  OG  . SER A 1 85  ? 5.253   -11.491 5.818   1.000 26.815 0 85  SER AAA OG  1 ? 
ATOM   670  N  N   . SER A 1 86  ? 3.486   -12.496 3.725   1.000 25.444 0 86  SER AAA N   1 ? 
ATOM   671  C  CA  . SER A 1 86  ? 2.032   -12.773 3.819   1.000 27.043 0 86  SER AAA CA  1 ? 
ATOM   672  C  C   . SER A 1 86  ? 1.396   -11.936 4.939   1.000 24.797 0 86  SER AAA C   1 ? 
ATOM   673  O  O   . SER A 1 86  ? 0.171   -11.718 4.873   1.000 28.946 0 86  SER AAA O   1 ? 
ATOM   674  C  CB  A SER A 1 86  ? 1.751   -14.250 4.006   0.500 27.184 0 86  SER AAA CB  1 ? 
ATOM   675  C  CB  B SER A 1 86  ? 1.793   -14.253 4.010   0.500 31.874 0 86  SER AAA CB  1 ? 
ATOM   676  O  OG  A SER A 1 86  ? 2.479   -14.734 5.110   0.500 23.626 0 86  SER AAA OG  1 ? 
ATOM   677  O  OG  B SER A 1 86  ? 2.659   -14.975 3.154   0.500 37.579 0 86  SER AAA OG  1 ? 
ATOM   678  N  N   . ASP A 1 87  ? 2.198   -11.494 5.898   1.000 24.215 0 87  ASP AAA N   1 ? 
ATOM   679  C  CA  . ASP A 1 87  ? 1.844   -10.617 7.036   1.000 27.262 0 87  ASP AAA CA  1 ? 
ATOM   680  C  C   . ASP A 1 87  ? 1.993   -9.185  6.548   1.000 24.747 0 87  ASP AAA C   1 ? 
ATOM   681  O  O   . ASP A 1 87  ? 3.128   -8.791  6.303   1.000 24.826 0 87  ASP AAA O   1 ? 
ATOM   682  C  CB  . ASP A 1 87  ? 2.748   -10.974 8.215   1.000 30.329 0 87  ASP AAA CB  1 ? 
ATOM   683  C  CG  . ASP A 1 87  ? 2.652   -10.051 9.415   1.000 38.744 0 87  ASP AAA CG  1 ? 
ATOM   684  O  OD1 . ASP A 1 87  ? 1.901   -9.077  9.339   1.000 31.369 0 87  ASP AAA OD1 1 ? 
ATOM   685  O  OD2 . ASP A 1 87  ? 3.364   -10.312 10.426  1.000 42.100 0 87  ASP AAA OD2 1 ? 
ATOM   686  N  N   . ILE A 1 88  ? 0.909   -8.409  6.478   1.000 22.776 0 88  ILE AAA N   1 ? 
ATOM   687  C  CA  . ILE A 1 88  ? 0.988   -7.028  5.901   1.000 21.341 0 88  ILE AAA CA  1 ? 
ATOM   688  C  C   . ILE A 1 88  ? 1.435   -5.967  6.901   1.000 23.289 0 88  ILE AAA C   1 ? 
ATOM   689  O  O   . ILE A 1 88  ? 1.484   -4.793  6.497   1.000 21.568 0 88  ILE AAA O   1 ? 
ATOM   690  C  CB  . ILE A 1 88  ? -0.365  -6.650  5.254   1.000 22.101 0 88  ILE AAA CB  1 ? 
ATOM   691  C  CG1 . ILE A 1 88  ? -1.459  -6.454  6.316   1.000 23.654 0 88  ILE AAA CG1 1 ? 
ATOM   692  C  CG2 . ILE A 1 88  ? -0.759  -7.665  4.199   1.000 22.751 0 88  ILE AAA CG2 1 ? 
ATOM   693  C  CD1 . ILE A 1 88  ? -2.719  -5.848  5.727   1.000 26.759 0 88  ILE AAA CD1 1 ? 
ATOM   694  N  N   . THR A 1 89  ? 1.850   -6.334  8.125   1.000 23.496 0 89  THR AAA N   1 ? 
ATOM   695  C  CA  . THR A 1 89  ? 2.246   -5.368  9.171   1.000 23.759 0 89  THR AAA CA  1 ? 
ATOM   696  C  C   . THR A 1 89  ? 3.273   -4.380  8.605   1.000 23.806 0 89  THR AAA C   1 ? 
ATOM   697  O  O   . THR A 1 89  ? 3.098   -3.173  8.742   1.000 23.348 0 89  THR AAA O   1 ? 
ATOM   698  C  CB  . THR A 1 89  ? 2.757   -6.059  10.444  1.000 26.417 0 89  THR AAA CB  1 ? 
ATOM   699  O  OG1 . THR A 1 89  ? 1.724   -6.915  10.912  1.000 29.021 0 89  THR AAA OG1 1 ? 
ATOM   700  C  CG2 . THR A 1 89  ? 3.146   -5.059  11.507  1.000 32.117 0 89  THR AAA CG2 1 ? 
ATOM   701  N  N   . ALA A 1 90  ? 4.358   -4.823  7.979   1.000 21.273 0 90  ALA AAA N   1 ? 
ATOM   702  C  CA  . ALA A 1 90  ? 5.414   -3.909  7.524   1.000 21.756 0 90  ALA AAA CA  1 ? 
ATOM   703  C  C   . ALA A 1 90  ? 4.868   -2.964  6.444   1.000 21.302 0 90  ALA AAA C   1 ? 
ATOM   704  O  O   . ALA A 1 90  ? 5.145   -1.761  6.497   1.000 22.145 0 90  ALA AAA O   1 ? 
ATOM   705  C  CB  . ALA A 1 90  ? 6.668   -4.650  7.119   1.000 24.914 0 90  ALA AAA CB  1 ? 
ATOM   706  N  N   . SER A 1 91  ? 4.073   -3.477  5.513   1.000 20.099 0 91  SER AAA N   1 ? 
ATOM   707  C  CA  . SER A 1 91  ? 3.490   -2.628  4.456   1.000 19.573 0 91  SER AAA CA  1 ? 
ATOM   708  C  C   . SER A 1 91  ? 2.580   -1.580  5.111   1.000 18.756 0 91  SER AAA C   1 ? 
ATOM   709  O  O   . SER A 1 91  ? 2.657   -0.410  4.711   1.000 19.284 0 91  SER AAA O   1 ? 
ATOM   710  C  CB  . SER A 1 91  ? 2.753   -3.419  3.447   1.000 21.633 0 91  SER AAA CB  1 ? 
ATOM   711  O  OG  . SER A 1 91  ? 3.673   -4.069  2.571   1.000 21.417 0 91  SER AAA OG  1 ? 
ATOM   712  N  N   . VAL A 1 92  ? 1.718   -1.990  6.036   1.000 18.830 0 92  VAL AAA N   1 ? 
ATOM   713  C  CA  . VAL A 1 92  ? 0.768   -1.028  6.668   1.000 18.846 0 92  VAL AAA CA  1 ? 
ATOM   714  C  C   . VAL A 1 92  ? 1.554   0.028   7.426   1.000 20.109 0 92  VAL AAA C   1 ? 
ATOM   715  O  O   . VAL A 1 92  ? 1.284   1.216   7.277   1.000 20.151 0 92  VAL AAA O   1 ? 
ATOM   716  C  CB  . VAL A 1 92  ? -0.242  -1.735  7.585   1.000 21.150 0 92  VAL AAA CB  1 ? 
ATOM   717  C  CG1 . VAL A 1 92  ? -0.999  -0.688  8.413   1.000 22.112 0 92  VAL AAA CG1 1 ? 
ATOM   718  C  CG2 . VAL A 1 92  ? -1.195  -2.576  6.777   1.000 21.332 0 92  VAL AAA CG2 1 ? 
ATOM   719  N  N   . ASN A 1 93  ? 2.513   -0.358  8.259   1.000 20.475 0 93  ASN AAA N   1 ? 
ATOM   720  C  CA  . ASN A 1 93  ? 3.229   0.625   9.089   1.000 22.795 0 93  ASN AAA CA  1 ? 
ATOM   721  C  C   . ASN A 1 93  ? 4.021   1.601   8.203   1.000 21.027 0 93  ASN AAA C   1 ? 
ATOM   722  O  O   . ASN A 1 93  ? 3.993   2.786   8.480   1.000 22.368 0 93  ASN AAA O   1 ? 
ATOM   723  C  CB  . ASN A 1 93  ? 4.157   -0.054  10.104  1.000 27.193 0 93  ASN AAA CB  1 ? 
ATOM   724  C  CG  . ASN A 1 93  ? 3.393   -0.781  11.188  1.000 30.124 0 93  ASN AAA CG  1 ? 
ATOM   725  O  OD1 . ASN A 1 93  ? 2.188   -0.631  11.339  1.000 34.709 0 93  ASN AAA OD1 1 ? 
ATOM   726  N  ND2 . ASN A 1 93  ? 4.096   -1.625  11.913  1.000 35.677 0 93  ASN AAA ND2 1 ? 
ATOM   727  N  N   . CYS A 1 94  ? 4.611   1.154   7.084   1.000 20.183 0 94  CYS AAA N   1 ? 
ATOM   728  C  CA  . CYS A 1 94  ? 5.333   2.026   6.141   1.000 20.463 0 94  CYS AAA CA  1 ? 
ATOM   729  C  C   . CYS A 1 94  ? 4.307   2.913   5.379   1.000 19.621 0 94  CYS AAA C   1 ? 
ATOM   730  O  O   . CYS A 1 94  ? 4.522   4.144   5.262   1.000 20.644 0 94  CYS AAA O   1 ? 
ATOM   731  C  CB  . CYS A 1 94  ? 6.176   1.174   5.199   1.000 21.553 0 94  CYS AAA CB  1 ? 
ATOM   732  S  SG  . CYS A 1 94  ? 7.220   2.197   4.165   1.000 22.394 0 94  CYS AAA SG  1 ? 
ATOM   733  N  N   . ALA A 1 95  ? 3.150   2.371   5.000   1.000 17.804 0 95  ALA AAA N   1 ? 
ATOM   734  C  CA  . ALA A 1 95  ? 2.098   3.205   4.352   1.000 19.114 0 95  ALA AAA CA  1 ? 
ATOM   735  C  C   . ALA A 1 95  ? 1.616   4.340   5.266   1.000 18.774 0 95  ALA AAA C   1 ? 
ATOM   736  O  O   . ALA A 1 95  ? 1.403   5.422   4.776   1.000 20.125 0 95  ALA AAA O   1 ? 
ATOM   737  C  CB  . ALA A 1 95  ? 0.932   2.381   3.940   1.000 19.593 0 95  ALA AAA CB  1 ? 
ATOM   738  N  N   . LYS A 1 96  ? 1.521   4.101   6.565   1.000 18.524 0 96  LYS AAA N   1 ? 
ATOM   739  C  CA  . LYS A 1 96  ? 1.129   5.188   7.505   1.000 18.707 0 96  LYS AAA CA  1 ? 
ATOM   740  C  C   . LYS A 1 96  ? 2.127   6.324   7.447   1.000 20.100 0 96  LYS AAA C   1 ? 
ATOM   741  O  O   . LYS A 1 96  ? 1.713   7.489   7.517   1.000 22.312 0 96  LYS AAA O   1 ? 
ATOM   742  C  CB  . LYS A 1 96  ? 0.971   4.581   8.894   1.000 20.865 0 96  LYS AAA CB  1 ? 
ATOM   743  C  CG  . LYS A 1 96  ? -0.247  3.720   9.076   1.000 22.429 0 96  LYS AAA CG  1 ? 
ATOM   744  C  CD  . LYS A 1 96  ? -0.319  3.096   10.462  1.000 24.822 0 96  LYS AAA CD  1 ? 
ATOM   745  C  CE  . LYS A 1 96  ? -1.600  2.330   10.694  1.000 26.039 0 96  LYS AAA CE  1 ? 
ATOM   746  N  NZ  . LYS A 1 96  ? -1.627  1.689   12.034  1.000 31.089 0 96  LYS AAA NZ  1 ? 
ATOM   747  N  N   A LYS A 1 97  ? 3.432   6.032   7.401   0.500 20.195 0 97  LYS AAA N   1 ? 
ATOM   748  N  N   B LYS A 1 97  ? 3.430   6.032   7.391   0.500 19.674 0 97  LYS AAA N   1 ? 
ATOM   749  C  CA  A LYS A 1 97  ? 4.487   7.067   7.255   0.500 22.983 0 97  LYS AAA CA  1 ? 
ATOM   750  C  CA  B LYS A 1 97  ? 4.464   7.088   7.272   0.500 22.022 0 97  LYS AAA CA  1 ? 
ATOM   751  C  C   A LYS A 1 97  ? 4.350   7.794   5.910   0.500 22.114 0 97  LYS AAA C   1 ? 
ATOM   752  C  C   B LYS A 1 97  ? 4.356   7.794   5.911   0.500 21.582 0 97  LYS AAA C   1 ? 
ATOM   753  O  O   A LYS A 1 97  ? 4.446   9.029   5.856   0.500 22.336 0 97  LYS AAA O   1 ? 
ATOM   754  O  O   B LYS A 1 97  ? 4.445   9.029   5.851   0.500 22.085 0 97  LYS AAA O   1 ? 
ATOM   755  C  CB  A LYS A 1 97  ? 5.880   6.448   7.403   0.500 24.605 0 97  LYS AAA CB  1 ? 
ATOM   756  C  CB  B LYS A 1 97  ? 5.870   6.541   7.553   0.500 22.554 0 97  LYS AAA CB  1 ? 
ATOM   757  C  CG  A LYS A 1 97  ? 6.285   6.066   8.817   0.500 28.950 0 97  LYS AAA CG  1 ? 
ATOM   758  C  CG  B LYS A 1 97  ? 6.918   7.641   7.628   0.500 25.528 0 97  LYS AAA CG  1 ? 
ATOM   759  C  CD  A LYS A 1 97  ? 7.736   5.603   8.908   0.500 30.912 0 97  LYS AAA CD  1 ? 
ATOM   760  C  CD  B LYS A 1 97  ? 8.336   7.246   8.053   0.500 27.584 0 97  LYS AAA CD  1 ? 
ATOM   761  C  CE  A LYS A 1 97  ? 8.070   4.981   10.246  0.500 32.013 0 97  LYS AAA CE  1 ? 
ATOM   762  C  CE  B LYS A 1 97  ? 9.128   8.466   8.489   0.500 31.864 0 97  LYS AAA CE  1 ? 
ATOM   763  N  NZ  A LYS A 1 97  ? 7.865   3.513   10.211  0.500 35.009 0 97  LYS AAA NZ  1 ? 
ATOM   764  N  NZ  B LYS A 1 97  ? 10.575  8.188   8.644   0.500 34.647 0 97  LYS AAA NZ  1 ? 
ATOM   765  N  N   . ILE A 1 98  ? 4.156   7.058   4.814   1.000 19.773 0 98  ILE AAA N   1 ? 
ATOM   766  C  CA  . ILE A 1 98  ? 4.048   7.675   3.472   1.000 19.058 0 98  ILE AAA CA  1 ? 
ATOM   767  C  C   . ILE A 1 98  ? 2.848   8.644   3.446   1.000 18.408 0 98  ILE AAA C   1 ? 
ATOM   768  O  O   . ILE A 1 98  ? 3.002   9.778   2.948   1.000 19.625 0 98  ILE AAA O   1 ? 
ATOM   769  C  CB  . ILE A 1 98  ? 3.915   6.575   2.406   1.000 19.758 0 98  ILE AAA CB  1 ? 
ATOM   770  C  CG1 . ILE A 1 98  ? 5.167   5.696   2.394   1.000 19.887 0 98  ILE AAA CG1 1 ? 
ATOM   771  C  CG2 . ILE A 1 98  ? 3.650   7.192   1.042   1.000 21.031 0 98  ILE AAA CG2 1 ? 
ATOM   772  C  CD1 . ILE A 1 98  ? 5.049   4.441   1.517   1.000 19.687 0 98  ILE AAA CD1 1 ? 
ATOM   773  N  N   . VAL A 1 99  ? 1.700   8.171   3.874   1.000 19.445 0 99  VAL AAA N   1 ? 
ATOM   774  C  CA  . VAL A 1 99  ? 0.443   8.947   3.701   1.000 18.246 0 99  VAL AAA CA  1 ? 
ATOM   775  C  C   . VAL A 1 99  ? 0.524   10.193  4.589   1.000 23.060 0 99  VAL AAA C   1 ? 
ATOM   776  O  O   . VAL A 1 99  ? -0.254  11.131  4.311   1.000 21.120 0 99  VAL AAA O   1 ? 
ATOM   777  C  CB  . VAL A 1 99  ? -0.802  8.097   3.970   1.000 17.744 0 99  VAL AAA CB  1 ? 
ATOM   778  C  CG1 . VAL A 1 99  ? -1.013  7.806   5.447   1.000 19.140 0 99  VAL AAA CG1 1 ? 
ATOM   779  C  CG2 . VAL A 1 99  ? -2.044  8.755   3.402   1.000 19.920 0 99  VAL AAA CG2 1 ? 
ATOM   780  N  N   . SER A 1 100 ? 1.432   10.237  5.577   1.000 24.235 0 100 SER AAA N   1 ? 
ATOM   781  C  CA  . SER A 1 100 ? 1.658   11.397  6.498   1.000 27.303 0 100 SER AAA CA  1 ? 
ATOM   782  C  C   . SER A 1 100 ? 2.688   12.387  5.966   1.000 25.685 0 100 SER AAA C   1 ? 
ATOM   783  O  O   . SER A 1 100 ? 2.938   13.414  6.653   1.000 32.271 0 100 SER AAA O   1 ? 
ATOM   784  C  CB  . SER A 1 100 ? 2.084   10.868  7.850   1.000 28.735 0 100 SER AAA CB  1 ? 
ATOM   785  O  OG  . SER A 1 100 ? 1.097   10.040  8.392   1.000 30.113 0 100 SER AAA OG  1 ? 
ATOM   786  N  N   . ASP A 1 101 ? 3.257   12.211  4.783   1.000 26.017 0 101 ASP AAA N   1 ? 
ATOM   787  C  CA  . ASP A 1 101 ? 4.473   12.957  4.358   1.000 29.192 0 101 ASP AAA CA  1 ? 
ATOM   788  C  C   . ASP A 1 101 ? 4.144   14.287  3.640   1.000 29.786 0 101 ASP AAA C   1 ? 
ATOM   789  O  O   . ASP A 1 101 ? 5.092   15.007  3.255   1.000 33.212 0 101 ASP AAA O   1 ? 
ATOM   790  C  CB  . ASP A 1 101 ? 5.396   12.052  3.549   1.000 33.916 0 101 ASP AAA CB  1 ? 
ATOM   791  C  CG  . ASP A 1 101 ? 5.078   11.989  2.084   1.000 35.793 0 101 ASP AAA CG  1 ? 
ATOM   792  O  OD1 . ASP A 1 101 ? 3.987   12.535  1.678   1.000 34.375 0 101 ASP AAA OD1 1 ? 
ATOM   793  O  OD2 . ASP A 1 101 ? 5.900   11.384  1.350   1.000 41.367 0 101 ASP AAA OD2 1 ? 
ATOM   794  N  N   . GLY A 1 102 ? 2.870   14.647  3.464   1.000 30.356 0 102 GLY AAA N   1 ? 
ATOM   795  C  CA  . GLY A 1 102 ? 2.507   15.910  2.777   1.000 26.106 0 102 GLY AAA CA  1 ? 
ATOM   796  C  C   . GLY A 1 102 ? 1.547   15.687  1.605   1.000 28.297 0 102 GLY AAA C   1 ? 
ATOM   797  O  O   . GLY A 1 102 ? 0.628   16.531  1.464   1.000 27.356 0 102 GLY AAA O   1 ? 
ATOM   798  N  N   . ASN A 1 103 ? 1.668   14.584  0.834   1.000 26.638 0 103 ASN AAA N   1 ? 
ATOM   799  C  CA  . ASN A 1 103 ? 0.827   14.398  -0.384  1.000 24.418 0 103 ASN AAA CA  1 ? 
ATOM   800  C  C   . ASN A 1 103 ? -0.317  13.394  -0.136  1.000 18.047 0 103 ASN AAA C   1 ? 
ATOM   801  O  O   . ASN A 1 103 ? -1.120  13.130  -1.023  1.000 19.753 0 103 ASN AAA O   1 ? 
ATOM   802  C  CB  . ASN A 1 103 ? 1.678   14.076  -1.610  1.000 29.161 0 103 ASN AAA CB  1 ? 
ATOM   803  C  CG  . ASN A 1 103 ? 2.591   15.246  -1.985  1.000 36.898 0 103 ASN AAA CG  1 ? 
ATOM   804  O  OD1 . ASN A 1 103 ? 2.202   16.422  -1.886  1.000 36.550 0 103 ASN AAA OD1 1 ? 
ATOM   805  N  ND2 . ASN A 1 103 ? 3.805   14.919  -2.403  1.000 37.895 0 103 ASN AAA ND2 1 ? 
ATOM   806  N  N   . GLY A 1 104 ? -0.474  12.906  1.054   1.000 17.786 0 104 GLY AAA N   1 ? 
ATOM   807  C  CA  . GLY A 1 104 ? -1.543  11.973  1.359   1.000 17.286 0 104 GLY AAA CA  1 ? 
ATOM   808  C  C   . GLY A 1 104 ? -1.527  10.755  0.439   1.000 15.448 0 104 GLY AAA C   1 ? 
ATOM   809  O  O   . GLY A 1 104 ? -0.415  10.282  0.155   1.000 17.399 0 104 GLY AAA O   1 ? 
ATOM   810  N  N   . MET A 1 105 ? -2.668  10.308  -0.030  1.000 14.640 0 105 MET AAA N   1 ? 
ATOM   811  C  CA  . MET A 1 105 ? -2.672  9.068   -0.850  1.000 15.014 0 105 MET AAA CA  1 ? 
ATOM   812  C  C   . MET A 1 105 ? -2.292  9.392   -2.281  1.000 15.447 0 105 MET AAA C   1 ? 
ATOM   813  O  O   . MET A 1 105 ? -2.107  8.463   -3.059  1.000 15.005 0 105 MET AAA O   1 ? 
ATOM   814  C  CB  . MET A 1 105 ? -4.014  8.358   -0.770  1.000 14.709 0 105 MET AAA CB  1 ? 
ATOM   815  C  CG  . MET A 1 105 ? -4.191  7.580   0.563   1.000 16.238 0 105 MET AAA CG  1 ? 
ATOM   816  S  SD  . MET A 1 105 ? -5.528  6.354   0.537   1.000 16.880 0 105 MET AAA SD  1 ? 
ATOM   817  C  CE  . MET A 1 105 ? -4.765  5.057   -0.449  1.000 16.824 0 105 MET AAA CE  1 ? 
ATOM   818  N  N   . ASN A 1 106 ? -2.044  10.657  -2.614  1.000 15.499 0 106 ASN AAA N   1 ? 
ATOM   819  C  CA  . ASN A 1 106 ? -1.537  11.014  -3.959  1.000 15.929 0 106 ASN AAA CA  1 ? 
ATOM   820  C  C   . ASN A 1 106 ? -0.141  10.417  -4.190  1.000 16.746 0 106 ASN AAA C   1 ? 
ATOM   821  O  O   . ASN A 1 106 ? 0.212   10.287  -5.375  1.000 19.234 0 106 ASN AAA O   1 ? 
ATOM   822  C  CB  . ASN A 1 106 ? -1.569  12.510  -4.205  1.000 17.137 0 106 ASN AAA CB  1 ? 
ATOM   823  C  CG  . ASN A 1 106 ? -2.965  13.069  -4.141  1.000 16.602 0 106 ASN AAA CG  1 ? 
ATOM   824  O  OD1 . ASN A 1 106 ? -3.808  12.850  -5.004  1.000 16.616 0 106 ASN AAA OD1 1 ? 
ATOM   825  N  ND2 . ASN A 1 106 ? -3.225  13.815  -3.091  1.000 17.158 0 106 ASN AAA ND2 1 ? 
ATOM   826  N  N   . ALA A 1 107 ? 0.525   9.953   -3.150  1.000 17.529 0 107 ALA AAA N   1 ? 
ATOM   827  C  CA  . ALA A 1 107 ? 1.815   9.224   -3.282  1.000 19.401 0 107 ALA AAA CA  1 ? 
ATOM   828  C  C   . ALA A 1 107 ? 1.645   7.979   -4.140  1.000 19.216 0 107 ALA AAA C   1 ? 
ATOM   829  O  O   . ALA A 1 107 ? 2.585   7.555   -4.834  1.000 21.327 0 107 ALA AAA O   1 ? 
ATOM   830  C  CB  . ALA A 1 107 ? 2.314   8.826   -1.923  1.000 19.420 0 107 ALA AAA CB  1 ? 
ATOM   831  N  N   . TRP A 1 108 ? 0.468   7.382   -4.121  1.000 16.787 0 108 TRP AAA N   1 ? 
ATOM   832  C  CA  . TRP A 1 108 ? 0.123   6.181   -4.918  1.000 16.592 0 108 TRP AAA CA  1 ? 
ATOM   833  C  C   . TRP A 1 108 ? -0.520  6.672   -6.217  1.000 17.543 0 108 TRP AAA C   1 ? 
ATOM   834  O  O   . TRP A 1 108 ? -1.682  7.052   -6.229  1.000 17.170 0 108 TRP AAA O   1 ? 
ATOM   835  C  CB  . TRP A 1 108 ? -0.755  5.229   -4.133  1.000 15.452 0 108 TRP AAA CB  1 ? 
ATOM   836  C  CG  . TRP A 1 108 ? -0.026  4.550   -3.040  1.000 15.279 0 108 TRP AAA CG  1 ? 
ATOM   837  C  CD1 . TRP A 1 108 ? 0.779   3.435   -3.157  1.000 16.131 0 108 TRP AAA CD1 1 ? 
ATOM   838  C  CD2 . TRP A 1 108 ? 0.065   4.948   -1.670  1.000 16.089 0 108 TRP AAA CD2 1 ? 
ATOM   839  N  NE1 . TRP A 1 108 ? 1.275   3.098   -1.937  1.000 17.702 0 108 TRP AAA NE1 1 ? 
ATOM   840  C  CE2 . TRP A 1 108 ? 0.879   4.027   -1.004  1.000 16.403 0 108 TRP AAA CE2 1 ? 
ATOM   841  C  CE3 . TRP A 1 108 ? -0.483  6.001   -0.923  1.000 16.823 0 108 TRP AAA CE3 1 ? 
ATOM   842  C  CZ2 . TRP A 1 108 ? 1.107   4.079   0.352   1.000 16.114 0 108 TRP AAA CZ2 1 ? 
ATOM   843  C  CZ3 . TRP A 1 108 ? -0.238  6.076   0.431   1.000 17.750 0 108 TRP AAA CZ3 1 ? 
ATOM   844  C  CH2 . TRP A 1 108 ? 0.574   5.147   1.061   1.000 17.398 0 108 TRP AAA CH2 1 ? 
ATOM   845  N  N   . VAL A 1 109 ? 0.226   6.630   -7.315  1.000 21.534 0 109 VAL AAA N   1 ? 
ATOM   846  C  CA  . VAL A 1 109 ? -0.267  6.982   -8.673  1.000 23.971 0 109 VAL AAA CA  1 ? 
ATOM   847  C  C   . VAL A 1 109 ? -1.540  6.190   -8.992  1.000 19.316 0 109 VAL AAA C   1 ? 
ATOM   848  O  O   . VAL A 1 109 ? -2.463  6.830   -9.557  1.000 19.617 0 109 VAL AAA O   1 ? 
ATOM   849  C  CB  . VAL A 1 109 ? 0.842   6.646   -9.703  1.000 27.532 0 109 VAL AAA CB  1 ? 
ATOM   850  C  CG1 . VAL A 1 109 ? 0.419   6.968   -11.121 1.000 31.276 0 109 VAL AAA CG1 1 ? 
ATOM   851  C  CG2 . VAL A 1 109 ? 2.147   7.339   -9.382  1.000 33.982 0 109 VAL AAA CG2 1 ? 
ATOM   852  N  N   . ALA A 1 110 ? -1.586  4.909   -8.721  1.000 19.255 0 110 ALA AAA N   1 ? 
ATOM   853  C  CA  . ALA A 1 110 ? -2.818  4.129   -9.032  1.000 19.521 0 110 ALA AAA CA  1 ? 
ATOM   854  C  C   . ALA A 1 110 ? -4.022  4.681   -8.239  1.000 19.210 0 110 ALA AAA C   1 ? 
ATOM   855  O  O   . ALA A 1 110 ? -5.163  4.665   -8.749  1.000 18.930 0 110 ALA AAA O   1 ? 
ATOM   856  C  CB  . ALA A 1 110 ? -2.640  2.649   -8.780  1.000 21.523 0 110 ALA AAA CB  1 ? 
ATOM   857  N  N   . TRP A 1 111 ? -3.807  5.072   -6.981  1.000 17.008 0 111 TRP AAA N   1 ? 
ATOM   858  C  CA  . TRP A 1 111 ? -4.914  5.631   -6.176  1.000 16.047 0 111 TRP AAA CA  1 ? 
ATOM   859  C  C   . TRP A 1 111 ? -5.398  6.928   -6.827  1.000 16.272 0 111 TRP AAA C   1 ? 
ATOM   860  O  O   . TRP A 1 111 ? -6.631  7.079   -7.039  1.000 15.274 0 111 TRP AAA O   1 ? 
ATOM   861  C  CB  . TRP A 1 111 ? -4.548  5.858   -4.718  1.000 15.596 0 111 TRP AAA CB  1 ? 
ATOM   862  C  CG  . TRP A 1 111 ? -5.651  6.511   -3.941  1.000 14.545 0 111 TRP AAA CG  1 ? 
ATOM   863  C  CD1 . TRP A 1 111 ? -6.697  5.850   -3.386  1.000 15.244 0 111 TRP AAA CD1 1 ? 
ATOM   864  C  CD2 . TRP A 1 111 ? -5.881  7.914   -3.741  1.000 14.316 0 111 TRP AAA CD2 1 ? 
ATOM   865  N  NE1 . TRP A 1 111 ? -7.567  6.747   -2.827  1.000 15.156 0 111 TRP AAA NE1 1 ? 
ATOM   866  C  CE2 . TRP A 1 111 ? -7.091  8.011   -3.026  1.000 15.462 0 111 TRP AAA CE2 1 ? 
ATOM   867  C  CE3 . TRP A 1 111 ? -5.175  9.098   -4.059  1.000 14.874 0 111 TRP AAA CE3 1 ? 
ATOM   868  C  CZ2 . TRP A 1 111 ? -7.581  9.231   -2.587  1.000 16.037 0 111 TRP AAA CZ2 1 ? 
ATOM   869  C  CZ3 . TRP A 1 111 ? -5.680  10.298  -3.598  1.000 16.342 0 111 TRP AAA CZ3 1 ? 
ATOM   870  C  CH2 . TRP A 1 111 ? -6.873  10.370  -2.888  1.000 16.259 0 111 TRP AAA CH2 1 ? 
ATOM   871  N  N   . ARG A 1 112 ? -4.516  7.865   -7.150  1.000 16.423 0 112 ARG AAA N   1 ? 
ATOM   872  C  CA  . ARG A 1 112 ? -4.953  9.146   -7.740  1.000 17.673 0 112 ARG AAA CA  1 ? 
ATOM   873  C  C   . ARG A 1 112 ? -5.702  8.881   -9.057  1.000 15.888 0 112 ARG AAA C   1 ? 
ATOM   874  O  O   . ARG A 1 112 ? -6.747  9.511   -9.274  1.000 18.068 0 112 ARG AAA O   1 ? 
ATOM   875  C  CB  . ARG A 1 112 ? -3.754  10.092  -7.927  1.000 21.992 0 112 ARG AAA CB  1 ? 
ATOM   876  C  CG  . ARG A 1 112 ? -4.116  11.489  -8.386  1.000 27.659 0 112 ARG AAA CG  1 ? 
ATOM   877  C  CD  . ARG A 1 112 ? -2.840  12.304  -8.691  1.000 34.603 0 112 ARG AAA CD  1 ? 
ATOM   878  N  NE  . ARG A 1 112 ? -1.645  11.690  -8.136  1.000 40.406 0 112 ARG AAA NE  1 ? 
ATOM   879  C  CZ  . ARG A 1 112 ? -0.577  11.247  -8.810  1.000 50.957 0 112 ARG AAA CZ  1 ? 
ATOM   880  N  NH1 . ARG A 1 112 ? 0.443   10.722  -8.134  1.000 41.378 0 112 ARG AAA NH1 1 ? 
ATOM   881  N  NH2 . ARG A 1 112 ? -0.505  11.341  -10.133 1.000 51.133 0 112 ARG AAA NH2 1 ? 
ATOM   882  N  N   . ASN A 1 113 ? -5.233  7.938   -9.851  1.000 17.436 0 113 ASN AAA N   1 ? 
ATOM   883  C  CA  . ASN A 1 113 ? -5.767  7.808   -11.238 1.000 17.985 0 113 ASN AAA CA  1 ? 
ATOM   884  C  C   . ASN A 1 113 ? -6.954  6.868   -11.304 1.000 18.729 0 113 ASN AAA C   1 ? 
ATOM   885  O  O   . ASN A 1 113 ? -7.719  6.997   -12.281 1.000 19.251 0 113 ASN AAA O   1 ? 
ATOM   886  C  CB  . ASN A 1 113 ? -4.680  7.383   -12.208 1.000 18.113 0 113 ASN AAA CB  1 ? 
ATOM   887  C  CG  . ASN A 1 113 ? -3.727  8.530   -12.456 1.000 18.993 0 113 ASN AAA CG  1 ? 
ATOM   888  O  OD1 . ASN A 1 113 ? -4.141  9.681   -12.465 1.000 22.108 0 113 ASN AAA OD1 1 ? 
ATOM   889  N  ND2 . ASN A 1 113 ? -2.482  8.176   -12.740 1.000 22.585 0 113 ASN AAA ND2 1 ? 
ATOM   890  N  N   . ARG A 1 114 ? -7.176  6.000   -10.313 1.000 17.407 0 114 ARG AAA N   1 ? 
ATOM   891  C  CA  . ARG A 1 114 ? -8.210  4.949   -10.406 1.000 18.317 0 114 ARG AAA CA  1 ? 
ATOM   892  C  C   . ARG A 1 114 ? -9.173  4.938   -9.233  1.000 18.983 0 114 ARG AAA C   1 ? 
ATOM   893  O  O   . ARG A 1 114 ? -10.238 4.338   -9.404  1.000 19.306 0 114 ARG AAA O   1 ? 
ATOM   894  C  CB  . ARG A 1 114 ? -7.541  3.620   -10.615 1.000 18.861 0 114 ARG AAA CB  1 ? 
ATOM   895  C  CG  . ARG A 1 114 ? -6.683  3.759   -11.873 1.000 20.519 0 114 ARG AAA CG  1 ? 
ATOM   896  C  CD  . ARG A 1 114 ? -6.138  2.482   -12.312 1.000 21.174 0 114 ARG AAA CD  1 ? 
ATOM   897  N  NE  . ARG A 1 114 ? -7.091  1.571   -12.892 1.000 18.926 0 114 ARG AAA NE  1 ? 
ATOM   898  C  CZ  . ARG A 1 114 ? -6.750  0.350   -13.291 1.000 18.065 0 114 ARG AAA CZ  1 ? 
ATOM   899  N  NH1 . ARG A 1 114 ? -5.512  -0.062  -13.130 1.000 19.706 0 114 ARG AAA NH1 1 ? 
ATOM   900  N  NH2 . ARG A 1 114 ? -7.648  -0.419  -13.856 1.000 19.646 0 114 ARG AAA NH2 1 ? 
ATOM   901  N  N   . CYS A 1 115 ? -8.835  5.583   -8.112  1.000 15.714 0 115 CYS AAA N   1 ? 
ATOM   902  C  CA  . CYS A 1 115 ? -9.662  5.467   -6.894  1.000 16.340 0 115 CYS AAA CA  1 ? 
ATOM   903  C  C   . CYS A 1 115 ? -10.179 6.840   -6.433  1.000 15.261 0 115 CYS AAA C   1 ? 
ATOM   904  O  O   . CYS A 1 115 ? -11.363 6.961   -6.025  1.000 16.222 0 115 CYS AAA O   1 ? 
ATOM   905  C  CB  . CYS A 1 115 ? -8.871  4.863   -5.751  1.000 15.701 0 115 CYS AAA CB  1 ? 
ATOM   906  S  SG  . CYS A 1 115 ? -8.191  3.233   -6.133  1.000 16.859 0 115 CYS AAA SG  1 ? 
ATOM   907  N  N   . LYS A 1 116 ? -9.341  7.865   -6.467  1.000 15.897 0 116 LYS AAA N   1 ? 
ATOM   908  C  CA  . LYS A 1 116 ? -9.666  9.219   -6.004  1.000 16.125 0 116 LYS AAA CA  1 ? 
ATOM   909  C  C   . LYS A 1 116 ? -10.910 9.726   -6.752  1.000 17.346 0 116 LYS AAA C   1 ? 
ATOM   910  O  O   . LYS A 1 116 ? -10.964 9.677   -7.987  1.000 18.138 0 116 LYS AAA O   1 ? 
ATOM   911  C  CB  . LYS A 1 116 ? -8.459  10.114  -6.260  1.000 16.702 0 116 LYS AAA CB  1 ? 
ATOM   912  C  CG  . LYS A 1 116 ? -8.604  11.541  -5.748  1.000 16.265 0 116 LYS AAA CG  1 ? 
ATOM   913  C  CD  . LYS A 1 116 ? -7.389  12.396  -6.053  1.000 16.551 0 116 LYS AAA CD  1 ? 
ATOM   914  C  CE  . LYS A 1 116 ? -7.366  13.712  -5.308  1.000 16.859 0 116 LYS AAA CE  1 ? 
ATOM   915  N  NZ  . LYS A 1 116 ? -6.137  14.464  -5.674  1.000 17.735 0 116 LYS AAA NZ  1 ? 
ATOM   916  N  N   . GLY A 1 117 ? -11.904 10.128  -5.976  1.000 20.228 0 117 GLY AAA N   1 ? 
ATOM   917  C  CA  . GLY A 1 117 ? -13.176 10.717  -6.444  1.000 22.690 0 117 GLY AAA CA  1 ? 
ATOM   918  C  C   . GLY A 1 117 ? -14.133 9.687   -7.023  1.000 23.432 0 117 GLY AAA C   1 ? 
ATOM   919  O  O   . GLY A 1 117 ? -15.105 10.082  -7.703  1.000 27.473 0 117 GLY AAA O   1 ? 
ATOM   920  N  N   . THR A 1 118 ? -13.898 8.411   -6.786  1.000 20.931 0 118 THR AAA N   1 ? 
ATOM   921  C  CA  . THR A 1 118 ? -14.820 7.323   -7.162  1.000 19.479 0 118 THR AAA CA  1 ? 
ATOM   922  C  C   . THR A 1 118 ? -15.582 6.867   -5.902  1.000 20.806 0 118 THR AAA C   1 ? 
ATOM   923  O  O   . THR A 1 118 ? -15.247 7.277   -4.760  1.000 22.224 0 118 THR AAA O   1 ? 
ATOM   924  C  CB  . THR A 1 118 ? -14.092 6.166   -7.849  1.000 21.722 0 118 THR AAA CB  1 ? 
ATOM   925  O  OG1 . THR A 1 118 ? -13.396 5.457   -6.830  1.000 19.108 0 118 THR AAA OG1 1 ? 
ATOM   926  C  CG2 . THR A 1 118 ? -13.119 6.571   -8.936  1.000 21.256 0 118 THR AAA CG2 1 ? 
ATOM   927  N  N   . ASP A 1 119 ? -16.582 6.011   -6.104  1.000 23.906 0 119 ASP AAA N   1 ? 
ATOM   928  C  CA  . ASP A 1 119 ? -17.386 5.417   -4.997  1.000 24.194 0 119 ASP AAA CA  1 ? 
ATOM   929  C  C   . ASP A 1 119 ? -16.569 4.280   -4.370  1.000 22.268 0 119 ASP AAA C   1 ? 
ATOM   930  O  O   . ASP A 1 119 ? -16.854 3.092   -4.592  1.000 24.086 0 119 ASP AAA O   1 ? 
ATOM   931  C  CB  . ASP A 1 119 ? -18.776 5.002   -5.513  1.000 23.829 0 119 ASP AAA CB  1 ? 
ATOM   932  C  CG  . ASP A 1 119 ? -19.743 6.141   -5.748  1.000 29.087 0 119 ASP AAA CG  1 ? 
ATOM   933  O  OD1 . ASP A 1 119 ? -19.839 7.044   -4.878  1.000 28.727 0 119 ASP AAA OD1 1 ? 
ATOM   934  O  OD2 . ASP A 1 119 ? -20.395 6.143   -6.821  1.000 28.700 0 119 ASP AAA OD2 1 ? 
ATOM   935  N  N   . VAL A 1 120 ? -15.560 4.638   -3.574  1.000 22.003 0 120 VAL AAA N   1 ? 
ATOM   936  C  CA  . VAL A 1 120 ? -14.613 3.623   -3.036  1.000 22.791 0 120 VAL AAA CA  1 ? 
ATOM   937  C  C   . VAL A 1 120 ? -15.276 2.708   -1.993  1.000 22.054 0 120 VAL AAA C   1 ? 
ATOM   938  O  O   . VAL A 1 120 ? -14.721 1.658   -1.763  1.000 22.117 0 120 VAL AAA O   1 ? 
ATOM   939  C  CB  . VAL A 1 120 ? -13.358 4.268   -2.473  1.000 22.205 0 120 VAL AAA CB  1 ? 
ATOM   940  C  CG1 . VAL A 1 120 ? -12.495 4.841   -3.593  1.000 22.141 0 120 VAL AAA CG1 1 ? 
ATOM   941  C  CG2 . VAL A 1 120 ? -13.718 5.299   -1.422  1.000 22.082 0 120 VAL AAA CG2 1 ? 
ATOM   942  N  N   A GLN A 1 121 ? -16.441 3.081   -1.447  0.500 24.583 0 121 GLN AAA N   1 ? 
ATOM   943  N  N   B GLN A 1 121 ? -16.439 3.065   -1.446  0.500 24.171 0 121 GLN AAA N   1 ? 
ATOM   944  C  CA  A GLN A 1 121 ? -17.219 2.242   -0.494  0.500 26.146 0 121 GLN AAA CA  1 ? 
ATOM   945  C  CA  B GLN A 1 121 ? -17.171 2.213   -0.473  0.500 25.451 0 121 GLN AAA CA  1 ? 
ATOM   946  C  C   A GLN A 1 121 ? -17.540 0.922   -1.182  0.500 24.765 0 121 GLN AAA C   1 ? 
ATOM   947  C  C   B GLN A 1 121 ? -17.550 0.915   -1.180  0.500 24.480 0 121 GLN AAA C   1 ? 
ATOM   948  O  O   A GLN A 1 121 ? -17.667 -0.096  -0.476  0.500 25.833 0 121 GLN AAA O   1 ? 
ATOM   949  O  O   B GLN A 1 121 ? -17.707 -0.108  -0.487  0.500 25.472 0 121 GLN AAA O   1 ? 
ATOM   950  C  CB  A GLN A 1 121 ? -18.498 2.945   -0.012  0.500 29.322 0 121 GLN AAA CB  1 ? 
ATOM   951  C  CB  B GLN A 1 121 ? -18.371 2.964   0.121   0.500 28.150 0 121 GLN AAA CB  1 ? 
ATOM   952  C  CG  A GLN A 1 121 ? -19.632 2.967   -1.032  0.500 34.220 0 121 GLN AAA CG  1 ? 
ATOM   953  C  CG  B GLN A 1 121 ? -17.951 4.247   0.827   0.500 32.932 0 121 GLN AAA CG  1 ? 
ATOM   954  C  CD  A GLN A 1 121 ? -20.595 4.114   -0.814  0.500 40.725 0 121 GLN AAA CD  1 ? 
ATOM   955  C  CD  B GLN A 1 121 ? -19.058 4.955   1.570   0.500 36.295 0 121 GLN AAA CD  1 ? 
ATOM   956  O  OE1 A GLN A 1 121 ? -21.118 4.303   0.279   0.500 46.405 0 121 GLN AAA OE1 1 ? 
ATOM   957  O  OE1 B GLN A 1 121 ? -19.953 5.560   0.974   0.500 40.123 0 121 GLN AAA OE1 1 ? 
ATOM   958  N  NE2 A GLN A 1 121 ? -20.836 4.904   -1.852  0.500 37.594 0 121 GLN AAA NE2 1 ? 
ATOM   959  N  NE2 B GLN A 1 121 ? -18.971 4.925   2.893   0.500 39.562 0 121 GLN AAA NE2 1 ? 
ATOM   960  N  N   . ALA A 1 122 ? -17.681 0.925   -2.508  1.000 23.148 0 122 ALA AAA N   1 ? 
ATOM   961  C  CA  . ALA A 1 122 ? -17.940 -0.302  -3.284  1.000 22.956 0 122 ALA AAA CA  1 ? 
ATOM   962  C  C   . ALA A 1 122 ? -16.903 -1.378  -2.932  1.000 23.381 0 122 ALA AAA C   1 ? 
ATOM   963  O  O   . ALA A 1 122 ? -17.224 -2.565  -2.912  1.000 23.594 0 122 ALA AAA O   1 ? 
ATOM   964  C  CB  . ALA A 1 122 ? -17.973 -0.067  -4.763  1.000 25.075 0 122 ALA AAA CB  1 ? 
ATOM   965  N  N   . TRP A 1 123 ? -15.662 -0.993  -2.619  1.000 20.871 0 123 TRP AAA N   1 ? 
ATOM   966  C  CA  . TRP A 1 123 ? -14.594 -2.004  -2.419  1.000 19.970 0 123 TRP AAA CA  1 ? 
ATOM   967  C  C   . TRP A 1 123 ? -14.792 -2.801  -1.127  1.000 20.204 0 123 TRP AAA C   1 ? 
ATOM   968  O  O   . TRP A 1 123 ? -14.159 -3.864  -0.982  1.000 21.262 0 123 TRP AAA O   1 ? 
ATOM   969  C  CB  . TRP A 1 123 ? -13.232 -1.303  -2.458  1.000 18.748 0 123 TRP AAA CB  1 ? 
ATOM   970  C  CG  . TRP A 1 123 ? -12.871 -0.882  -3.835  1.000 20.463 0 123 TRP AAA CG  1 ? 
ATOM   971  C  CD1 . TRP A 1 123 ? -13.068 0.333   -4.411  1.000 22.719 0 123 TRP AAA CD1 1 ? 
ATOM   972  C  CD2 . TRP A 1 123 ? -12.434 -1.764  -4.869  1.000 20.723 0 123 TRP AAA CD2 1 ? 
ATOM   973  N  NE1 . TRP A 1 123 ? -12.705 0.281   -5.722  1.000 23.443 0 123 TRP AAA NE1 1 ? 
ATOM   974  C  CE2 . TRP A 1 123 ? -12.335 -0.984  -6.046  1.000 21.926 0 123 TRP AAA CE2 1 ? 
ATOM   975  C  CE3 . TRP A 1 123 ? -12.111 -3.119  -4.913  1.000 22.308 0 123 TRP AAA CE3 1 ? 
ATOM   976  C  CZ2 . TRP A 1 123 ? -11.889 -1.531  -7.234  1.000 24.310 0 123 TRP AAA CZ2 1 ? 
ATOM   977  C  CZ3 . TRP A 1 123 ? -11.744 -3.688  -6.117  1.000 25.142 0 123 TRP AAA CZ3 1 ? 
ATOM   978  C  CH2 . TRP A 1 123 ? -11.665 -2.892  -7.267  1.000 24.372 0 123 TRP AAA CH2 1 ? 
ATOM   979  N  N   . ILE A 1 124 ? -15.618 -2.315  -0.193  1.000 21.317 0 124 ILE AAA N   1 ? 
ATOM   980  C  CA  . ILE A 1 124 ? -15.835 -3.068  1.078   1.000 23.121 0 124 ILE AAA CA  1 ? 
ATOM   981  C  C   . ILE A 1 124 ? -17.295 -3.495  1.156   1.000 22.649 0 124 ILE AAA C   1 ? 
ATOM   982  O  O   . ILE A 1 124 ? -17.668 -4.114  2.202   1.000 24.736 0 124 ILE AAA O   1 ? 
ATOM   983  C  CB  . ILE A 1 124 ? -15.372 -2.258  2.291   1.000 24.377 0 124 ILE AAA CB  1 ? 
ATOM   984  C  CG1 . ILE A 1 124 ? -16.179 -0.976  2.492   1.000 26.109 0 124 ILE AAA CG1 1 ? 
ATOM   985  C  CG2 . ILE A 1 124 ? -13.862 -2.011  2.199   1.000 25.116 0 124 ILE AAA CG2 1 ? 
ATOM   986  C  CD1 . ILE A 1 124 ? -16.212 -0.560  3.973   1.000 31.907 0 124 ILE AAA CD1 1 ? 
ATOM   987  N  N   . ARG A 1 125 ? -18.001 -3.416  0.055   1.000 23.691 0 125 ARG AAA N   1 ? 
ATOM   988  C  CA  . ARG A 1 125 ? -19.441 -3.847  0.047   1.000 27.660 0 125 ARG AAA CA  1 ? 
ATOM   989  C  C   . ARG A 1 125 ? -19.527 -5.346  0.324   1.000 25.815 0 125 ARG AAA C   1 ? 
ATOM   990  O  O   . ARG A 1 125 ? -18.766 -6.140  -0.262  1.000 27.917 0 125 ARG AAA O   1 ? 
ATOM   991  C  CB  . ARG A 1 125 ? -20.079 -3.505  -1.301  1.000 30.706 0 125 ARG AAA CB  1 ? 
ATOM   992  C  CG  . ARG A 1 125 ? -21.535 -3.939  -1.436  1.000 38.303 0 125 ARG AAA CG  1 ? 
ATOM   993  C  CD  . ARG A 1 125 ? -22.021 -3.719  -2.866  1.000 48.349 0 125 ARG AAA CD  1 ? 
ATOM   994  N  NE  . ARG A 1 125 ? -22.008 -2.293  -3.196  1.000 55.679 0 125 ARG AAA NE  1 ? 
ATOM   995  C  CZ  . ARG A 1 125 ? -21.708 -1.770  -4.388  1.000 60.659 0 125 ARG AAA CZ  1 ? 
ATOM   996  N  NH1 . ARG A 1 125 ? -21.384 -2.544  -5.414  1.000 65.237 0 125 ARG AAA NH1 1 ? 
ATOM   997  N  NH2 . ARG A 1 125 ? -21.724 -0.459  -4.544  1.000 61.334 0 125 ARG AAA NH2 1 ? 
ATOM   998  N  N   . GLY A 1 126 ? -20.411 -5.734  1.259   1.000 28.969 0 126 GLY AAA N   1 ? 
ATOM   999  C  CA  . GLY A 1 126 ? -20.627 -7.157  1.546   1.000 28.094 0 126 GLY AAA CA  1 ? 
ATOM   1000 C  C   . GLY A 1 126 ? -19.646 -7.722  2.563   1.000 30.812 0 126 GLY AAA C   1 ? 
ATOM   1001 O  O   . GLY A 1 126 ? -19.893 -8.852  3.084   1.000 32.809 0 126 GLY AAA O   1 ? 
ATOM   1002 N  N   . CYS A 1 127 ? -18.604 -6.987  2.943   1.000 24.699 0 127 CYS AAA N   1 ? 
ATOM   1003 C  CA  . CYS A 1 127 ? -17.549 -7.552  3.815   1.000 28.101 0 127 CYS AAA CA  1 ? 
ATOM   1004 C  C   . CYS A 1 127 ? -17.971 -7.468  5.280   1.000 27.959 0 127 CYS AAA C   1 ? 
ATOM   1005 O  O   . CYS A 1 127 ? -18.500 -6.418  5.711   1.000 28.499 0 127 CYS AAA O   1 ? 
ATOM   1006 C  CB  . CYS A 1 127 ? -16.250 -6.773  3.676   1.000 25.833 0 127 CYS AAA CB  1 ? 
ATOM   1007 S  SG  . CYS A 1 127 ? -15.588 -6.754  1.990   1.000 24.495 0 127 CYS AAA SG  1 ? 
ATOM   1008 N  N   A ARG A 1 128 ? -17.676 -8.508  6.071   0.500 30.292 0 128 ARG AAA N   1 ? 
ATOM   1009 N  N   B ARG A 1 128 ? -17.673 -8.514  6.053   0.500 28.567 0 128 ARG AAA N   1 ? 
ATOM   1010 C  CA  A ARG A 1 128 ? -17.931 -8.500  7.537   0.500 35.554 0 128 ARG AAA CA  1 ? 
ATOM   1011 C  CA  B ARG A 1 128 ? -17.870 -8.500  7.520   0.500 32.375 0 128 ARG AAA CA  1 ? 
ATOM   1012 C  C   A ARG A 1 128 ? -16.816 -7.694  8.207   0.500 38.765 0 128 ARG AAA C   1 ? 
ATOM   1013 C  C   B ARG A 1 128 ? -16.769 -7.663  8.155   0.500 36.972 0 128 ARG AAA C   1 ? 
ATOM   1014 O  O   A ARG A 1 128 ? -15.721 -8.261  8.430   0.500 48.073 0 128 ARG AAA O   1 ? 
ATOM   1015 O  O   B ARG A 1 128 ? -15.635 -8.173  8.286   0.500 45.522 0 128 ARG AAA O   1 ? 
ATOM   1016 C  CB  A ARG A 1 128 ? -18.041 -9.938  8.060   0.500 38.400 0 128 ARG AAA CB  1 ? 
ATOM   1017 C  CB  B ARG A 1 128 ? -17.866 -9.929  8.058   0.500 33.339 0 128 ARG AAA CB  1 ? 
ATOM   1018 C  CG  A ARG A 1 128 ? -19.078 -10.141 9.158   0.500 39.545 0 128 ARG AAA CG  1 ? 
ATOM   1019 C  CG  B ARG A 1 128 ? -19.203 -10.626 7.904   0.500 32.571 0 128 ARG AAA CG  1 ? 
ATOM   1020 C  CD  A ARG A 1 128 ? -18.888 -9.236  10.361  0.500 43.730 0 128 ARG AAA CD  1 ? 
ATOM   1021 C  CD  B ARG A 1 128 ? -19.211 -11.897 8.724   0.500 33.799 0 128 ARG AAA CD  1 ? 
ATOM   1022 N  NE  A ARG A 1 128 ? -19.630 -9.710  11.527  0.500 42.639 0 128 ARG AAA NE  1 ? 
ATOM   1023 N  NE  B ARG A 1 128 ? -20.167 -12.831 8.181   0.500 33.916 0 128 ARG AAA NE  1 ? 
ATOM   1024 C  CZ  A ARG A 1 128 ? -20.941 -9.897  11.560  0.500 43.501 0 128 ARG AAA CZ  1 ? 
ATOM   1025 C  CZ  B ARG A 1 128 ? -19.863 -13.875 7.433   0.500 33.466 0 128 ARG AAA CZ  1 ? 
ATOM   1026 N  NH1 A ARG A 1 128 ? -21.669 -9.667  10.483  0.500 42.901 0 128 ARG AAA NH1 1 ? 
ATOM   1027 N  NH1 B ARG A 1 128 ? -18.602 -14.172 7.159   0.500 32.728 0 128 ARG AAA NH1 1 ? 
ATOM   1028 N  NH2 A ARG A 1 128 ? -21.522 -10.324 12.667  0.500 44.053 0 128 ARG AAA NH2 1 ? 
ATOM   1029 N  NH2 B ARG A 1 128 ? -20.836 -14.644 6.996   0.500 35.928 0 128 ARG AAA NH2 1 ? 
ATOM   1030 N  N   . LEU A 1 129 ? -17.112 -6.428  8.517   1.000 43.067 0 129 LEU AAA N   1 ? 
ATOM   1031 C  CA  . LEU A 1 129 ? -16.152 -5.321  8.800   1.000 48.203 0 129 LEU AAA CA  1 ? 
ATOM   1032 C  C   . LEU A 1 129 ? -15.146 -5.120  7.654   1.000 52.984 0 129 LEU AAA C   1 ? 
ATOM   1033 O  O   . LEU A 1 129 ? -15.324 -4.192  6.856   1.000 55.658 0 129 LEU AAA O   1 ? 
ATOM   1034 C  CB  . LEU A 1 129 ? -15.509 -5.568  10.165  1.000 56.053 0 129 LEU AAA CB  1 ? 
ATOM   1035 C  CG  . LEU A 1 129 ? -16.297 -4.934  11.311  1.000 54.823 0 129 LEU AAA CG  1 ? 
ATOM   1036 C  CD1 . LEU A 1 129 ? -16.196 -3.416  11.251  1.000 66.226 0 129 LEU AAA CD1 1 ? 
ATOM   1037 C  CD2 . LEU A 1 129 ? -17.762 -5.342  11.273  1.000 57.060 0 129 LEU AAA CD2 1 ? 
ATOM   1038 O  OXT . LEU A 1 129 ? -14.145 -5.817  7.439   1.000 68.633 0 129 LEU AAA OXT 1 ? 
HETATM 1039 CL CL  . CL  B 2 .   ? -4.058  13.911  3.045   1.000 41.310 0 201 CL  AAA CL  1 ? 
HETATM 1040 NA NA  . NA  C 3 .   ? 16.167  2.745   -0.600  1.000 23.101 0 202 NA  AAA NA  1 ? 
HETATM 1041 N  N   . NO3 D 4 .   ? -15.249 2.928   2.844   1.000 37.544 0 203 NO3 AAA N   1 ? 
HETATM 1042 O  O1  . NO3 D 4 .   ? -14.781 3.364   1.831   1.000 36.257 0 203 NO3 AAA O1  1 ? 
HETATM 1043 O  O2  . NO3 D 4 .   ? -16.468 3.047   3.067   1.000 42.462 0 203 NO3 AAA O2  1 ? 
HETATM 1044 O  O3  . NO3 D 4 .   ? -14.520 2.451   3.688   1.000 33.294 0 203 NO3 AAA O3  1 ? 
HETATM 1045 N  N   . NO3 E 4 .   ? -2.176  -9.731  8.055   1.000 40.817 0 204 NO3 AAA N   1 ? 
HETATM 1046 O  O1  . NO3 E 4 .   ? -1.580  -9.899  7.015   1.000 37.623 0 204 NO3 AAA O1  1 ? 
HETATM 1047 O  O2  . NO3 E 4 .   ? -3.194  -10.377 8.282   1.000 45.932 0 204 NO3 AAA O2  1 ? 
HETATM 1048 O  O3  . NO3 E 4 .   ? -1.754  -8.926  8.866   1.000 42.139 0 204 NO3 AAA O3  1 ? 
HETATM 1049 N  N   . NO3 F 4 .   ? -10.177 -3.305  -13.685 1.000 38.276 0 205 NO3 AAA N   1 ? 
HETATM 1050 O  O1  . NO3 F 4 .   ? -9.333  -4.223  -13.732 1.000 40.834 0 205 NO3 AAA O1  1 ? 
HETATM 1051 O  O2  . NO3 F 4 .   ? -11.222 -3.402  -13.029 1.000 37.715 0 205 NO3 AAA O2  1 ? 
HETATM 1052 O  O3  . NO3 F 4 .   ? -9.972  -2.282  -14.264 1.000 29.509 0 205 NO3 AAA O3  1 ? 
HETATM 1053 N  N   . NO3 G 4 .   ? 18.924  0.736   -1.577  1.000 36.425 0 206 NO3 AAA N   1 ? 
HETATM 1054 O  O1  . NO3 G 4 .   ? 19.566  -0.070  -2.221  1.000 33.268 0 206 NO3 AAA O1  1 ? 
HETATM 1055 O  O2  . NO3 G 4 .   ? 17.641  0.702   -1.563  1.000 27.721 0 206 NO3 AAA O2  1 ? 
HETATM 1056 O  O3  . NO3 G 4 .   ? 19.562  1.602   -0.971  1.000 35.653 0 206 NO3 AAA O3  1 ? 
HETATM 1057 N  N   . NO3 H 4 .   ? 4.777   4.518   -3.000  1.000 56.417 0 207 NO3 AAA N   1 ? 
HETATM 1058 O  O1  . NO3 H 4 .   ? 5.930   4.343   -2.568  1.000 35.061 0 207 NO3 AAA O1  1 ? 
HETATM 1059 O  O2  . NO3 H 4 .   ? 4.033   5.328   -2.463  1.000 51.188 0 207 NO3 AAA O2  1 ? 
HETATM 1060 O  O3  . NO3 H 4 .   ? 4.387   3.934   -4.012  1.000 59.434 0 207 NO3 AAA O3  1 ? 
HETATM 1061 C  C12 . YMQ I 5 .   ? -18.578 7.856   -11.659 0.350 23.272 0 208 YMQ AAA C12 1 ? 
HETATM 1062 C  C22 . YMQ I 5 .   ? -14.542 12.635  -3.628  0.350 19.834 0 208 YMQ AAA C22 1 ? 
HETATM 1063 C  C13 . YMQ I 5 .   ? -18.820 7.890   -10.314 0.350 22.816 0 208 YMQ AAA C13 1 ? 
HETATM 1064 C  C23 . YMQ I 5 .   ? -18.996 7.438   -14.835 0.350 19.772 0 208 YMQ AAA C23 1 ? 
HETATM 1065 C  C15 . YMQ I 5 .   ? -18.500 10.344  -5.948  0.350 19.361 0 208 YMQ AAA C15 1 ? 
HETATM 1066 C  C16 . YMQ I 5 .   ? -17.780 9.932   -4.835  0.350 18.121 0 208 YMQ AAA C16 1 ? 
HETATM 1067 C  C17 . YMQ I 5 .   ? -16.851 10.778  -4.303  0.350 18.355 0 208 YMQ AAA C17 1 ? 
HETATM 1068 RU RU1 . YMQ I 5 .   ? -21.735 7.630   -7.332  0.350 15.890 0 208 YMQ AAA RU1 1 ? 
HETATM 1069 RU RU2 . YMQ I 5 .   ? -21.064 8.715   -5.445  0.350 16.693 0 208 YMQ AAA RU2 1 ? 
HETATM 1070 O  O1  . YMQ I 5 .   ? -23.055 9.147   -7.714  0.350 17.704 0 208 YMQ AAA O1  1 ? 
HETATM 1071 O  O2  . YMQ I 5 .   ? -22.355 10.242  -5.900  0.350 18.327 0 208 YMQ AAA O2  1 ? 
HETATM 1072 O  O3  . YMQ I 5 .   ? -23.201 6.728   -6.213  0.350 17.453 0 208 YMQ AAA O3  1 ? 
HETATM 1073 O  O4  . YMQ I 5 .   ? -22.568 7.802   -4.393  0.350 18.919 0 208 YMQ AAA O4  1 ? 
HETATM 1074 N  N2  . YMQ I 5 .   ? -19.476 9.486   -6.469  0.350 18.625 0 208 YMQ AAA N2  1 ? 
HETATM 1075 N  N1  . YMQ I 5 .   ? -20.288 8.593   -8.401  0.350 18.608 0 208 YMQ AAA N1  1 ? 
HETATM 1076 C  C1  . YMQ I 5 .   ? -23.048 10.166  -6.960  0.350 16.399 0 208 YMQ AAA C1  1 ? 
HETATM 1077 C  C7  . YMQ I 5 .   ? -19.389 9.299   -7.772  0.350 19.148 0 208 YMQ AAA C7  1 ? 
HETATM 1078 C  C3  . YMQ I 5 .   ? -23.332 7.018   -5.015  0.350 16.715 0 208 YMQ AAA C3  1 ? 
HETATM 1079 C  C2  . YMQ I 5 .   ? -23.958 11.275  -7.362  0.350 17.760 0 208 YMQ AAA C2  1 ? 
HETATM 1080 C  C20 . YMQ I 5 .   ? -18.274 11.579  -6.561  0.350 19.787 0 208 YMQ AAA C20 1 ? 
HETATM 1081 C  C9  . YMQ I 5 .   ? -20.864 9.073   -10.709 0.350 24.256 0 208 YMQ AAA C9  1 ? 
HETATM 1082 C  C10 . YMQ I 5 .   ? -20.590 9.037   -12.051 0.350 23.654 0 208 YMQ AAA C10 1 ? 
HETATM 1083 C  C8  . YMQ I 5 .   ? -20.026 8.497   -9.828  0.350 20.600 0 208 YMQ AAA C8  1 ? 
HETATM 1084 C  C11 . YMQ I 5 .   ? -19.495 8.395   -12.569 0.350 23.838 0 208 YMQ AAA C11 1 ? 
HETATM 1085 O  O7  . YMQ I 5 .   ? -19.328 8.468   -13.990 0.350 28.290 0 208 YMQ AAA O7  1 ? 
HETATM 1086 C  C4  . YMQ I 5 .   ? -24.454 6.433   -4.224  0.350 17.573 0 208 YMQ AAA C4  1 ? 
HETATM 1087 C  C18 . YMQ I 5 .   ? -16.592 11.995  -4.891  0.350 20.377 0 208 YMQ AAA C18 1 ? 
HETATM 1088 C  C19 . YMQ I 5 .   ? -17.265 12.404  -6.022  0.350 20.318 0 208 YMQ AAA C19 1 ? 
HETATM 1089 O  O8  . YMQ I 5 .   ? -15.677 12.911  -4.437  0.350 25.013 0 208 YMQ AAA O8  1 ? 
HETATM 1090 O  O   . HOH J 6 .   ? -5.296  -9.648  10.145  1.000 40.264 0 301 HOH AAA O   1 ? 
HETATM 1091 O  O   . HOH J 6 .   ? 0.237   13.883  3.769   1.000 31.899 0 302 HOH AAA O   1 ? 
HETATM 1092 O  O   . HOH J 6 .   ? 8.146   1.530   8.928   1.000 43.207 0 303 HOH AAA O   1 ? 
HETATM 1093 O  O   . HOH J 6 .   ? 0.948   4.041   -8.200  1.000 37.050 0 304 HOH AAA O   1 ? 
HETATM 1094 O  O   . HOH J 6 .   ? 6.346   -2.208  11.166  1.000 52.177 0 305 HOH AAA O   1 ? 
HETATM 1095 O  O   . HOH J 6 .   ? 2.198   11.060  0.768   1.000 33.194 0 306 HOH AAA O   1 ? 
HETATM 1096 O  O   . HOH J 6 .   ? 2.828   -6.342  0.849   1.000 27.920 0 307 HOH AAA O   1 ? 
HETATM 1097 O  O   . HOH J 6 .   ? 3.138   -15.316 0.687   1.000 37.220 0 308 HOH AAA O   1 ? 
HETATM 1098 O  O   . HOH J 6 .   ? -12.361 11.568  5.803   1.000 39.065 0 309 HOH AAA O   1 ? 
HETATM 1099 O  O   . HOH J 6 .   ? 3.313   18.681  -1.274  0.350 19.956 0 310 HOH AAA O   1 ? 
HETATM 1100 O  O   . HOH J 6 .   ? -1.846  -12.842 6.061   1.000 36.181 0 311 HOH AAA O   1 ? 
HETATM 1101 O  O   . HOH J 6 .   ? -11.779 2.992   -11.032 1.000 24.920 0 312 HOH AAA O   1 ? 
HETATM 1102 O  O   . HOH J 6 .   ? 13.375  9.391   -9.493  1.000 39.979 0 313 HOH AAA O   1 ? 
HETATM 1103 O  O   . HOH J 6 .   ? -18.252 5.370   -1.957  1.000 38.653 0 314 HOH AAA O   1 ? 
HETATM 1104 O  O   . HOH J 6 .   ? 15.748  -10.104 2.635   1.000 32.109 0 315 HOH AAA O   1 ? 
HETATM 1105 O  O   . HOH J 6 .   ? 3.381   2.716   -6.132  1.000 39.043 0 316 HOH AAA O   1 ? 
HETATM 1106 O  O   . HOH J 6 .   ? 5.877   10.827  7.164   1.000 42.322 0 317 HOH AAA O   1 ? 
HETATM 1107 O  O   . HOH J 6 .   ? 2.924   1.915   -8.580  1.000 32.833 0 318 HOH AAA O   1 ? 
HETATM 1108 O  O   . HOH J 6 .   ? -8.060  -11.716 -4.836  1.000 28.716 0 319 HOH AAA O   1 ? 
HETATM 1109 O  O   . HOH J 6 .   ? -19.567 -5.393  8.613   1.000 43.621 0 320 HOH AAA O   1 ? 
HETATM 1110 O  O   . HOH J 6 .   ? -18.977 -3.918  4.520   1.000 41.377 0 321 HOH AAA O   1 ? 
HETATM 1111 O  O   . HOH J 6 .   ? -19.036 -11.882 12.987  1.000 26.381 0 322 HOH AAA O   1 ? 
HETATM 1112 O  O   . HOH J 6 .   ? 15.663  -1.461  -7.304  1.000 21.104 0 323 HOH AAA O   1 ? 
HETATM 1113 O  O   . HOH J 6 .   ? 5.015   -7.678  7.902   1.000 29.143 0 324 HOH AAA O   1 ? 
HETATM 1114 O  O   . HOH J 6 .   ? -13.773 9.238   -3.558  1.000 27.082 0 325 HOH AAA O   1 ? 
HETATM 1115 O  O   . HOH J 6 .   ? 14.502  -6.375  -6.258  1.000 19.286 0 326 HOH AAA O   1 ? 
HETATM 1116 O  O   . HOH J 6 .   ? 10.882  -6.973  -9.984  0.500 31.167 0 327 HOH AAA O   1 ? 
HETATM 1117 O  O   . HOH J 6 .   ? 2.693   -7.713  2.976   1.000 26.485 0 328 HOH AAA O   1 ? 
HETATM 1118 O  O   . HOH J 6 .   ? -5.675  -15.468 0.607   1.000 40.450 0 329 HOH AAA O   1 ? 
HETATM 1119 O  O   . HOH J 6 .   ? 4.081   -0.367  -9.363  1.000 27.495 0 330 HOH AAA O   1 ? 
HETATM 1120 O  O   . HOH J 6 .   ? 1.518   -14.457 -3.728  1.000 21.635 0 331 HOH AAA O   1 ? 
HETATM 1121 O  O   . HOH J 6 .   ? 17.896  2.457   1.044   1.000 27.359 0 332 HOH AAA O   1 ? 
HETATM 1122 O  O   . HOH J 6 .   ? -6.531  15.034  -8.337  1.000 27.754 0 333 HOH AAA O   1 ? 
HETATM 1123 O  O   . HOH J 6 .   ? 4.150   3.918   10.998  1.000 37.470 0 334 HOH AAA O   1 ? 
HETATM 1124 O  O   . HOH J 6 .   ? -6.781  -3.178  -14.188 1.000 21.629 0 335 HOH AAA O   1 ? 
HETATM 1125 O  O   . HOH J 6 .   ? 23.725  4.663   -2.351  0.500 47.888 0 336 HOH AAA O   1 ? 
HETATM 1126 O  O   . HOH J 6 .   ? -11.154 9.084   -2.615  1.000 26.870 0 337 HOH AAA O   1 ? 
HETATM 1127 O  O   . HOH J 6 .   ? 3.559   -2.727  -0.018  1.000 18.825 0 338 HOH AAA O   1 ? 
HETATM 1128 O  O   . HOH J 6 .   ? 7.760   15.315  4.100   1.000 48.059 0 339 HOH AAA O   1 ? 
HETATM 1129 O  O   . HOH J 6 .   ? -20.670 9.766   -3.652  0.350 21.603 0 340 HOH AAA O   1 ? 
HETATM 1130 O  O   . HOH J 6 .   ? 6.274   0.583   -10.937 1.000 38.303 0 341 HOH AAA O   1 ? 
HETATM 1131 O  O   . HOH J 6 .   ? 2.817   5.493   -7.059  1.000 32.640 0 342 HOH AAA O   1 ? 
HETATM 1132 O  O   . HOH J 6 .   ? -13.681 2.631   -7.012  1.000 25.004 0 343 HOH AAA O   1 ? 
HETATM 1133 O  O   . HOH J 6 .   ? 19.531  -6.682  -9.430  1.000 31.974 0 344 HOH AAA O   1 ? 
HETATM 1134 O  O   . HOH J 6 .   ? -2.334  -16.846 -1.816  1.000 33.821 0 345 HOH AAA O   1 ? 
HETATM 1135 O  O   . HOH J 6 .   ? -5.471  9.144   11.503  1.000 34.619 0 346 HOH AAA O   1 ? 
HETATM 1136 O  O   . HOH J 6 .   ? 9.472   -4.644  -13.597 1.000 32.326 0 347 HOH AAA O   1 ? 
HETATM 1137 O  O   . HOH J 6 .   ? -9.902  2.174   -13.128 1.000 21.942 0 348 HOH AAA O   1 ? 
HETATM 1138 O  O   . HOH J 6 .   ? -9.437  8.536   -10.154 1.000 20.565 0 349 HOH AAA O   1 ? 
HETATM 1139 O  O   . HOH J 6 .   ? -17.436 5.480   -8.821  1.000 32.263 0 350 HOH AAA O   1 ? 
HETATM 1140 O  O   . HOH J 6 .   ? 11.477  6.045   -11.645 1.000 41.517 0 351 HOH AAA O   1 ? 
HETATM 1141 O  O   . HOH J 6 .   ? 7.563   -8.389  7.160   1.000 40.457 0 352 HOH AAA O   1 ? 
HETATM 1142 O  O   . HOH J 6 .   ? -6.655  -10.688 -6.894  1.000 33.681 0 353 HOH AAA O   1 ? 
HETATM 1143 O  O   . HOH J 6 .   ? -3.010  1.082   -12.194 1.000 31.310 0 354 HOH AAA O   1 ? 
HETATM 1144 O  O   . HOH J 6 .   ? -16.266 2.054   -7.255  1.000 41.317 0 355 HOH AAA O   1 ? 
HETATM 1145 O  O   . HOH J 6 .   ? -16.208 -10.778 4.935   1.000 41.069 0 356 HOH AAA O   1 ? 
HETATM 1146 O  O   . HOH J 6 .   ? 7.530   -1.062  8.029   1.000 32.103 0 357 HOH AAA O   1 ? 
HETATM 1147 O  O   . HOH J 6 .   ? -13.641 -11.054 -0.693  1.000 30.949 0 358 HOH AAA O   1 ? 
HETATM 1148 O  O   . HOH J 6 .   ? 0.359   -9.131  -8.719  1.000 25.911 0 359 HOH AAA O   1 ? 
HETATM 1149 O  O   . HOH J 6 .   ? 9.164   -11.759 2.474   1.000 40.447 0 360 HOH AAA O   1 ? 
HETATM 1150 O  O   . HOH J 6 .   ? 8.644   4.016   -13.695 1.000 38.073 0 361 HOH AAA O   1 ? 
HETATM 1151 O  O   . HOH J 6 .   ? -14.251 -9.235  5.753   1.000 34.840 0 362 HOH AAA O   1 ? 
HETATM 1152 O  O   . HOH J 6 .   ? 5.634   -14.557 4.143   1.000 34.504 0 363 HOH AAA O   1 ? 
HETATM 1153 O  O   . HOH J 6 .   ? 10.690  6.249   -8.775  1.000 39.728 0 364 HOH AAA O   1 ? 
HETATM 1154 O  O   . HOH J 6 .   ? 4.399   -6.439  4.750   1.000 24.591 0 365 HOH AAA O   1 ? 
HETATM 1155 O  O   . HOH J 6 .   ? 6.858   7.546   -2.934  1.000 36.395 0 366 HOH AAA O   1 ? 
HETATM 1156 O  O   . HOH J 6 .   ? -11.056 -6.553  11.175  1.000 44.121 0 367 HOH AAA O   1 ? 
HETATM 1157 O  O   . HOH J 6 .   ? -5.735  -4.722  -10.943 1.000 39.890 0 368 HOH AAA O   1 ? 
HETATM 1158 O  O   . HOH J 6 .   ? -10.866 -10.567 -4.450  1.000 44.018 0 369 HOH AAA O   1 ? 
HETATM 1159 O  O   . HOH J 6 .   ? -12.090 -12.244 0.786   1.000 28.562 0 370 HOH AAA O   1 ? 
HETATM 1160 O  O   . HOH J 6 .   ? 16.686  -2.147  6.782   1.000 41.659 0 371 HOH AAA O   1 ? 
HETATM 1161 O  O   . HOH J 6 .   ? -11.454 13.638  -7.128  1.000 29.835 0 372 HOH AAA O   1 ? 
HETATM 1162 O  O   . HOH J 6 .   ? 21.113  -4.569  1.332   1.000 30.903 0 373 HOH AAA O   1 ? 
HETATM 1163 O  O   . HOH J 6 .   ? -11.469 -7.858  -6.502  1.000 39.965 0 374 HOH AAA O   1 ? 
HETATM 1164 O  O   . HOH J 6 .   ? -8.618  -10.239 10.142  0.500 43.224 0 375 HOH AAA O   1 ? 
HETATM 1165 O  O   . HOH J 6 .   ? -15.559 -4.203  -6.390  1.000 55.428 0 376 HOH AAA O   1 ? 
HETATM 1166 O  O   . HOH J 6 .   ? -23.987 9.506   -0.538  1.000 38.322 0 377 HOH AAA O   1 ? 
HETATM 1167 O  O   . HOH J 6 .   ? -15.109 -10.361 -6.231  1.000 39.812 0 378 HOH AAA O   1 ? 
# 
